data_5PBE
# 
_entry.id   5PBE 
# 
_audit_conform.dict_name       mmcif_pdbx.dic 
_audit_conform.dict_version    5.387 
_audit_conform.dict_location   http://mmcif.pdb.org/dictionaries/ascii/mmcif_pdbx.dic 
# 
loop_
_database_2.database_id 
_database_2.database_code 
_database_2.pdbx_database_accession 
_database_2.pdbx_DOI 
PDB   5PBE         pdb_00005pbe 10.2210/pdb5pbe/pdb 
WWPDB D_1001400450 ?            ?                   
# 
loop_
_pdbx_audit_revision_history.ordinal 
_pdbx_audit_revision_history.data_content_type 
_pdbx_audit_revision_history.major_revision 
_pdbx_audit_revision_history.minor_revision 
_pdbx_audit_revision_history.revision_date 
1 'Structure model' 1 0 2017-03-15 
2 'Structure model' 1 1 2017-09-27 
3 'Structure model' 1 2 2017-10-04 
4 'Structure model' 1 3 2024-03-06 
# 
_pdbx_audit_revision_details.ordinal             1 
_pdbx_audit_revision_details.revision_ordinal    1 
_pdbx_audit_revision_details.data_content_type   'Structure model' 
_pdbx_audit_revision_details.provider            repository 
_pdbx_audit_revision_details.type                'Initial release' 
_pdbx_audit_revision_details.description         ? 
_pdbx_audit_revision_details.details             ? 
# 
loop_
_pdbx_audit_revision_group.ordinal 
_pdbx_audit_revision_group.revision_ordinal 
_pdbx_audit_revision_group.data_content_type 
_pdbx_audit_revision_group.group 
1 2 'Structure model' 'Data collection'     
2 2 'Structure model' 'Database references' 
3 2 'Structure model' 'Structure summary'   
4 3 'Structure model' 'Structure summary'   
5 4 'Structure model' 'Data collection'     
6 4 'Structure model' 'Database references' 
# 
loop_
_pdbx_audit_revision_category.ordinal 
_pdbx_audit_revision_category.revision_ordinal 
_pdbx_audit_revision_category.data_content_type 
_pdbx_audit_revision_category.category 
1 2 'Structure model' citation           
2 2 'Structure model' citation_author    
3 2 'Structure model' diffrn_source      
4 2 'Structure model' pdbx_deposit_group 
5 3 'Structure model' pdbx_deposit_group 
6 4 'Structure model' chem_comp_atom     
7 4 'Structure model' chem_comp_bond     
8 4 'Structure model' database_2         
# 
loop_
_pdbx_audit_revision_item.ordinal 
_pdbx_audit_revision_item.revision_ordinal 
_pdbx_audit_revision_item.data_content_type 
_pdbx_audit_revision_item.item 
1  2 'Structure model' '_citation.journal_volume'             
2  2 'Structure model' '_citation.page_first'                 
3  2 'Structure model' '_citation.page_last'                  
4  2 'Structure model' '_citation.pdbx_database_id_DOI'       
5  2 'Structure model' '_citation.pdbx_database_id_PubMed'    
6  2 'Structure model' '_citation.title'                      
7  2 'Structure model' '_citation_author.name'                
8  2 'Structure model' '_diffrn_source.pdbx_synchrotron_site' 
9  2 'Structure model' '_pdbx_deposit_group.group_id'         
10 2 'Structure model' '_pdbx_deposit_group.group_title'      
11 2 'Structure model' '_pdbx_deposit_group.group_type'       
12 3 'Structure model' '_pdbx_deposit_group.group_title'      
13 4 'Structure model' '_database_2.pdbx_DOI'                 
14 4 'Structure model' '_database_2.pdbx_database_accession'  
# 
_pdbx_database_status.entry_id                        5PBE 
_pdbx_database_status.status_code                     REL 
_pdbx_database_status.recvd_initial_deposition_date   2017-02-03 
_pdbx_database_status.deposit_site                    RCSB 
_pdbx_database_status.process_site                    RCSB 
_pdbx_database_status.SG_entry                        ? 
_pdbx_database_status.pdb_format_compatible           Y 
_pdbx_database_status.status_code_sf                  REL 
_pdbx_database_status.status_code_mr                  ? 
_pdbx_database_status.status_code_cs                  ? 
_pdbx_database_status.methods_development_category    ? 
_pdbx_database_status.status_code_nmr_data            ? 
# 
loop_
_audit_author.name 
_audit_author.pdbx_ordinal 
'Pearce, N.M.'     1  
'Krojer, T.'       2  
'Talon, R.'        3  
'Bradley, A.R.'    4  
'Fairhead, M.'     5  
'Sethi, R.'        6  
'Wright, N.'       7  
'MacLean, E.'      8  
'Collins, P.'      9  
'Brandao-Neto, J.' 10 
'Douangamath, A.'  11 
'Renjie, Z.'       12 
'Dias, A.'         13 
'Vollmar, M.'      14 
'Ng, J.'           15 
'Brennan, P.E.'    16 
'Cox, O.'          17 
'Bountra, C.'      18 
'Arrowsmith, C.H.' 19 
'Edwards, A.'      20 
'von Delft, F.'    21 
# 
_citation.id                        primary 
_citation.title                     
'A multi-crystal method for extracting obscured crystallographic states from conventionally uninterpretable electron density.' 
_citation.journal_abbrev            'Nat Commun' 
_citation.journal_volume            8 
_citation.page_first                15123 
_citation.page_last                 15123 
_citation.year                      2017 
_citation.journal_id_ASTM           ? 
_citation.country                   UK 
_citation.journal_id_ISSN           2041-1723 
_citation.journal_id_CSD            ? 
_citation.book_publisher            ? 
_citation.pdbx_database_id_PubMed   28436492 
_citation.pdbx_database_id_DOI      10.1038/ncomms15123 
# 
loop_
_citation_author.citation_id 
_citation_author.name 
_citation_author.ordinal 
_citation_author.identifier_ORCID 
primary 'Pearce, N.M.'  1  ? 
primary 'Krojer, T.'    2  ? 
primary 'Bradley, A.R.' 3  ? 
primary 'Collins, P.'   4  ? 
primary 'Nowak, R.P.'   5  ? 
primary 'Talon, R.'     6  ? 
primary 'Marsden, B.D.' 7  ? 
primary 'Kelm, S.'      8  ? 
primary 'Shi, J.'       9  ? 
primary 'Deane, C.M.'   10 ? 
primary 'von Delft, F.' 11 ? 
# 
loop_
_entity.id 
_entity.type 
_entity.src_method 
_entity.pdbx_description 
_entity.formula_weight 
_entity.pdbx_number_of_molecules 
_entity.pdbx_ec 
_entity.pdbx_mutation 
_entity.pdbx_fragment 
_entity.details 
1 polymer     man 'Bromodomain adjacent to zinc finger domain protein 2B' 16090.326 1   ? ? ? ? 
2 non-polymer syn 'N-(4-HYDROXYPHENYL)ACETAMIDE (TYLENOL)'                151.163   1   ? ? ? ? 
3 non-polymer syn 1,2-ETHANEDIOL                                          62.068    2   ? ? ? ? 
4 water       nat water                                                   18.015    201 ? ? ? ? 
# 
_entity_name_com.entity_id   1 
_entity_name_com.name        hWALp4 
# 
_entity_poly.entity_id                      1 
_entity_poly.type                           'polypeptide(L)' 
_entity_poly.nstd_linkage                   no 
_entity_poly.nstd_monomer                   no 
_entity_poly.pdbx_seq_one_letter_code       
;MHHHHHHSSGVDLGTENLYFQSMSVKKPKRDDSKDLALCSMILTEMETHEDAWPFLLPVNLKLVPGYKKVIKKPMDFSTI
REKLSSGQYPNLETFALDVRLVFDNCETFNEDDSDIGRAGHNMRKYFEKKWTDTFKVS
;
_entity_poly.pdbx_seq_one_letter_code_can   
;MHHHHHHSSGVDLGTENLYFQSMSVKKPKRDDSKDLALCSMILTEMETHEDAWPFLLPVNLKLVPGYKKVIKKPMDFSTI
REKLSSGQYPNLETFALDVRLVFDNCETFNEDDSDIGRAGHNMRKYFEKKWTDTFKVS
;
_entity_poly.pdbx_strand_id                 A 
_entity_poly.pdbx_target_identifier         ? 
# 
loop_
_pdbx_entity_nonpoly.entity_id 
_pdbx_entity_nonpoly.name 
_pdbx_entity_nonpoly.comp_id 
2 'N-(4-HYDROXYPHENYL)ACETAMIDE (TYLENOL)' TYL 
3 1,2-ETHANEDIOL                           EDO 
4 water                                    HOH 
# 
loop_
_entity_poly_seq.entity_id 
_entity_poly_seq.num 
_entity_poly_seq.mon_id 
_entity_poly_seq.hetero 
1 1   MET n 
1 2   HIS n 
1 3   HIS n 
1 4   HIS n 
1 5   HIS n 
1 6   HIS n 
1 7   HIS n 
1 8   SER n 
1 9   SER n 
1 10  GLY n 
1 11  VAL n 
1 12  ASP n 
1 13  LEU n 
1 14  GLY n 
1 15  THR n 
1 16  GLU n 
1 17  ASN n 
1 18  LEU n 
1 19  TYR n 
1 20  PHE n 
1 21  GLN n 
1 22  SER n 
1 23  MET n 
1 24  SER n 
1 25  VAL n 
1 26  LYS n 
1 27  LYS n 
1 28  PRO n 
1 29  LYS n 
1 30  ARG n 
1 31  ASP n 
1 32  ASP n 
1 33  SER n 
1 34  LYS n 
1 35  ASP n 
1 36  LEU n 
1 37  ALA n 
1 38  LEU n 
1 39  CYS n 
1 40  SER n 
1 41  MET n 
1 42  ILE n 
1 43  LEU n 
1 44  THR n 
1 45  GLU n 
1 46  MET n 
1 47  GLU n 
1 48  THR n 
1 49  HIS n 
1 50  GLU n 
1 51  ASP n 
1 52  ALA n 
1 53  TRP n 
1 54  PRO n 
1 55  PHE n 
1 56  LEU n 
1 57  LEU n 
1 58  PRO n 
1 59  VAL n 
1 60  ASN n 
1 61  LEU n 
1 62  LYS n 
1 63  LEU n 
1 64  VAL n 
1 65  PRO n 
1 66  GLY n 
1 67  TYR n 
1 68  LYS n 
1 69  LYS n 
1 70  VAL n 
1 71  ILE n 
1 72  LYS n 
1 73  LYS n 
1 74  PRO n 
1 75  MET n 
1 76  ASP n 
1 77  PHE n 
1 78  SER n 
1 79  THR n 
1 80  ILE n 
1 81  ARG n 
1 82  GLU n 
1 83  LYS n 
1 84  LEU n 
1 85  SER n 
1 86  SER n 
1 87  GLY n 
1 88  GLN n 
1 89  TYR n 
1 90  PRO n 
1 91  ASN n 
1 92  LEU n 
1 93  GLU n 
1 94  THR n 
1 95  PHE n 
1 96  ALA n 
1 97  LEU n 
1 98  ASP n 
1 99  VAL n 
1 100 ARG n 
1 101 LEU n 
1 102 VAL n 
1 103 PHE n 
1 104 ASP n 
1 105 ASN n 
1 106 CYS n 
1 107 GLU n 
1 108 THR n 
1 109 PHE n 
1 110 ASN n 
1 111 GLU n 
1 112 ASP n 
1 113 ASP n 
1 114 SER n 
1 115 ASP n 
1 116 ILE n 
1 117 GLY n 
1 118 ARG n 
1 119 ALA n 
1 120 GLY n 
1 121 HIS n 
1 122 ASN n 
1 123 MET n 
1 124 ARG n 
1 125 LYS n 
1 126 TYR n 
1 127 PHE n 
1 128 GLU n 
1 129 LYS n 
1 130 LYS n 
1 131 TRP n 
1 132 THR n 
1 133 ASP n 
1 134 THR n 
1 135 PHE n 
1 136 LYS n 
1 137 VAL n 
1 138 SER n 
# 
_entity_src_gen.entity_id                          1 
_entity_src_gen.pdbx_src_id                        1 
_entity_src_gen.pdbx_alt_source_flag               sample 
_entity_src_gen.pdbx_seq_type                      'Biological sequence' 
_entity_src_gen.pdbx_beg_seq_num                   1 
_entity_src_gen.pdbx_end_seq_num                   138 
_entity_src_gen.gene_src_common_name               Human 
_entity_src_gen.gene_src_genus                     ? 
_entity_src_gen.pdbx_gene_src_gene                 'BAZ2B, KIAA1476' 
_entity_src_gen.gene_src_species                   ? 
_entity_src_gen.gene_src_strain                    ? 
_entity_src_gen.gene_src_tissue                    ? 
_entity_src_gen.gene_src_tissue_fraction           ? 
_entity_src_gen.gene_src_details                   ? 
_entity_src_gen.pdbx_gene_src_fragment             ? 
_entity_src_gen.pdbx_gene_src_scientific_name      'Homo sapiens' 
_entity_src_gen.pdbx_gene_src_ncbi_taxonomy_id     9606 
_entity_src_gen.pdbx_gene_src_variant              ? 
_entity_src_gen.pdbx_gene_src_cell_line            ? 
_entity_src_gen.pdbx_gene_src_atcc                 ? 
_entity_src_gen.pdbx_gene_src_organ                ? 
_entity_src_gen.pdbx_gene_src_organelle            ? 
_entity_src_gen.pdbx_gene_src_cell                 ? 
_entity_src_gen.pdbx_gene_src_cellular_location    ? 
_entity_src_gen.host_org_common_name               ? 
_entity_src_gen.pdbx_host_org_scientific_name      'escherichia coli' 
_entity_src_gen.pdbx_host_org_ncbi_taxonomy_id     562 
_entity_src_gen.host_org_genus                     ? 
_entity_src_gen.pdbx_host_org_gene                 ? 
_entity_src_gen.pdbx_host_org_organ                ? 
_entity_src_gen.host_org_species                   ? 
_entity_src_gen.pdbx_host_org_tissue               ? 
_entity_src_gen.pdbx_host_org_tissue_fraction      ? 
_entity_src_gen.pdbx_host_org_strain               ? 
_entity_src_gen.pdbx_host_org_variant              ? 
_entity_src_gen.pdbx_host_org_cell_line            ? 
_entity_src_gen.pdbx_host_org_atcc                 ? 
_entity_src_gen.pdbx_host_org_culture_collection   ? 
_entity_src_gen.pdbx_host_org_cell                 ? 
_entity_src_gen.pdbx_host_org_organelle            ? 
_entity_src_gen.pdbx_host_org_cellular_location    ? 
_entity_src_gen.pdbx_host_org_vector_type          ? 
_entity_src_gen.pdbx_host_org_vector               ? 
_entity_src_gen.host_org_details                   ? 
_entity_src_gen.expression_system_id               ? 
_entity_src_gen.plasmid_name                       ? 
_entity_src_gen.plasmid_details                    ? 
_entity_src_gen.pdbx_description                   ? 
# 
loop_
_chem_comp.id 
_chem_comp.type 
_chem_comp.mon_nstd_flag 
_chem_comp.name 
_chem_comp.pdbx_synonyms 
_chem_comp.formula 
_chem_comp.formula_weight 
ALA 'L-peptide linking' y ALANINE                                  ?                 'C3 H7 N O2'     89.093  
ARG 'L-peptide linking' y ARGININE                                 ?                 'C6 H15 N4 O2 1' 175.209 
ASN 'L-peptide linking' y ASPARAGINE                               ?                 'C4 H8 N2 O3'    132.118 
ASP 'L-peptide linking' y 'ASPARTIC ACID'                          ?                 'C4 H7 N O4'     133.103 
CYS 'L-peptide linking' y CYSTEINE                                 ?                 'C3 H7 N O2 S'   121.158 
EDO non-polymer         . 1,2-ETHANEDIOL                           'ETHYLENE GLYCOL' 'C2 H6 O2'       62.068  
GLN 'L-peptide linking' y GLUTAMINE                                ?                 'C5 H10 N2 O3'   146.144 
GLU 'L-peptide linking' y 'GLUTAMIC ACID'                          ?                 'C5 H9 N O4'     147.129 
GLY 'peptide linking'   y GLYCINE                                  ?                 'C2 H5 N O2'     75.067  
HIS 'L-peptide linking' y HISTIDINE                                ?                 'C6 H10 N3 O2 1' 156.162 
HOH non-polymer         . WATER                                    ?                 'H2 O'           18.015  
ILE 'L-peptide linking' y ISOLEUCINE                               ?                 'C6 H13 N O2'    131.173 
LEU 'L-peptide linking' y LEUCINE                                  ?                 'C6 H13 N O2'    131.173 
LYS 'L-peptide linking' y LYSINE                                   ?                 'C6 H15 N2 O2 1' 147.195 
MET 'L-peptide linking' y METHIONINE                               ?                 'C5 H11 N O2 S'  149.211 
PHE 'L-peptide linking' y PHENYLALANINE                            ?                 'C9 H11 N O2'    165.189 
PRO 'L-peptide linking' y PROLINE                                  ?                 'C5 H9 N O2'     115.130 
SER 'L-peptide linking' y SERINE                                   ?                 'C3 H7 N O3'     105.093 
THR 'L-peptide linking' y THREONINE                                ?                 'C4 H9 N O3'     119.119 
TRP 'L-peptide linking' y TRYPTOPHAN                               ?                 'C11 H12 N2 O2'  204.225 
TYL non-polymer         . 'N-(4-HYDROXYPHENYL)ACETAMIDE (TYLENOL)' ?                 'C8 H9 N O2'     151.163 
TYR 'L-peptide linking' y TYROSINE                                 ?                 'C9 H11 N O3'    181.189 
VAL 'L-peptide linking' y VALINE                                   ?                 'C5 H11 N O2'    117.146 
# 
loop_
_pdbx_poly_seq_scheme.asym_id 
_pdbx_poly_seq_scheme.entity_id 
_pdbx_poly_seq_scheme.seq_id 
_pdbx_poly_seq_scheme.mon_id 
_pdbx_poly_seq_scheme.ndb_seq_num 
_pdbx_poly_seq_scheme.pdb_seq_num 
_pdbx_poly_seq_scheme.auth_seq_num 
_pdbx_poly_seq_scheme.pdb_mon_id 
_pdbx_poly_seq_scheme.auth_mon_id 
_pdbx_poly_seq_scheme.pdb_strand_id 
_pdbx_poly_seq_scheme.pdb_ins_code 
_pdbx_poly_seq_scheme.hetero 
A 1 1   MET 1   1835 ?    ?   ?   A . n 
A 1 2   HIS 2   1836 ?    ?   ?   A . n 
A 1 3   HIS 3   1837 ?    ?   ?   A . n 
A 1 4   HIS 4   1838 ?    ?   ?   A . n 
A 1 5   HIS 5   1839 ?    ?   ?   A . n 
A 1 6   HIS 6   1840 ?    ?   ?   A . n 
A 1 7   HIS 7   1841 ?    ?   ?   A . n 
A 1 8   SER 8   1842 ?    ?   ?   A . n 
A 1 9   SER 9   1843 ?    ?   ?   A . n 
A 1 10  GLY 10  1844 ?    ?   ?   A . n 
A 1 11  VAL 11  1845 ?    ?   ?   A . n 
A 1 12  ASP 12  1846 ?    ?   ?   A . n 
A 1 13  LEU 13  1847 ?    ?   ?   A . n 
A 1 14  GLY 14  1848 ?    ?   ?   A . n 
A 1 15  THR 15  1849 ?    ?   ?   A . n 
A 1 16  GLU 16  1850 ?    ?   ?   A . n 
A 1 17  ASN 17  1851 ?    ?   ?   A . n 
A 1 18  LEU 18  1852 ?    ?   ?   A . n 
A 1 19  TYR 19  1853 ?    ?   ?   A . n 
A 1 20  PHE 20  1854 ?    ?   ?   A . n 
A 1 21  GLN 21  1855 ?    ?   ?   A . n 
A 1 22  SER 22  1856 1856 SER SER A . n 
A 1 23  MET 23  1857 1857 MET MET A . n 
A 1 24  SER 24  1858 1858 SER SER A . n 
A 1 25  VAL 25  1859 1859 VAL VAL A . n 
A 1 26  LYS 26  1860 1860 LYS LYS A . n 
A 1 27  LYS 27  1861 1861 LYS LYS A . n 
A 1 28  PRO 28  1862 1862 PRO PRO A . n 
A 1 29  LYS 29  1863 1863 LYS LYS A . n 
A 1 30  ARG 30  1864 1864 ARG ARG A . n 
A 1 31  ASP 31  1865 1865 ASP ASP A . n 
A 1 32  ASP 32  1866 1866 ASP ASP A . n 
A 1 33  SER 33  1867 1867 SER SER A . n 
A 1 34  LYS 34  1868 1868 LYS LYS A . n 
A 1 35  ASP 35  1869 1869 ASP ASP A . n 
A 1 36  LEU 36  1870 1870 LEU LEU A . n 
A 1 37  ALA 37  1871 1871 ALA ALA A . n 
A 1 38  LEU 38  1872 1872 LEU LEU A . n 
A 1 39  CYS 39  1873 1873 CYS CYS A . n 
A 1 40  SER 40  1874 1874 SER SER A . n 
A 1 41  MET 41  1875 1875 MET MET A . n 
A 1 42  ILE 42  1876 1876 ILE ILE A . n 
A 1 43  LEU 43  1877 1877 LEU LEU A . n 
A 1 44  THR 44  1878 1878 THR THR A . n 
A 1 45  GLU 45  1879 1879 GLU GLU A . n 
A 1 46  MET 46  1880 1880 MET MET A . n 
A 1 47  GLU 47  1881 1881 GLU GLU A . n 
A 1 48  THR 48  1882 1882 THR THR A . n 
A 1 49  HIS 49  1883 1883 HIS HIS A . n 
A 1 50  GLU 50  1884 1884 GLU GLU A . n 
A 1 51  ASP 51  1885 1885 ASP ASP A . n 
A 1 52  ALA 52  1886 1886 ALA ALA A . n 
A 1 53  TRP 53  1887 1887 TRP TRP A . n 
A 1 54  PRO 54  1888 1888 PRO PRO A . n 
A 1 55  PHE 55  1889 1889 PHE PHE A . n 
A 1 56  LEU 56  1890 1890 LEU LEU A . n 
A 1 57  LEU 57  1891 1891 LEU LEU A . n 
A 1 58  PRO 58  1892 1892 PRO PRO A . n 
A 1 59  VAL 59  1893 1893 VAL VAL A . n 
A 1 60  ASN 60  1894 1894 ASN ASN A . n 
A 1 61  LEU 61  1895 1895 LEU LEU A . n 
A 1 62  LYS 62  1896 1896 LYS LYS A . n 
A 1 63  LEU 63  1897 1897 LEU LEU A . n 
A 1 64  VAL 64  1898 1898 VAL VAL A . n 
A 1 65  PRO 65  1899 1899 PRO PRO A . n 
A 1 66  GLY 66  1900 1900 GLY GLY A . n 
A 1 67  TYR 67  1901 1901 TYR TYR A . n 
A 1 68  LYS 68  1902 1902 LYS LYS A . n 
A 1 69  LYS 69  1903 1903 LYS LYS A . n 
A 1 70  VAL 70  1904 1904 VAL VAL A . n 
A 1 71  ILE 71  1905 1905 ILE ILE A . n 
A 1 72  LYS 72  1906 1906 LYS LYS A . n 
A 1 73  LYS 73  1907 1907 LYS LYS A . n 
A 1 74  PRO 74  1908 1908 PRO PRO A . n 
A 1 75  MET 75  1909 1909 MET MET A . n 
A 1 76  ASP 76  1910 1910 ASP ASP A . n 
A 1 77  PHE 77  1911 1911 PHE PHE A . n 
A 1 78  SER 78  1912 1912 SER SER A . n 
A 1 79  THR 79  1913 1913 THR THR A . n 
A 1 80  ILE 80  1914 1914 ILE ILE A . n 
A 1 81  ARG 81  1915 1915 ARG ARG A . n 
A 1 82  GLU 82  1916 1916 GLU GLU A . n 
A 1 83  LYS 83  1917 1917 LYS LYS A . n 
A 1 84  LEU 84  1918 1918 LEU LEU A . n 
A 1 85  SER 85  1919 1919 SER SER A . n 
A 1 86  SER 86  1920 1920 SER SER A . n 
A 1 87  GLY 87  1921 1921 GLY GLY A . n 
A 1 88  GLN 88  1922 1922 GLN GLN A . n 
A 1 89  TYR 89  1923 1923 TYR TYR A . n 
A 1 90  PRO 90  1924 1924 PRO PRO A . n 
A 1 91  ASN 91  1925 1925 ASN ASN A . n 
A 1 92  LEU 92  1926 1926 LEU LEU A . n 
A 1 93  GLU 93  1927 1927 GLU GLU A . n 
A 1 94  THR 94  1928 1928 THR THR A . n 
A 1 95  PHE 95  1929 1929 PHE PHE A . n 
A 1 96  ALA 96  1930 1930 ALA ALA A . n 
A 1 97  LEU 97  1931 1931 LEU LEU A . n 
A 1 98  ASP 98  1932 1932 ASP ASP A . n 
A 1 99  VAL 99  1933 1933 VAL VAL A . n 
A 1 100 ARG 100 1934 1934 ARG ARG A . n 
A 1 101 LEU 101 1935 1935 LEU LEU A . n 
A 1 102 VAL 102 1936 1936 VAL VAL A . n 
A 1 103 PHE 103 1937 1937 PHE PHE A . n 
A 1 104 ASP 104 1938 1938 ASP ASP A . n 
A 1 105 ASN 105 1939 1939 ASN ASN A . n 
A 1 106 CYS 106 1940 1940 CYS CYS A . n 
A 1 107 GLU 107 1941 1941 GLU GLU A . n 
A 1 108 THR 108 1942 1942 THR THR A . n 
A 1 109 PHE 109 1943 1943 PHE PHE A . n 
A 1 110 ASN 110 1944 1944 ASN ASN A . n 
A 1 111 GLU 111 1945 1945 GLU GLU A . n 
A 1 112 ASP 112 1946 1946 ASP ASP A . n 
A 1 113 ASP 113 1947 1947 ASP ASP A . n 
A 1 114 SER 114 1948 1948 SER SER A . n 
A 1 115 ASP 115 1949 1949 ASP ASP A . n 
A 1 116 ILE 116 1950 1950 ILE ILE A . n 
A 1 117 GLY 117 1951 1951 GLY GLY A . n 
A 1 118 ARG 118 1952 1952 ARG ARG A . n 
A 1 119 ALA 119 1953 1953 ALA ALA A . n 
A 1 120 GLY 120 1954 1954 GLY GLY A . n 
A 1 121 HIS 121 1955 1955 HIS HIS A . n 
A 1 122 ASN 122 1956 1956 ASN ASN A . n 
A 1 123 MET 123 1957 1957 MET MET A . n 
A 1 124 ARG 124 1958 1958 ARG ARG A . n 
A 1 125 LYS 125 1959 1959 LYS LYS A . n 
A 1 126 TYR 126 1960 1960 TYR TYR A . n 
A 1 127 PHE 127 1961 1961 PHE PHE A . n 
A 1 128 GLU 128 1962 1962 GLU GLU A . n 
A 1 129 LYS 129 1963 1963 LYS LYS A . n 
A 1 130 LYS 130 1964 1964 LYS LYS A . n 
A 1 131 TRP 131 1965 1965 TRP TRP A . n 
A 1 132 THR 132 1966 1966 THR THR A . n 
A 1 133 ASP 133 1967 1967 ASP ASP A . n 
A 1 134 THR 134 1968 1968 THR THR A . n 
A 1 135 PHE 135 1969 1969 PHE PHE A . n 
A 1 136 LYS 136 1970 1970 LYS LYS A . n 
A 1 137 VAL 137 1971 ?    ?   ?   A . n 
A 1 138 SER 138 1972 ?    ?   ?   A . n 
# 
loop_
_pdbx_nonpoly_scheme.asym_id 
_pdbx_nonpoly_scheme.entity_id 
_pdbx_nonpoly_scheme.mon_id 
_pdbx_nonpoly_scheme.ndb_seq_num 
_pdbx_nonpoly_scheme.pdb_seq_num 
_pdbx_nonpoly_scheme.auth_seq_num 
_pdbx_nonpoly_scheme.pdb_mon_id 
_pdbx_nonpoly_scheme.auth_mon_id 
_pdbx_nonpoly_scheme.pdb_strand_id 
_pdbx_nonpoly_scheme.pdb_ins_code 
B 2 TYL 1   2001 1   TYL LIG A . 
C 3 EDO 1   2002 1   EDO EDO A . 
D 3 EDO 1   2003 2   EDO EDO A . 
E 4 HOH 1   2101 114 HOH HOH A . 
E 4 HOH 2   2102 196 HOH HOH A . 
E 4 HOH 3   2103 72  HOH HOH A . 
E 4 HOH 4   2104 36  HOH HOH A . 
E 4 HOH 5   2105 154 HOH HOH A . 
E 4 HOH 6   2106 92  HOH HOH A . 
E 4 HOH 7   2107 40  HOH HOH A . 
E 4 HOH 8   2108 47  HOH HOH A . 
E 4 HOH 9   2109 68  HOH HOH A . 
E 4 HOH 10  2110 173 HOH HOH A . 
E 4 HOH 11  2111 158 HOH HOH A . 
E 4 HOH 12  2112 38  HOH HOH A . 
E 4 HOH 13  2113 61  HOH HOH A . 
E 4 HOH 14  2114 44  HOH HOH A . 
E 4 HOH 15  2115 2   HOH HOH A . 
E 4 HOH 16  2116 70  HOH HOH A . 
E 4 HOH 17  2117 37  HOH HOH A . 
E 4 HOH 18  2118 126 HOH HOH A . 
E 4 HOH 19  2119 200 HOH HOH A . 
E 4 HOH 20  2120 85  HOH HOH A . 
E 4 HOH 21  2121 7   HOH HOH A . 
E 4 HOH 22  2122 100 HOH HOH A . 
E 4 HOH 23  2123 23  HOH HOH A . 
E 4 HOH 24  2124 21  HOH HOH A . 
E 4 HOH 25  2125 14  HOH HOH A . 
E 4 HOH 26  2126 74  HOH HOH A . 
E 4 HOH 27  2127 174 HOH HOH A . 
E 4 HOH 28  2128 24  HOH HOH A . 
E 4 HOH 29  2129 48  HOH HOH A . 
E 4 HOH 30  2130 20  HOH HOH A . 
E 4 HOH 31  2131 6   HOH HOH A . 
E 4 HOH 32  2132 45  HOH HOH A . 
E 4 HOH 33  2133 62  HOH HOH A . 
E 4 HOH 34  2134 5   HOH HOH A . 
E 4 HOH 35  2135 34  HOH HOH A . 
E 4 HOH 36  2136 84  HOH HOH A . 
E 4 HOH 37  2137 93  HOH HOH A . 
E 4 HOH 38  2138 27  HOH HOH A . 
E 4 HOH 39  2139 39  HOH HOH A . 
E 4 HOH 40  2140 170 HOH HOH A . 
E 4 HOH 41  2141 35  HOH HOH A . 
E 4 HOH 42  2142 17  HOH HOH A . 
E 4 HOH 43  2143 52  HOH HOH A . 
E 4 HOH 44  2144 91  HOH HOH A . 
E 4 HOH 45  2145 41  HOH HOH A . 
E 4 HOH 46  2146 76  HOH HOH A . 
E 4 HOH 47  2147 32  HOH HOH A . 
E 4 HOH 48  2148 25  HOH HOH A . 
E 4 HOH 49  2149 81  HOH HOH A . 
E 4 HOH 50  2150 46  HOH HOH A . 
E 4 HOH 51  2151 26  HOH HOH A . 
E 4 HOH 52  2152 10  HOH HOH A . 
E 4 HOH 53  2153 19  HOH HOH A . 
E 4 HOH 54  2154 120 HOH HOH A . 
E 4 HOH 55  2155 107 HOH HOH A . 
E 4 HOH 56  2156 16  HOH HOH A . 
E 4 HOH 57  2157 30  HOH HOH A . 
E 4 HOH 58  2158 139 HOH HOH A . 
E 4 HOH 59  2159 101 HOH HOH A . 
E 4 HOH 60  2160 144 HOH HOH A . 
E 4 HOH 61  2161 191 HOH HOH A . 
E 4 HOH 62  2162 116 HOH HOH A . 
E 4 HOH 63  2163 146 HOH HOH A . 
E 4 HOH 64  2164 73  HOH HOH A . 
E 4 HOH 65  2165 148 HOH HOH A . 
E 4 HOH 66  2166 166 HOH HOH A . 
E 4 HOH 67  2167 4   HOH HOH A . 
E 4 HOH 68  2168 66  HOH HOH A . 
E 4 HOH 69  2169 9   HOH HOH A . 
E 4 HOH 70  2170 106 HOH HOH A . 
E 4 HOH 71  2171 75  HOH HOH A . 
E 4 HOH 72  2172 51  HOH HOH A . 
E 4 HOH 73  2173 152 HOH HOH A . 
E 4 HOH 74  2174 207 HOH HOH A . 
E 4 HOH 75  2175 163 HOH HOH A . 
E 4 HOH 76  2176 82  HOH HOH A . 
E 4 HOH 77  2177 80  HOH HOH A . 
E 4 HOH 78  2178 90  HOH HOH A . 
E 4 HOH 79  2179 105 HOH HOH A . 
E 4 HOH 80  2180 59  HOH HOH A . 
E 4 HOH 81  2181 208 HOH HOH A . 
E 4 HOH 82  2182 64  HOH HOH A . 
E 4 HOH 83  2183 63  HOH HOH A . 
E 4 HOH 84  2184 184 HOH HOH A . 
E 4 HOH 85  2185 15  HOH HOH A . 
E 4 HOH 86  2186 178 HOH HOH A . 
E 4 HOH 87  2187 88  HOH HOH A . 
E 4 HOH 88  2188 56  HOH HOH A . 
E 4 HOH 89  2189 1   HOH HOH A . 
E 4 HOH 90  2190 113 HOH HOH A . 
E 4 HOH 91  2191 65  HOH HOH A . 
E 4 HOH 92  2192 137 HOH HOH A . 
E 4 HOH 93  2193 54  HOH HOH A . 
E 4 HOH 94  2194 12  HOH HOH A . 
E 4 HOH 95  2195 28  HOH HOH A . 
E 4 HOH 96  2196 33  HOH HOH A . 
E 4 HOH 97  2197 190 HOH HOH A . 
E 4 HOH 98  2198 29  HOH HOH A . 
E 4 HOH 99  2199 182 HOH HOH A . 
E 4 HOH 100 2200 117 HOH HOH A . 
E 4 HOH 101 2201 77  HOH HOH A . 
E 4 HOH 102 2202 22  HOH HOH A . 
E 4 HOH 103 2203 164 HOH HOH A . 
E 4 HOH 104 2204 95  HOH HOH A . 
E 4 HOH 105 2205 57  HOH HOH A . 
E 4 HOH 106 2206 8   HOH HOH A . 
E 4 HOH 107 2207 171 HOH HOH A . 
E 4 HOH 108 2208 18  HOH HOH A . 
E 4 HOH 109 2209 193 HOH HOH A . 
E 4 HOH 110 2210 53  HOH HOH A . 
E 4 HOH 111 2211 149 HOH HOH A . 
E 4 HOH 112 2212 50  HOH HOH A . 
E 4 HOH 113 2213 205 HOH HOH A . 
E 4 HOH 114 2214 83  HOH HOH A . 
E 4 HOH 115 2215 3   HOH HOH A . 
E 4 HOH 116 2216 145 HOH HOH A . 
E 4 HOH 117 2217 103 HOH HOH A . 
E 4 HOH 118 2218 172 HOH HOH A . 
E 4 HOH 119 2219 168 HOH HOH A . 
E 4 HOH 120 2220 156 HOH HOH A . 
E 4 HOH 121 2221 189 HOH HOH A . 
E 4 HOH 122 2222 169 HOH HOH A . 
E 4 HOH 123 2223 188 HOH HOH A . 
E 4 HOH 124 2224 147 HOH HOH A . 
E 4 HOH 125 2225 181 HOH HOH A . 
E 4 HOH 126 2226 98  HOH HOH A . 
E 4 HOH 127 2227 138 HOH HOH A . 
E 4 HOH 128 2228 124 HOH HOH A . 
E 4 HOH 129 2229 206 HOH HOH A . 
E 4 HOH 130 2230 69  HOH HOH A . 
E 4 HOH 131 2231 157 HOH HOH A . 
E 4 HOH 132 2232 153 HOH HOH A . 
E 4 HOH 133 2233 99  HOH HOH A . 
E 4 HOH 134 2234 121 HOH HOH A . 
E 4 HOH 135 2235 143 HOH HOH A . 
E 4 HOH 136 2236 108 HOH HOH A . 
E 4 HOH 137 2237 192 HOH HOH A . 
E 4 HOH 138 2238 195 HOH HOH A . 
E 4 HOH 139 2239 141 HOH HOH A . 
E 4 HOH 140 2240 185 HOH HOH A . 
E 4 HOH 141 2241 130 HOH HOH A . 
E 4 HOH 142 2242 162 HOH HOH A . 
E 4 HOH 143 2243 96  HOH HOH A . 
E 4 HOH 144 2244 132 HOH HOH A . 
E 4 HOH 145 2245 49  HOH HOH A . 
E 4 HOH 146 2246 183 HOH HOH A . 
E 4 HOH 147 2247 135 HOH HOH A . 
E 4 HOH 148 2248 31  HOH HOH A . 
E 4 HOH 149 2249 176 HOH HOH A . 
E 4 HOH 150 2250 112 HOH HOH A . 
E 4 HOH 151 2251 97  HOH HOH A . 
E 4 HOH 152 2252 201 HOH HOH A . 
E 4 HOH 153 2253 119 HOH HOH A . 
E 4 HOH 154 2254 60  HOH HOH A . 
E 4 HOH 155 2255 102 HOH HOH A . 
E 4 HOH 156 2256 199 HOH HOH A . 
E 4 HOH 157 2257 123 HOH HOH A . 
E 4 HOH 158 2258 151 HOH HOH A . 
E 4 HOH 159 2259 110 HOH HOH A . 
E 4 HOH 160 2260 155 HOH HOH A . 
E 4 HOH 161 2261 71  HOH HOH A . 
E 4 HOH 162 2262 194 HOH HOH A . 
E 4 HOH 163 2263 202 HOH HOH A . 
E 4 HOH 164 2264 94  HOH HOH A . 
E 4 HOH 165 2265 58  HOH HOH A . 
E 4 HOH 166 2266 89  HOH HOH A . 
E 4 HOH 167 2267 104 HOH HOH A . 
E 4 HOH 168 2268 161 HOH HOH A . 
E 4 HOH 169 2269 86  HOH HOH A . 
E 4 HOH 170 2270 79  HOH HOH A . 
E 4 HOH 171 2271 198 HOH HOH A . 
E 4 HOH 172 2272 187 HOH HOH A . 
E 4 HOH 173 2273 128 HOH HOH A . 
E 4 HOH 174 2274 42  HOH HOH A . 
E 4 HOH 175 2275 78  HOH HOH A . 
E 4 HOH 176 2276 55  HOH HOH A . 
E 4 HOH 177 2277 150 HOH HOH A . 
E 4 HOH 178 2278 177 HOH HOH A . 
E 4 HOH 179 2279 122 HOH HOH A . 
E 4 HOH 180 2280 136 HOH HOH A . 
E 4 HOH 181 2281 87  HOH HOH A . 
E 4 HOH 182 2282 134 HOH HOH A . 
E 4 HOH 183 2283 109 HOH HOH A . 
E 4 HOH 184 2284 197 HOH HOH A . 
E 4 HOH 185 2285 118 HOH HOH A . 
E 4 HOH 186 2286 159 HOH HOH A . 
E 4 HOH 187 2287 111 HOH HOH A . 
E 4 HOH 188 2288 165 HOH HOH A . 
E 4 HOH 189 2289 180 HOH HOH A . 
E 4 HOH 190 2290 186 HOH HOH A . 
E 4 HOH 191 2291 67  HOH HOH A . 
E 4 HOH 192 2292 142 HOH HOH A . 
E 4 HOH 193 2293 160 HOH HOH A . 
E 4 HOH 194 2294 204 HOH HOH A . 
E 4 HOH 195 2295 179 HOH HOH A . 
E 4 HOH 196 2296 140 HOH HOH A . 
E 4 HOH 197 2297 131 HOH HOH A . 
E 4 HOH 198 2298 175 HOH HOH A . 
E 4 HOH 199 2299 203 HOH HOH A . 
E 4 HOH 200 2300 133 HOH HOH A . 
E 4 HOH 201 2301 125 HOH HOH A . 
# 
loop_
_pdbx_unobs_or_zero_occ_atoms.id 
_pdbx_unobs_or_zero_occ_atoms.PDB_model_num 
_pdbx_unobs_or_zero_occ_atoms.polymer_flag 
_pdbx_unobs_or_zero_occ_atoms.occupancy_flag 
_pdbx_unobs_or_zero_occ_atoms.auth_asym_id 
_pdbx_unobs_or_zero_occ_atoms.auth_comp_id 
_pdbx_unobs_or_zero_occ_atoms.auth_seq_id 
_pdbx_unobs_or_zero_occ_atoms.PDB_ins_code 
_pdbx_unobs_or_zero_occ_atoms.auth_atom_id 
_pdbx_unobs_or_zero_occ_atoms.label_alt_id 
_pdbx_unobs_or_zero_occ_atoms.label_asym_id 
_pdbx_unobs_or_zero_occ_atoms.label_comp_id 
_pdbx_unobs_or_zero_occ_atoms.label_seq_id 
_pdbx_unobs_or_zero_occ_atoms.label_atom_id 
1  1 Y 1 A LYS 1863 ? CG ? A LYS 29  CG 
2  1 Y 1 A LYS 1863 ? CD ? A LYS 29  CD 
3  1 Y 1 A LYS 1863 ? CE ? A LYS 29  CE 
4  1 Y 1 A LYS 1863 ? NZ ? A LYS 29  NZ 
5  1 Y 1 A LYS 1868 ? CE ? A LYS 34  CE 
6  1 Y 1 A LYS 1868 ? NZ ? A LYS 34  NZ 
7  1 Y 1 A LYS 1970 ? CG ? A LYS 136 CG 
8  1 Y 1 A LYS 1970 ? CD ? A LYS 136 CD 
9  1 Y 1 A LYS 1970 ? CE ? A LYS 136 CE 
10 1 Y 1 A LYS 1970 ? NZ ? A LYS 136 NZ 
# 
loop_
_software.pdbx_ordinal 
_software.name 
_software.version 
_software.date 
_software.type 
_software.contact_author 
_software.contact_author_email 
_software.classification 
_software.location 
_software.language 
_software.citation_id 
1 PHENIX      1.9_1682 ?               package 'Paul D. Adams' PDAdams@lbl.gov          refinement        
http://www.phenix-online.org/                       C++ ? 
2 Aimless     0.1.29   21/08/12        program 'Phil Evans'    ?                        'data scaling'    
http://www.mrc-lmb.cam.ac.uk/harry/pre/aimless.html ?   ? 
3 PDB_EXTRACT 3.23     'SEP. 23, 2016' package PDB             deposit@deposit.rcsb.org 'data extraction' 
http://sw-tools.pdb.org/apps/PDB_EXTRACT/           C++ ? 
4 XDS         .        ?               program ?               ?                        'data reduction'  ? ?   ? 
5 REFMAC      .        ?               program ?               ?                        phasing           ? ?   ? 
# 
_cell.entry_id           5PBE 
_cell.length_a           83.495 
_cell.length_b           97.084 
_cell.length_c           58.127 
_cell.angle_alpha        90.000 
_cell.angle_beta         90.000 
_cell.angle_gamma        90.000 
_cell.Z_PDB              8 
_cell.pdbx_unique_axis   ? 
# 
_symmetry.entry_id                         5PBE 
_symmetry.space_group_name_H-M             'C 2 2 21' 
_symmetry.pdbx_full_space_group_name_H-M   ? 
_symmetry.cell_setting                     ? 
_symmetry.Int_Tables_number                20 
# 
_exptl.crystals_number   1 
_exptl.entry_id          5PBE 
_exptl.method            'X-RAY DIFFRACTION' 
# 
_exptl_crystal.id                    1 
_exptl_crystal.pdbx_mosaicity        0.210 
_exptl_crystal.pdbx_mosaicity_esd    ? 
_exptl_crystal.density_Matthews      3.66 
_exptl_crystal.density_diffrn        ? 
_exptl_crystal.density_meas          ? 
_exptl_crystal.density_meas_temp     ? 
_exptl_crystal.density_percent_sol   66.40 
_exptl_crystal.size_max              ? 
_exptl_crystal.size_mid              ? 
_exptl_crystal.size_min              ? 
_exptl_crystal.size_rad              ? 
_exptl_crystal.description           ? 
# 
_exptl_crystal_grow.crystal_id      1 
_exptl_crystal_grow.method          'VAPOR DIFFUSION, SITTING DROP' 
_exptl_crystal_grow.pH              7 
_exptl_crystal_grow.temp            277 
_exptl_crystal_grow.pdbx_details    '30% PEG600 -- 0.1M MES pH 6.0' 
_exptl_crystal_grow.temp_details    ? 
_exptl_crystal_grow.pdbx_pH_range   ? 
# 
_diffrn.id                     1 
_diffrn.ambient_temp           100 
_diffrn.crystal_id             1 
_diffrn.ambient_temp_details   ? 
# 
_diffrn_detector.detector               PIXEL 
_diffrn_detector.type                   'DECTRIS PILATUS 2M' 
_diffrn_detector.pdbx_collection_date   2013-03-10 
_diffrn_detector.diffrn_id              1 
_diffrn_detector.details                ? 
# 
_diffrn_radiation.diffrn_id                        1 
_diffrn_radiation.wavelength_id                    1 
_diffrn_radiation.pdbx_diffrn_protocol             'SINGLE WAVELENGTH' 
_diffrn_radiation.pdbx_monochromatic_or_laue_m_l   ? 
_diffrn_radiation.monochromator                    ? 
_diffrn_radiation.pdbx_scattering_type             x-ray 
# 
_diffrn_radiation_wavelength.id           1 
_diffrn_radiation_wavelength.wavelength   0.9200 
_diffrn_radiation_wavelength.wt           1.0 
# 
_diffrn_source.diffrn_id                   1 
_diffrn_source.source                      SYNCHROTRON 
_diffrn_source.type                        'DIAMOND BEAMLINE I04-1' 
_diffrn_source.pdbx_wavelength_list        0.9200 
_diffrn_source.pdbx_synchrotron_site       Diamond 
_diffrn_source.pdbx_synchrotron_beamline   I04-1 
_diffrn_source.pdbx_wavelength             ? 
# 
_reflns.entry_id                     5PBE 
_reflns.pdbx_diffrn_id               1 
_reflns.pdbx_ordinal                 1 
_reflns.observed_criterion_sigma_I   ? 
_reflns.observed_criterion_sigma_F   ? 
_reflns.d_resolution_low             29.060 
_reflns.d_resolution_high            1.830 
_reflns.number_obs                   20777 
_reflns.number_all                   ? 
_reflns.percent_possible_obs         98.700 
_reflns.pdbx_Rmerge_I_obs            0.078 
_reflns.pdbx_Rsym_value              ? 
_reflns.pdbx_netI_over_sigmaI        15.700 
_reflns.B_iso_Wilson_estimate        27.110 
_reflns.pdbx_redundancy              6.600 
_reflns.pdbx_Rrim_I_all              0.085 
_reflns.pdbx_Rpim_I_all              0.033 
_reflns.pdbx_CC_half                 0.999 
_reflns.pdbx_netI_over_av_sigmaI     ? 
_reflns.pdbx_number_measured_all     136213 
_reflns.pdbx_scaling_rejects         4 
_reflns.pdbx_chi_squared             ? 
_reflns.Rmerge_F_all                 ? 
_reflns.Rmerge_F_obs                 ? 
_reflns.observed_criterion_F_max     ? 
_reflns.observed_criterion_F_min     ? 
_reflns.observed_criterion_I_max     ? 
_reflns.observed_criterion_I_min     ? 
_reflns.pdbx_d_res_high_opt          ? 
_reflns.pdbx_d_res_low_opt           ? 
_reflns.details                      ? 
# 
loop_
_reflns_shell.pdbx_diffrn_id 
_reflns_shell.pdbx_ordinal 
_reflns_shell.d_res_high 
_reflns_shell.d_res_low 
_reflns_shell.number_measured_obs 
_reflns_shell.number_measured_all 
_reflns_shell.number_unique_obs 
_reflns_shell.pdbx_rejects 
_reflns_shell.Rmerge_I_obs 
_reflns_shell.meanI_over_sigI_obs 
_reflns_shell.pdbx_Rsym_value 
_reflns_shell.pdbx_chi_squared 
_reflns_shell.pdbx_redundancy 
_reflns_shell.percent_possible_obs 
_reflns_shell.pdbx_netI_over_sigmaI_obs 
_reflns_shell.number_possible 
_reflns_shell.number_unique_all 
_reflns_shell.Rmerge_F_all 
_reflns_shell.Rmerge_F_obs 
_reflns_shell.Rmerge_I_all 
_reflns_shell.meanI_over_sigI_all 
_reflns_shell.percent_possible_all 
_reflns_shell.pdbx_Rrim_I_all 
_reflns_shell.pdbx_Rpim_I_all 
_reflns_shell.pdbx_CC_half 
1 1 1.830 1.880  ? 7207 ? ? 0.865 ? ? ? 5.900 ? 2.000  ? 1214 ? ? ? ? 89.300 0.942 0.366 0.786 
1 2 8.800 29.060 ? 1369 ? ? 0.035 ? ? ? 6.100 ? 43.800 ? 223  ? ? ? ? 97.600 0.038 0.014 0.999 
# 
_refine.entry_id                                 5PBE 
_refine.pdbx_refine_id                           'X-RAY DIFFRACTION' 
_refine.ls_d_res_high                            1.8350 
_refine.ls_d_res_low                             29.060 
_refine.pdbx_ls_sigma_F                          1.340 
_refine.pdbx_data_cutoff_high_absF               ? 
_refine.pdbx_data_cutoff_low_absF                ? 
_refine.ls_percent_reflns_obs                    98.5500 
_refine.ls_number_reflns_obs                     20761 
_refine.ls_number_reflns_all                     ? 
_refine.pdbx_ls_cross_valid_method               THROUGHOUT 
_refine.ls_matrix_type                           ? 
_refine.pdbx_R_Free_selection_details            ? 
_refine.details                                  ? 
_refine.ls_R_factor_all                          ? 
_refine.ls_R_factor_obs                          0.1766 
_refine.ls_R_factor_R_work                       0.1755 
_refine.ls_wR_factor_R_work                      ? 
_refine.ls_R_factor_R_free                       0.1965 
_refine.ls_wR_factor_R_free                      ? 
_refine.ls_percent_reflns_R_free                 4.9700 
_refine.ls_number_reflns_R_free                  1032 
_refine.ls_number_reflns_R_work                  19729 
_refine.ls_R_factor_R_free_error                 ? 
_refine.B_iso_mean                               30.8244 
_refine.solvent_model_param_bsol                 ? 
_refine.solvent_model_param_ksol                 ? 
_refine.pdbx_isotropic_thermal_model             ? 
_refine.aniso_B[1][1]                            ? 
_refine.aniso_B[2][2]                            ? 
_refine.aniso_B[3][3]                            ? 
_refine.aniso_B[1][2]                            ? 
_refine.aniso_B[1][3]                            ? 
_refine.aniso_B[2][3]                            ? 
_refine.correlation_coeff_Fo_to_Fc               ? 
_refine.correlation_coeff_Fo_to_Fc_free          ? 
_refine.overall_SU_R_Cruickshank_DPI             ? 
_refine.pdbx_overall_SU_R_free_Cruickshank_DPI   ? 
_refine.pdbx_overall_SU_R_Blow_DPI               ? 
_refine.pdbx_overall_SU_R_free_Blow_DPI          ? 
_refine.overall_SU_R_free                        ? 
_refine.pdbx_overall_ESU_R                       ? 
_refine.pdbx_overall_ESU_R_Free                  ? 
_refine.overall_SU_ML                            0.2100 
_refine.overall_SU_B                             ? 
_refine.solvent_model_details                    'FLAT BULK SOLVENT MODEL' 
_refine.pdbx_solvent_vdw_probe_radii             1.1100 
_refine.pdbx_solvent_ion_probe_radii             ? 
_refine.pdbx_solvent_shrinkage_radii             0.9000 
_refine.ls_number_parameters                     ? 
_refine.ls_number_restraints                     ? 
_refine.pdbx_starting_model                      3G0L 
_refine.pdbx_method_to_determine_struct          'FOURIER SYNTHESIS' 
_refine.pdbx_stereochemistry_target_values       ML 
_refine.pdbx_stereochem_target_val_spec_case     ? 
_refine.overall_FOM_work_R_set                   ? 
_refine.B_iso_max                                75.860 
_refine.B_iso_min                                14.720 
_refine.pdbx_overall_phase_error                 19.0000 
_refine.occupancy_max                            ? 
_refine.occupancy_min                            ? 
_refine.pdbx_diffrn_id                           1 
_refine.pdbx_TLS_residual_ADP_flag               ? 
_refine.pdbx_ls_sigma_I                          ? 
_refine.pdbx_data_cutoff_high_rms_absF           ? 
_refine.ls_R_factor_R_free_error_details         ? 
# 
_refine_hist.cycle_id                         final 
_refine_hist.pdbx_refine_id                   'X-RAY DIFFRACTION' 
_refine_hist.d_res_high                       1.8350 
_refine_hist.d_res_low                        29.060 
_refine_hist.pdbx_number_atoms_ligand         40 
_refine_hist.number_atoms_solvent             201 
_refine_hist.number_atoms_total               1171 
_refine_hist.pdbx_number_residues_total       115 
_refine_hist.pdbx_B_iso_mean_ligand           36.75 
_refine_hist.pdbx_B_iso_mean_solvent          42.04 
_refine_hist.pdbx_number_atoms_protein        930 
_refine_hist.pdbx_number_atoms_nucleic_acid   0 
# 
loop_
_refine_ls_restr.pdbx_refine_id 
_refine_ls_restr.type 
_refine_ls_restr.number 
_refine_ls_restr.dev_ideal 
_refine_ls_restr.dev_ideal_target 
_refine_ls_restr.weight 
_refine_ls_restr.pdbx_restraint_function 
'X-RAY DIFFRACTION' f_bond_d           1012 0.008  ? ? ? 
'X-RAY DIFFRACTION' f_angle_d          1365 1.081  ? ? ? 
'X-RAY DIFFRACTION' f_chiral_restr     146  0.040  ? ? ? 
'X-RAY DIFFRACTION' f_plane_restr      176  0.005  ? ? ? 
'X-RAY DIFFRACTION' f_dihedral_angle_d 402  12.868 ? ? ? 
# 
loop_
_refine_ls_shell.d_res_high 
_refine_ls_shell.d_res_low 
_refine_ls_shell.pdbx_total_number_of_bins_used 
_refine_ls_shell.percent_reflns_obs 
_refine_ls_shell.number_reflns_R_work 
_refine_ls_shell.R_factor_all 
_refine_ls_shell.R_factor_R_work 
_refine_ls_shell.R_factor_R_free 
_refine_ls_shell.percent_reflns_R_free 
_refine_ls_shell.number_reflns_R_free 
_refine_ls_shell.R_factor_R_free_error 
_refine_ls_shell.number_reflns_all 
_refine_ls_shell.number_reflns_obs 
_refine_ls_shell.pdbx_refine_id 
1.8346 1.9313  7 95.0000  2670 . 0.2656 0.2898 . 159 . 2829 . 'X-RAY DIFFRACTION' 
1.9313 2.0522  7 99.0000  2812 . 0.2269 0.2495 . 121 . 2933 . 'X-RAY DIFFRACTION' 
2.0522 2.2106  7 99.0000  2815 . 0.1962 0.2470 . 148 . 2963 . 'X-RAY DIFFRACTION' 
2.2106 2.4330  7 98.0000  2768 . 0.1891 0.2338 . 146 . 2914 . 'X-RAY DIFFRACTION' 
2.4330 2.7848  7 100.0000 2867 . 0.1777 0.1731 . 136 . 3003 . 'X-RAY DIFFRACTION' 
2.7848 3.5076  7 100.0000 2840 . 0.1754 0.1993 . 170 . 3010 . 'X-RAY DIFFRACTION' 
3.5076 29.0671 7 99.0000  2957 . 0.1472 0.1619 . 152 . 3109 . 'X-RAY DIFFRACTION' 
# 
_struct.entry_id                  5PBE 
_struct.title                     'PanDDA analysis group deposition -- Crystal Structure of BAZ2B in complex with N09428a' 
_struct.pdbx_model_details        ? 
_struct.pdbx_CASP_flag            ? 
_struct.pdbx_model_type_details   ? 
# 
_struct_keywords.entry_id        5PBE 
_struct_keywords.text            'PanDDA, SGC - Diamond I04-1 fragment screening, bromodomain, epigenetics, DNA BINDING PROTEIN' 
_struct_keywords.pdbx_keywords   'DNA BINDING PROTEIN' 
# 
loop_
_struct_asym.id 
_struct_asym.pdbx_blank_PDB_chainid_flag 
_struct_asym.pdbx_modified 
_struct_asym.entity_id 
_struct_asym.details 
A N N 1 ? 
B N N 2 ? 
C N N 3 ? 
D N N 3 ? 
E N N 4 ? 
# 
_struct_ref.id                         1 
_struct_ref.db_name                    UNP 
_struct_ref.db_code                    BAZ2B_HUMAN 
_struct_ref.pdbx_db_accession          Q9UIF8 
_struct_ref.pdbx_db_isoform            Q9UIF8-2 
_struct_ref.entity_id                  1 
_struct_ref.pdbx_seq_one_letter_code   
;SVKKPKRDDSKDLALCSMILTEMETHEDAWPFLLPVNLKLVPGYKKVIKKPMDFSTIREKLSSGQYPNLETFALDVRLVF
DNCETFNEDDSDIGRAGHNMRKYFEKKWTDTFKVS
;
_struct_ref.pdbx_align_begin           1954 
# 
_struct_ref_seq.align_id                      1 
_struct_ref_seq.ref_id                        1 
_struct_ref_seq.pdbx_PDB_id_code              5PBE 
_struct_ref_seq.pdbx_strand_id                A 
_struct_ref_seq.seq_align_beg                 24 
_struct_ref_seq.pdbx_seq_align_beg_ins_code   ? 
_struct_ref_seq.seq_align_end                 138 
_struct_ref_seq.pdbx_seq_align_end_ins_code   ? 
_struct_ref_seq.pdbx_db_accession             Q9UIF8 
_struct_ref_seq.db_align_beg                  1954 
_struct_ref_seq.pdbx_db_align_beg_ins_code    ? 
_struct_ref_seq.db_align_end                  2068 
_struct_ref_seq.pdbx_db_align_end_ins_code    ? 
_struct_ref_seq.pdbx_auth_seq_align_beg       1858 
_struct_ref_seq.pdbx_auth_seq_align_end       1972 
# 
loop_
_struct_ref_seq_dif.align_id 
_struct_ref_seq_dif.pdbx_pdb_id_code 
_struct_ref_seq_dif.mon_id 
_struct_ref_seq_dif.pdbx_pdb_strand_id 
_struct_ref_seq_dif.seq_num 
_struct_ref_seq_dif.pdbx_pdb_ins_code 
_struct_ref_seq_dif.pdbx_seq_db_name 
_struct_ref_seq_dif.pdbx_seq_db_accession_code 
_struct_ref_seq_dif.db_mon_id 
_struct_ref_seq_dif.pdbx_seq_db_seq_num 
_struct_ref_seq_dif.details 
_struct_ref_seq_dif.pdbx_auth_seq_num 
_struct_ref_seq_dif.pdbx_ordinal 
1 5PBE MET A 1  ? UNP Q9UIF8 ? ? 'expression tag' 1835 1  
1 5PBE HIS A 2  ? UNP Q9UIF8 ? ? 'expression tag' 1836 2  
1 5PBE HIS A 3  ? UNP Q9UIF8 ? ? 'expression tag' 1837 3  
1 5PBE HIS A 4  ? UNP Q9UIF8 ? ? 'expression tag' 1838 4  
1 5PBE HIS A 5  ? UNP Q9UIF8 ? ? 'expression tag' 1839 5  
1 5PBE HIS A 6  ? UNP Q9UIF8 ? ? 'expression tag' 1840 6  
1 5PBE HIS A 7  ? UNP Q9UIF8 ? ? 'expression tag' 1841 7  
1 5PBE SER A 8  ? UNP Q9UIF8 ? ? 'expression tag' 1842 8  
1 5PBE SER A 9  ? UNP Q9UIF8 ? ? 'expression tag' 1843 9  
1 5PBE GLY A 10 ? UNP Q9UIF8 ? ? 'expression tag' 1844 10 
1 5PBE VAL A 11 ? UNP Q9UIF8 ? ? 'expression tag' 1845 11 
1 5PBE ASP A 12 ? UNP Q9UIF8 ? ? 'expression tag' 1846 12 
1 5PBE LEU A 13 ? UNP Q9UIF8 ? ? 'expression tag' 1847 13 
1 5PBE GLY A 14 ? UNP Q9UIF8 ? ? 'expression tag' 1848 14 
1 5PBE THR A 15 ? UNP Q9UIF8 ? ? 'expression tag' 1849 15 
1 5PBE GLU A 16 ? UNP Q9UIF8 ? ? 'expression tag' 1850 16 
1 5PBE ASN A 17 ? UNP Q9UIF8 ? ? 'expression tag' 1851 17 
1 5PBE LEU A 18 ? UNP Q9UIF8 ? ? 'expression tag' 1852 18 
1 5PBE TYR A 19 ? UNP Q9UIF8 ? ? 'expression tag' 1853 19 
1 5PBE PHE A 20 ? UNP Q9UIF8 ? ? 'expression tag' 1854 20 
1 5PBE GLN A 21 ? UNP Q9UIF8 ? ? 'expression tag' 1855 21 
1 5PBE SER A 22 ? UNP Q9UIF8 ? ? 'expression tag' 1856 22 
1 5PBE MET A 23 ? UNP Q9UIF8 ? ? 'expression tag' 1857 23 
# 
_pdbx_struct_assembly.id                   1 
_pdbx_struct_assembly.details              author_defined_assembly 
_pdbx_struct_assembly.method_details       ? 
_pdbx_struct_assembly.oligomeric_details   monomeric 
_pdbx_struct_assembly.oligomeric_count     1 
# 
_pdbx_struct_assembly_gen.assembly_id       1 
_pdbx_struct_assembly_gen.oper_expression   1 
_pdbx_struct_assembly_gen.asym_id_list      A,B,C,D,E 
# 
_pdbx_struct_oper_list.id                   1 
_pdbx_struct_oper_list.type                 'identity operation' 
_pdbx_struct_oper_list.name                 1_555 
_pdbx_struct_oper_list.symmetry_operation   x,y,z 
_pdbx_struct_oper_list.matrix[1][1]         1.0000000000 
_pdbx_struct_oper_list.matrix[1][2]         0.0000000000 
_pdbx_struct_oper_list.matrix[1][3]         0.0000000000 
_pdbx_struct_oper_list.vector[1]            0.0000000000 
_pdbx_struct_oper_list.matrix[2][1]         0.0000000000 
_pdbx_struct_oper_list.matrix[2][2]         1.0000000000 
_pdbx_struct_oper_list.matrix[2][3]         0.0000000000 
_pdbx_struct_oper_list.vector[2]            0.0000000000 
_pdbx_struct_oper_list.matrix[3][1]         0.0000000000 
_pdbx_struct_oper_list.matrix[3][2]         0.0000000000 
_pdbx_struct_oper_list.matrix[3][3]         1.0000000000 
_pdbx_struct_oper_list.vector[3]            0.0000000000 
# 
loop_
_struct_conf.conf_type_id 
_struct_conf.id 
_struct_conf.pdbx_PDB_helix_id 
_struct_conf.beg_label_comp_id 
_struct_conf.beg_label_asym_id 
_struct_conf.beg_label_seq_id 
_struct_conf.pdbx_beg_PDB_ins_code 
_struct_conf.end_label_comp_id 
_struct_conf.end_label_asym_id 
_struct_conf.end_label_seq_id 
_struct_conf.pdbx_end_PDB_ins_code 
_struct_conf.beg_auth_comp_id 
_struct_conf.beg_auth_asym_id 
_struct_conf.beg_auth_seq_id 
_struct_conf.end_auth_comp_id 
_struct_conf.end_auth_asym_id 
_struct_conf.end_auth_seq_id 
_struct_conf.pdbx_PDB_helix_class 
_struct_conf.details 
_struct_conf.pdbx_PDB_helix_length 
HELX_P HELX_P1 AA1 LYS A 34  ? THR A 48  ? LYS A 1868 THR A 1882 1 ? 15 
HELX_P HELX_P2 AA2 ALA A 52  ? LEU A 56  ? ALA A 1886 LEU A 1890 5 ? 5  
HELX_P HELX_P3 AA3 GLY A 66  ? ILE A 71  ? GLY A 1900 ILE A 1905 1 ? 6  
HELX_P HELX_P4 AA4 ASP A 76  ? SER A 86  ? ASP A 1910 SER A 1920 1 ? 11 
HELX_P HELX_P5 AA5 ASN A 91  ? ASN A 110 ? ASN A 1925 ASN A 1944 1 ? 20 
HELX_P HELX_P6 AA6 SER A 114 ? LYS A 136 ? SER A 1948 LYS A 1970 1 ? 23 
# 
_struct_conf_type.id          HELX_P 
_struct_conf_type.criteria    ? 
_struct_conf_type.reference   ? 
# 
loop_
_struct_site.id 
_struct_site.pdbx_evidence_code 
_struct_site.pdbx_auth_asym_id 
_struct_site.pdbx_auth_comp_id 
_struct_site.pdbx_auth_seq_id 
_struct_site.pdbx_auth_ins_code 
_struct_site.pdbx_num_residues 
_struct_site.details 
AC1 Software A TYL 2001 ? 7 'binding site for residue TYL A 2001' 
AC2 Software A EDO 2002 ? 3 'binding site for residue EDO A 2002' 
AC3 Software A EDO 2003 ? 2 'binding site for residue EDO A 2003' 
# 
loop_
_struct_site_gen.id 
_struct_site_gen.site_id 
_struct_site_gen.pdbx_num_res 
_struct_site_gen.label_comp_id 
_struct_site_gen.label_asym_id 
_struct_site_gen.label_seq_id 
_struct_site_gen.pdbx_auth_ins_code 
_struct_site_gen.auth_comp_id 
_struct_site_gen.auth_asym_id 
_struct_site_gen.auth_seq_id 
_struct_site_gen.label_atom_id 
_struct_site_gen.label_alt_id 
_struct_site_gen.symmetry 
_struct_site_gen.details 
1  AC1 7 PRO A 54  ? PRO A 1888 . ? 1_555 ? 
2  AC1 7 VAL A 59  ? VAL A 1893 . ? 1_555 ? 
3  AC1 7 PRO A 65  ? PRO A 1899 . ? 4_566 ? 
4  AC1 7 ASN A 110 ? ASN A 1944 . ? 1_555 ? 
5  AC1 7 HOH E .   ? HOH A 2112 . ? 1_555 ? 
6  AC1 7 HOH E .   ? HOH A 2159 . ? 1_555 ? 
7  AC1 7 HOH E .   ? HOH A 2213 . ? 1_555 ? 
8  AC2 3 MET A 41  ? MET A 1875 . ? 1_555 ? 
9  AC2 3 GLU A 45  ? GLU A 1879 . ? 1_555 ? 
10 AC2 3 THR A 134 ? THR A 1968 . ? 1_555 ? 
11 AC3 2 HIS A 49  ? HIS A 1883 . ? 1_555 ? 
12 AC3 2 GLU A 50  ? GLU A 1884 . ? 1_555 ? 
# 
loop_
_pdbx_validate_close_contact.id 
_pdbx_validate_close_contact.PDB_model_num 
_pdbx_validate_close_contact.auth_atom_id_1 
_pdbx_validate_close_contact.auth_asym_id_1 
_pdbx_validate_close_contact.auth_comp_id_1 
_pdbx_validate_close_contact.auth_seq_id_1 
_pdbx_validate_close_contact.PDB_ins_code_1 
_pdbx_validate_close_contact.label_alt_id_1 
_pdbx_validate_close_contact.auth_atom_id_2 
_pdbx_validate_close_contact.auth_asym_id_2 
_pdbx_validate_close_contact.auth_comp_id_2 
_pdbx_validate_close_contact.auth_seq_id_2 
_pdbx_validate_close_contact.PDB_ins_code_2 
_pdbx_validate_close_contact.label_alt_id_2 
_pdbx_validate_close_contact.dist 
1 1 O A HOH 2223 ? ? O A HOH 2268 ? ? 2.09 
2 1 O A HOH 2202 ? ? O A HOH 2217 ? ? 2.17 
# 
_pdbx_validate_torsion.id              1 
_pdbx_validate_torsion.PDB_model_num   1 
_pdbx_validate_torsion.auth_comp_id    ASP 
_pdbx_validate_torsion.auth_asym_id    A 
_pdbx_validate_torsion.auth_seq_id     1947 
_pdbx_validate_torsion.PDB_ins_code    ? 
_pdbx_validate_torsion.label_alt_id    A 
_pdbx_validate_torsion.phi             -96.01 
_pdbx_validate_torsion.psi             58.56 
# 
_phasing.method   MR 
# 
_pdbx_entry_details.nonpolymer_details       
;<BAZ2BA-x575>
<used_for_statistical_map>yes</used_for_statistical_map>
<smiles_of_compound_added>CC(Nc1ccc(cc1)O)=O</smiles_of_compound_added>
<site1>
<label>None</label>
<coordinate>11.61 43.45 43.45</coordinate>
<smiles>CC(Nc1ccc(cc1)O)=O</smiles>
<confidence>4 - High Confidence</confidence>
<comment>None</comment>
<occupancy>0.94</occupancy>
<B_average>23.839090909090913</B_average>
<B_ratio>1.0566121363526475</B_ratio>
<RSCC>0.98799999999999999</RSCC>
<RSR>0.063</RSR>
<RSZD>2.2000000000000002</RSZD>
<RMSD>0.1569759680507005</RMSD>
</site1>
</BAZ2BA-x575>
;
_pdbx_entry_details.entry_id                 5PBE 
_pdbx_entry_details.compound_details         ? 
_pdbx_entry_details.source_details           ? 
_pdbx_entry_details.sequence_details         ? 
_pdbx_entry_details.has_ligand_of_interest   ? 
# 
loop_
_pdbx_distant_solvent_atoms.id 
_pdbx_distant_solvent_atoms.PDB_model_num 
_pdbx_distant_solvent_atoms.auth_atom_id 
_pdbx_distant_solvent_atoms.label_alt_id 
_pdbx_distant_solvent_atoms.auth_asym_id 
_pdbx_distant_solvent_atoms.auth_comp_id 
_pdbx_distant_solvent_atoms.auth_seq_id 
_pdbx_distant_solvent_atoms.PDB_ins_code 
_pdbx_distant_solvent_atoms.neighbor_macromolecule_distance 
_pdbx_distant_solvent_atoms.neighbor_ligand_distance 
1 1 O ? A HOH 2298 ? 6.10 . 
2 1 O ? A HOH 2299 ? 6.70 . 
3 1 O ? A HOH 2300 ? 7.43 . 
4 1 O ? A HOH 2301 ? 7.93 . 
# 
loop_
_pdbx_unobs_or_zero_occ_residues.id 
_pdbx_unobs_or_zero_occ_residues.PDB_model_num 
_pdbx_unobs_or_zero_occ_residues.polymer_flag 
_pdbx_unobs_or_zero_occ_residues.occupancy_flag 
_pdbx_unobs_or_zero_occ_residues.auth_asym_id 
_pdbx_unobs_or_zero_occ_residues.auth_comp_id 
_pdbx_unobs_or_zero_occ_residues.auth_seq_id 
_pdbx_unobs_or_zero_occ_residues.PDB_ins_code 
_pdbx_unobs_or_zero_occ_residues.label_asym_id 
_pdbx_unobs_or_zero_occ_residues.label_comp_id 
_pdbx_unobs_or_zero_occ_residues.label_seq_id 
1  1 Y 1 A MET 1835 ? A MET 1   
2  1 Y 1 A HIS 1836 ? A HIS 2   
3  1 Y 1 A HIS 1837 ? A HIS 3   
4  1 Y 1 A HIS 1838 ? A HIS 4   
5  1 Y 1 A HIS 1839 ? A HIS 5   
6  1 Y 1 A HIS 1840 ? A HIS 6   
7  1 Y 1 A HIS 1841 ? A HIS 7   
8  1 Y 1 A SER 1842 ? A SER 8   
9  1 Y 1 A SER 1843 ? A SER 9   
10 1 Y 1 A GLY 1844 ? A GLY 10  
11 1 Y 1 A VAL 1845 ? A VAL 11  
12 1 Y 1 A ASP 1846 ? A ASP 12  
13 1 Y 1 A LEU 1847 ? A LEU 13  
14 1 Y 1 A GLY 1848 ? A GLY 14  
15 1 Y 1 A THR 1849 ? A THR 15  
16 1 Y 1 A GLU 1850 ? A GLU 16  
17 1 Y 1 A ASN 1851 ? A ASN 17  
18 1 Y 1 A LEU 1852 ? A LEU 18  
19 1 Y 1 A TYR 1853 ? A TYR 19  
20 1 Y 1 A PHE 1854 ? A PHE 20  
21 1 Y 1 A GLN 1855 ? A GLN 21  
22 1 Y 1 A VAL 1971 ? A VAL 137 
23 1 Y 1 A SER 1972 ? A SER 138 
# 
loop_
_chem_comp_atom.comp_id 
_chem_comp_atom.atom_id 
_chem_comp_atom.type_symbol 
_chem_comp_atom.pdbx_aromatic_flag 
_chem_comp_atom.pdbx_stereo_config 
_chem_comp_atom.pdbx_ordinal 
ALA N    N N N 1   
ALA CA   C N S 2   
ALA C    C N N 3   
ALA O    O N N 4   
ALA CB   C N N 5   
ALA OXT  O N N 6   
ALA H    H N N 7   
ALA H2   H N N 8   
ALA HA   H N N 9   
ALA HB1  H N N 10  
ALA HB2  H N N 11  
ALA HB3  H N N 12  
ALA HXT  H N N 13  
ARG N    N N N 14  
ARG CA   C N S 15  
ARG C    C N N 16  
ARG O    O N N 17  
ARG CB   C N N 18  
ARG CG   C N N 19  
ARG CD   C N N 20  
ARG NE   N N N 21  
ARG CZ   C N N 22  
ARG NH1  N N N 23  
ARG NH2  N N N 24  
ARG OXT  O N N 25  
ARG H    H N N 26  
ARG H2   H N N 27  
ARG HA   H N N 28  
ARG HB2  H N N 29  
ARG HB3  H N N 30  
ARG HG2  H N N 31  
ARG HG3  H N N 32  
ARG HD2  H N N 33  
ARG HD3  H N N 34  
ARG HE   H N N 35  
ARG HH11 H N N 36  
ARG HH12 H N N 37  
ARG HH21 H N N 38  
ARG HH22 H N N 39  
ARG HXT  H N N 40  
ASN N    N N N 41  
ASN CA   C N S 42  
ASN C    C N N 43  
ASN O    O N N 44  
ASN CB   C N N 45  
ASN CG   C N N 46  
ASN OD1  O N N 47  
ASN ND2  N N N 48  
ASN OXT  O N N 49  
ASN H    H N N 50  
ASN H2   H N N 51  
ASN HA   H N N 52  
ASN HB2  H N N 53  
ASN HB3  H N N 54  
ASN HD21 H N N 55  
ASN HD22 H N N 56  
ASN HXT  H N N 57  
ASP N    N N N 58  
ASP CA   C N S 59  
ASP C    C N N 60  
ASP O    O N N 61  
ASP CB   C N N 62  
ASP CG   C N N 63  
ASP OD1  O N N 64  
ASP OD2  O N N 65  
ASP OXT  O N N 66  
ASP H    H N N 67  
ASP H2   H N N 68  
ASP HA   H N N 69  
ASP HB2  H N N 70  
ASP HB3  H N N 71  
ASP HD2  H N N 72  
ASP HXT  H N N 73  
CYS N    N N N 74  
CYS CA   C N R 75  
CYS C    C N N 76  
CYS O    O N N 77  
CYS CB   C N N 78  
CYS SG   S N N 79  
CYS OXT  O N N 80  
CYS H    H N N 81  
CYS H2   H N N 82  
CYS HA   H N N 83  
CYS HB2  H N N 84  
CYS HB3  H N N 85  
CYS HG   H N N 86  
CYS HXT  H N N 87  
EDO C1   C N N 88  
EDO O1   O N N 89  
EDO C2   C N N 90  
EDO O2   O N N 91  
EDO H11  H N N 92  
EDO H12  H N N 93  
EDO HO1  H N N 94  
EDO H21  H N N 95  
EDO H22  H N N 96  
EDO HO2  H N N 97  
GLN N    N N N 98  
GLN CA   C N S 99  
GLN C    C N N 100 
GLN O    O N N 101 
GLN CB   C N N 102 
GLN CG   C N N 103 
GLN CD   C N N 104 
GLN OE1  O N N 105 
GLN NE2  N N N 106 
GLN OXT  O N N 107 
GLN H    H N N 108 
GLN H2   H N N 109 
GLN HA   H N N 110 
GLN HB2  H N N 111 
GLN HB3  H N N 112 
GLN HG2  H N N 113 
GLN HG3  H N N 114 
GLN HE21 H N N 115 
GLN HE22 H N N 116 
GLN HXT  H N N 117 
GLU N    N N N 118 
GLU CA   C N S 119 
GLU C    C N N 120 
GLU O    O N N 121 
GLU CB   C N N 122 
GLU CG   C N N 123 
GLU CD   C N N 124 
GLU OE1  O N N 125 
GLU OE2  O N N 126 
GLU OXT  O N N 127 
GLU H    H N N 128 
GLU H2   H N N 129 
GLU HA   H N N 130 
GLU HB2  H N N 131 
GLU HB3  H N N 132 
GLU HG2  H N N 133 
GLU HG3  H N N 134 
GLU HE2  H N N 135 
GLU HXT  H N N 136 
GLY N    N N N 137 
GLY CA   C N N 138 
GLY C    C N N 139 
GLY O    O N N 140 
GLY OXT  O N N 141 
GLY H    H N N 142 
GLY H2   H N N 143 
GLY HA2  H N N 144 
GLY HA3  H N N 145 
GLY HXT  H N N 146 
HIS N    N N N 147 
HIS CA   C N S 148 
HIS C    C N N 149 
HIS O    O N N 150 
HIS CB   C N N 151 
HIS CG   C Y N 152 
HIS ND1  N Y N 153 
HIS CD2  C Y N 154 
HIS CE1  C Y N 155 
HIS NE2  N Y N 156 
HIS OXT  O N N 157 
HIS H    H N N 158 
HIS H2   H N N 159 
HIS HA   H N N 160 
HIS HB2  H N N 161 
HIS HB3  H N N 162 
HIS HD1  H N N 163 
HIS HD2  H N N 164 
HIS HE1  H N N 165 
HIS HE2  H N N 166 
HIS HXT  H N N 167 
HOH O    O N N 168 
HOH H1   H N N 169 
HOH H2   H N N 170 
ILE N    N N N 171 
ILE CA   C N S 172 
ILE C    C N N 173 
ILE O    O N N 174 
ILE CB   C N S 175 
ILE CG1  C N N 176 
ILE CG2  C N N 177 
ILE CD1  C N N 178 
ILE OXT  O N N 179 
ILE H    H N N 180 
ILE H2   H N N 181 
ILE HA   H N N 182 
ILE HB   H N N 183 
ILE HG12 H N N 184 
ILE HG13 H N N 185 
ILE HG21 H N N 186 
ILE HG22 H N N 187 
ILE HG23 H N N 188 
ILE HD11 H N N 189 
ILE HD12 H N N 190 
ILE HD13 H N N 191 
ILE HXT  H N N 192 
LEU N    N N N 193 
LEU CA   C N S 194 
LEU C    C N N 195 
LEU O    O N N 196 
LEU CB   C N N 197 
LEU CG   C N N 198 
LEU CD1  C N N 199 
LEU CD2  C N N 200 
LEU OXT  O N N 201 
LEU H    H N N 202 
LEU H2   H N N 203 
LEU HA   H N N 204 
LEU HB2  H N N 205 
LEU HB3  H N N 206 
LEU HG   H N N 207 
LEU HD11 H N N 208 
LEU HD12 H N N 209 
LEU HD13 H N N 210 
LEU HD21 H N N 211 
LEU HD22 H N N 212 
LEU HD23 H N N 213 
LEU HXT  H N N 214 
LYS N    N N N 215 
LYS CA   C N S 216 
LYS C    C N N 217 
LYS O    O N N 218 
LYS CB   C N N 219 
LYS CG   C N N 220 
LYS CD   C N N 221 
LYS CE   C N N 222 
LYS NZ   N N N 223 
LYS OXT  O N N 224 
LYS H    H N N 225 
LYS H2   H N N 226 
LYS HA   H N N 227 
LYS HB2  H N N 228 
LYS HB3  H N N 229 
LYS HG2  H N N 230 
LYS HG3  H N N 231 
LYS HD2  H N N 232 
LYS HD3  H N N 233 
LYS HE2  H N N 234 
LYS HE3  H N N 235 
LYS HZ1  H N N 236 
LYS HZ2  H N N 237 
LYS HZ3  H N N 238 
LYS HXT  H N N 239 
MET N    N N N 240 
MET CA   C N S 241 
MET C    C N N 242 
MET O    O N N 243 
MET CB   C N N 244 
MET CG   C N N 245 
MET SD   S N N 246 
MET CE   C N N 247 
MET OXT  O N N 248 
MET H    H N N 249 
MET H2   H N N 250 
MET HA   H N N 251 
MET HB2  H N N 252 
MET HB3  H N N 253 
MET HG2  H N N 254 
MET HG3  H N N 255 
MET HE1  H N N 256 
MET HE2  H N N 257 
MET HE3  H N N 258 
MET HXT  H N N 259 
PHE N    N N N 260 
PHE CA   C N S 261 
PHE C    C N N 262 
PHE O    O N N 263 
PHE CB   C N N 264 
PHE CG   C Y N 265 
PHE CD1  C Y N 266 
PHE CD2  C Y N 267 
PHE CE1  C Y N 268 
PHE CE2  C Y N 269 
PHE CZ   C Y N 270 
PHE OXT  O N N 271 
PHE H    H N N 272 
PHE H2   H N N 273 
PHE HA   H N N 274 
PHE HB2  H N N 275 
PHE HB3  H N N 276 
PHE HD1  H N N 277 
PHE HD2  H N N 278 
PHE HE1  H N N 279 
PHE HE2  H N N 280 
PHE HZ   H N N 281 
PHE HXT  H N N 282 
PRO N    N N N 283 
PRO CA   C N S 284 
PRO C    C N N 285 
PRO O    O N N 286 
PRO CB   C N N 287 
PRO CG   C N N 288 
PRO CD   C N N 289 
PRO OXT  O N N 290 
PRO H    H N N 291 
PRO HA   H N N 292 
PRO HB2  H N N 293 
PRO HB3  H N N 294 
PRO HG2  H N N 295 
PRO HG3  H N N 296 
PRO HD2  H N N 297 
PRO HD3  H N N 298 
PRO HXT  H N N 299 
SER N    N N N 300 
SER CA   C N S 301 
SER C    C N N 302 
SER O    O N N 303 
SER CB   C N N 304 
SER OG   O N N 305 
SER OXT  O N N 306 
SER H    H N N 307 
SER H2   H N N 308 
SER HA   H N N 309 
SER HB2  H N N 310 
SER HB3  H N N 311 
SER HG   H N N 312 
SER HXT  H N N 313 
THR N    N N N 314 
THR CA   C N S 315 
THR C    C N N 316 
THR O    O N N 317 
THR CB   C N R 318 
THR OG1  O N N 319 
THR CG2  C N N 320 
THR OXT  O N N 321 
THR H    H N N 322 
THR H2   H N N 323 
THR HA   H N N 324 
THR HB   H N N 325 
THR HG1  H N N 326 
THR HG21 H N N 327 
THR HG22 H N N 328 
THR HG23 H N N 329 
THR HXT  H N N 330 
TRP N    N N N 331 
TRP CA   C N S 332 
TRP C    C N N 333 
TRP O    O N N 334 
TRP CB   C N N 335 
TRP CG   C Y N 336 
TRP CD1  C Y N 337 
TRP CD2  C Y N 338 
TRP NE1  N Y N 339 
TRP CE2  C Y N 340 
TRP CE3  C Y N 341 
TRP CZ2  C Y N 342 
TRP CZ3  C Y N 343 
TRP CH2  C Y N 344 
TRP OXT  O N N 345 
TRP H    H N N 346 
TRP H2   H N N 347 
TRP HA   H N N 348 
TRP HB2  H N N 349 
TRP HB3  H N N 350 
TRP HD1  H N N 351 
TRP HE1  H N N 352 
TRP HE3  H N N 353 
TRP HZ2  H N N 354 
TRP HZ3  H N N 355 
TRP HH2  H N N 356 
TRP HXT  H N N 357 
TYL C1   C Y N 358 
TYL C2   C Y N 359 
TYL C3   C Y N 360 
TYL C4   C Y N 361 
TYL C5   C Y N 362 
TYL C6   C Y N 363 
TYL N    N N N 364 
TYL C    C N N 365 
TYL CM   C N N 366 
TYL O4   O N N 367 
TYL O    O N N 368 
TYL H2   H N N 369 
TYL H3   H N N 370 
TYL H5   H N N 371 
TYL H6   H N N 372 
TYL HN   H N N 373 
TYL HM1  H N N 374 
TYL HM2  H N N 375 
TYL HM3  H N N 376 
TYL HO4  H N N 377 
TYR N    N N N 378 
TYR CA   C N S 379 
TYR C    C N N 380 
TYR O    O N N 381 
TYR CB   C N N 382 
TYR CG   C Y N 383 
TYR CD1  C Y N 384 
TYR CD2  C Y N 385 
TYR CE1  C Y N 386 
TYR CE2  C Y N 387 
TYR CZ   C Y N 388 
TYR OH   O N N 389 
TYR OXT  O N N 390 
TYR H    H N N 391 
TYR H2   H N N 392 
TYR HA   H N N 393 
TYR HB2  H N N 394 
TYR HB3  H N N 395 
TYR HD1  H N N 396 
TYR HD2  H N N 397 
TYR HE1  H N N 398 
TYR HE2  H N N 399 
TYR HH   H N N 400 
TYR HXT  H N N 401 
VAL N    N N N 402 
VAL CA   C N S 403 
VAL C    C N N 404 
VAL O    O N N 405 
VAL CB   C N N 406 
VAL CG1  C N N 407 
VAL CG2  C N N 408 
VAL OXT  O N N 409 
VAL H    H N N 410 
VAL H2   H N N 411 
VAL HA   H N N 412 
VAL HB   H N N 413 
VAL HG11 H N N 414 
VAL HG12 H N N 415 
VAL HG13 H N N 416 
VAL HG21 H N N 417 
VAL HG22 H N N 418 
VAL HG23 H N N 419 
VAL HXT  H N N 420 
# 
loop_
_chem_comp_bond.comp_id 
_chem_comp_bond.atom_id_1 
_chem_comp_bond.atom_id_2 
_chem_comp_bond.value_order 
_chem_comp_bond.pdbx_aromatic_flag 
_chem_comp_bond.pdbx_stereo_config 
_chem_comp_bond.pdbx_ordinal 
ALA N   CA   sing N N 1   
ALA N   H    sing N N 2   
ALA N   H2   sing N N 3   
ALA CA  C    sing N N 4   
ALA CA  CB   sing N N 5   
ALA CA  HA   sing N N 6   
ALA C   O    doub N N 7   
ALA C   OXT  sing N N 8   
ALA CB  HB1  sing N N 9   
ALA CB  HB2  sing N N 10  
ALA CB  HB3  sing N N 11  
ALA OXT HXT  sing N N 12  
ARG N   CA   sing N N 13  
ARG N   H    sing N N 14  
ARG N   H2   sing N N 15  
ARG CA  C    sing N N 16  
ARG CA  CB   sing N N 17  
ARG CA  HA   sing N N 18  
ARG C   O    doub N N 19  
ARG C   OXT  sing N N 20  
ARG CB  CG   sing N N 21  
ARG CB  HB2  sing N N 22  
ARG CB  HB3  sing N N 23  
ARG CG  CD   sing N N 24  
ARG CG  HG2  sing N N 25  
ARG CG  HG3  sing N N 26  
ARG CD  NE   sing N N 27  
ARG CD  HD2  sing N N 28  
ARG CD  HD3  sing N N 29  
ARG NE  CZ   sing N N 30  
ARG NE  HE   sing N N 31  
ARG CZ  NH1  sing N N 32  
ARG CZ  NH2  doub N N 33  
ARG NH1 HH11 sing N N 34  
ARG NH1 HH12 sing N N 35  
ARG NH2 HH21 sing N N 36  
ARG NH2 HH22 sing N N 37  
ARG OXT HXT  sing N N 38  
ASN N   CA   sing N N 39  
ASN N   H    sing N N 40  
ASN N   H2   sing N N 41  
ASN CA  C    sing N N 42  
ASN CA  CB   sing N N 43  
ASN CA  HA   sing N N 44  
ASN C   O    doub N N 45  
ASN C   OXT  sing N N 46  
ASN CB  CG   sing N N 47  
ASN CB  HB2  sing N N 48  
ASN CB  HB3  sing N N 49  
ASN CG  OD1  doub N N 50  
ASN CG  ND2  sing N N 51  
ASN ND2 HD21 sing N N 52  
ASN ND2 HD22 sing N N 53  
ASN OXT HXT  sing N N 54  
ASP N   CA   sing N N 55  
ASP N   H    sing N N 56  
ASP N   H2   sing N N 57  
ASP CA  C    sing N N 58  
ASP CA  CB   sing N N 59  
ASP CA  HA   sing N N 60  
ASP C   O    doub N N 61  
ASP C   OXT  sing N N 62  
ASP CB  CG   sing N N 63  
ASP CB  HB2  sing N N 64  
ASP CB  HB3  sing N N 65  
ASP CG  OD1  doub N N 66  
ASP CG  OD2  sing N N 67  
ASP OD2 HD2  sing N N 68  
ASP OXT HXT  sing N N 69  
CYS N   CA   sing N N 70  
CYS N   H    sing N N 71  
CYS N   H2   sing N N 72  
CYS CA  C    sing N N 73  
CYS CA  CB   sing N N 74  
CYS CA  HA   sing N N 75  
CYS C   O    doub N N 76  
CYS C   OXT  sing N N 77  
CYS CB  SG   sing N N 78  
CYS CB  HB2  sing N N 79  
CYS CB  HB3  sing N N 80  
CYS SG  HG   sing N N 81  
CYS OXT HXT  sing N N 82  
EDO C1  O1   sing N N 83  
EDO C1  C2   sing N N 84  
EDO C1  H11  sing N N 85  
EDO C1  H12  sing N N 86  
EDO O1  HO1  sing N N 87  
EDO C2  O2   sing N N 88  
EDO C2  H21  sing N N 89  
EDO C2  H22  sing N N 90  
EDO O2  HO2  sing N N 91  
GLN N   CA   sing N N 92  
GLN N   H    sing N N 93  
GLN N   H2   sing N N 94  
GLN CA  C    sing N N 95  
GLN CA  CB   sing N N 96  
GLN CA  HA   sing N N 97  
GLN C   O    doub N N 98  
GLN C   OXT  sing N N 99  
GLN CB  CG   sing N N 100 
GLN CB  HB2  sing N N 101 
GLN CB  HB3  sing N N 102 
GLN CG  CD   sing N N 103 
GLN CG  HG2  sing N N 104 
GLN CG  HG3  sing N N 105 
GLN CD  OE1  doub N N 106 
GLN CD  NE2  sing N N 107 
GLN NE2 HE21 sing N N 108 
GLN NE2 HE22 sing N N 109 
GLN OXT HXT  sing N N 110 
GLU N   CA   sing N N 111 
GLU N   H    sing N N 112 
GLU N   H2   sing N N 113 
GLU CA  C    sing N N 114 
GLU CA  CB   sing N N 115 
GLU CA  HA   sing N N 116 
GLU C   O    doub N N 117 
GLU C   OXT  sing N N 118 
GLU CB  CG   sing N N 119 
GLU CB  HB2  sing N N 120 
GLU CB  HB3  sing N N 121 
GLU CG  CD   sing N N 122 
GLU CG  HG2  sing N N 123 
GLU CG  HG3  sing N N 124 
GLU CD  OE1  doub N N 125 
GLU CD  OE2  sing N N 126 
GLU OE2 HE2  sing N N 127 
GLU OXT HXT  sing N N 128 
GLY N   CA   sing N N 129 
GLY N   H    sing N N 130 
GLY N   H2   sing N N 131 
GLY CA  C    sing N N 132 
GLY CA  HA2  sing N N 133 
GLY CA  HA3  sing N N 134 
GLY C   O    doub N N 135 
GLY C   OXT  sing N N 136 
GLY OXT HXT  sing N N 137 
HIS N   CA   sing N N 138 
HIS N   H    sing N N 139 
HIS N   H2   sing N N 140 
HIS CA  C    sing N N 141 
HIS CA  CB   sing N N 142 
HIS CA  HA   sing N N 143 
HIS C   O    doub N N 144 
HIS C   OXT  sing N N 145 
HIS CB  CG   sing N N 146 
HIS CB  HB2  sing N N 147 
HIS CB  HB3  sing N N 148 
HIS CG  ND1  sing Y N 149 
HIS CG  CD2  doub Y N 150 
HIS ND1 CE1  doub Y N 151 
HIS ND1 HD1  sing N N 152 
HIS CD2 NE2  sing Y N 153 
HIS CD2 HD2  sing N N 154 
HIS CE1 NE2  sing Y N 155 
HIS CE1 HE1  sing N N 156 
HIS NE2 HE2  sing N N 157 
HIS OXT HXT  sing N N 158 
HOH O   H1   sing N N 159 
HOH O   H2   sing N N 160 
ILE N   CA   sing N N 161 
ILE N   H    sing N N 162 
ILE N   H2   sing N N 163 
ILE CA  C    sing N N 164 
ILE CA  CB   sing N N 165 
ILE CA  HA   sing N N 166 
ILE C   O    doub N N 167 
ILE C   OXT  sing N N 168 
ILE CB  CG1  sing N N 169 
ILE CB  CG2  sing N N 170 
ILE CB  HB   sing N N 171 
ILE CG1 CD1  sing N N 172 
ILE CG1 HG12 sing N N 173 
ILE CG1 HG13 sing N N 174 
ILE CG2 HG21 sing N N 175 
ILE CG2 HG22 sing N N 176 
ILE CG2 HG23 sing N N 177 
ILE CD1 HD11 sing N N 178 
ILE CD1 HD12 sing N N 179 
ILE CD1 HD13 sing N N 180 
ILE OXT HXT  sing N N 181 
LEU N   CA   sing N N 182 
LEU N   H    sing N N 183 
LEU N   H2   sing N N 184 
LEU CA  C    sing N N 185 
LEU CA  CB   sing N N 186 
LEU CA  HA   sing N N 187 
LEU C   O    doub N N 188 
LEU C   OXT  sing N N 189 
LEU CB  CG   sing N N 190 
LEU CB  HB2  sing N N 191 
LEU CB  HB3  sing N N 192 
LEU CG  CD1  sing N N 193 
LEU CG  CD2  sing N N 194 
LEU CG  HG   sing N N 195 
LEU CD1 HD11 sing N N 196 
LEU CD1 HD12 sing N N 197 
LEU CD1 HD13 sing N N 198 
LEU CD2 HD21 sing N N 199 
LEU CD2 HD22 sing N N 200 
LEU CD2 HD23 sing N N 201 
LEU OXT HXT  sing N N 202 
LYS N   CA   sing N N 203 
LYS N   H    sing N N 204 
LYS N   H2   sing N N 205 
LYS CA  C    sing N N 206 
LYS CA  CB   sing N N 207 
LYS CA  HA   sing N N 208 
LYS C   O    doub N N 209 
LYS C   OXT  sing N N 210 
LYS CB  CG   sing N N 211 
LYS CB  HB2  sing N N 212 
LYS CB  HB3  sing N N 213 
LYS CG  CD   sing N N 214 
LYS CG  HG2  sing N N 215 
LYS CG  HG3  sing N N 216 
LYS CD  CE   sing N N 217 
LYS CD  HD2  sing N N 218 
LYS CD  HD3  sing N N 219 
LYS CE  NZ   sing N N 220 
LYS CE  HE2  sing N N 221 
LYS CE  HE3  sing N N 222 
LYS NZ  HZ1  sing N N 223 
LYS NZ  HZ2  sing N N 224 
LYS NZ  HZ3  sing N N 225 
LYS OXT HXT  sing N N 226 
MET N   CA   sing N N 227 
MET N   H    sing N N 228 
MET N   H2   sing N N 229 
MET CA  C    sing N N 230 
MET CA  CB   sing N N 231 
MET CA  HA   sing N N 232 
MET C   O    doub N N 233 
MET C   OXT  sing N N 234 
MET CB  CG   sing N N 235 
MET CB  HB2  sing N N 236 
MET CB  HB3  sing N N 237 
MET CG  SD   sing N N 238 
MET CG  HG2  sing N N 239 
MET CG  HG3  sing N N 240 
MET SD  CE   sing N N 241 
MET CE  HE1  sing N N 242 
MET CE  HE2  sing N N 243 
MET CE  HE3  sing N N 244 
MET OXT HXT  sing N N 245 
PHE N   CA   sing N N 246 
PHE N   H    sing N N 247 
PHE N   H2   sing N N 248 
PHE CA  C    sing N N 249 
PHE CA  CB   sing N N 250 
PHE CA  HA   sing N N 251 
PHE C   O    doub N N 252 
PHE C   OXT  sing N N 253 
PHE CB  CG   sing N N 254 
PHE CB  HB2  sing N N 255 
PHE CB  HB3  sing N N 256 
PHE CG  CD1  doub Y N 257 
PHE CG  CD2  sing Y N 258 
PHE CD1 CE1  sing Y N 259 
PHE CD1 HD1  sing N N 260 
PHE CD2 CE2  doub Y N 261 
PHE CD2 HD2  sing N N 262 
PHE CE1 CZ   doub Y N 263 
PHE CE1 HE1  sing N N 264 
PHE CE2 CZ   sing Y N 265 
PHE CE2 HE2  sing N N 266 
PHE CZ  HZ   sing N N 267 
PHE OXT HXT  sing N N 268 
PRO N   CA   sing N N 269 
PRO N   CD   sing N N 270 
PRO N   H    sing N N 271 
PRO CA  C    sing N N 272 
PRO CA  CB   sing N N 273 
PRO CA  HA   sing N N 274 
PRO C   O    doub N N 275 
PRO C   OXT  sing N N 276 
PRO CB  CG   sing N N 277 
PRO CB  HB2  sing N N 278 
PRO CB  HB3  sing N N 279 
PRO CG  CD   sing N N 280 
PRO CG  HG2  sing N N 281 
PRO CG  HG3  sing N N 282 
PRO CD  HD2  sing N N 283 
PRO CD  HD3  sing N N 284 
PRO OXT HXT  sing N N 285 
SER N   CA   sing N N 286 
SER N   H    sing N N 287 
SER N   H2   sing N N 288 
SER CA  C    sing N N 289 
SER CA  CB   sing N N 290 
SER CA  HA   sing N N 291 
SER C   O    doub N N 292 
SER C   OXT  sing N N 293 
SER CB  OG   sing N N 294 
SER CB  HB2  sing N N 295 
SER CB  HB3  sing N N 296 
SER OG  HG   sing N N 297 
SER OXT HXT  sing N N 298 
THR N   CA   sing N N 299 
THR N   H    sing N N 300 
THR N   H2   sing N N 301 
THR CA  C    sing N N 302 
THR CA  CB   sing N N 303 
THR CA  HA   sing N N 304 
THR C   O    doub N N 305 
THR C   OXT  sing N N 306 
THR CB  OG1  sing N N 307 
THR CB  CG2  sing N N 308 
THR CB  HB   sing N N 309 
THR OG1 HG1  sing N N 310 
THR CG2 HG21 sing N N 311 
THR CG2 HG22 sing N N 312 
THR CG2 HG23 sing N N 313 
THR OXT HXT  sing N N 314 
TRP N   CA   sing N N 315 
TRP N   H    sing N N 316 
TRP N   H2   sing N N 317 
TRP CA  C    sing N N 318 
TRP CA  CB   sing N N 319 
TRP CA  HA   sing N N 320 
TRP C   O    doub N N 321 
TRP C   OXT  sing N N 322 
TRP CB  CG   sing N N 323 
TRP CB  HB2  sing N N 324 
TRP CB  HB3  sing N N 325 
TRP CG  CD1  doub Y N 326 
TRP CG  CD2  sing Y N 327 
TRP CD1 NE1  sing Y N 328 
TRP CD1 HD1  sing N N 329 
TRP CD2 CE2  doub Y N 330 
TRP CD2 CE3  sing Y N 331 
TRP NE1 CE2  sing Y N 332 
TRP NE1 HE1  sing N N 333 
TRP CE2 CZ2  sing Y N 334 
TRP CE3 CZ3  doub Y N 335 
TRP CE3 HE3  sing N N 336 
TRP CZ2 CH2  doub Y N 337 
TRP CZ2 HZ2  sing N N 338 
TRP CZ3 CH2  sing Y N 339 
TRP CZ3 HZ3  sing N N 340 
TRP CH2 HH2  sing N N 341 
TRP OXT HXT  sing N N 342 
TYL C1  C2   doub Y N 343 
TYL C1  C6   sing Y N 344 
TYL C1  N    sing N N 345 
TYL C2  C3   sing Y N 346 
TYL C2  H2   sing N N 347 
TYL C3  C4   doub Y N 348 
TYL C3  H3   sing N N 349 
TYL C4  C5   sing Y N 350 
TYL C4  O4   sing N N 351 
TYL C5  C6   doub Y N 352 
TYL C5  H5   sing N N 353 
TYL C6  H6   sing N N 354 
TYL N   C    sing N N 355 
TYL N   HN   sing N N 356 
TYL C   CM   sing N N 357 
TYL C   O    doub N N 358 
TYL CM  HM1  sing N N 359 
TYL CM  HM2  sing N N 360 
TYL CM  HM3  sing N N 361 
TYL O4  HO4  sing N N 362 
TYR N   CA   sing N N 363 
TYR N   H    sing N N 364 
TYR N   H2   sing N N 365 
TYR CA  C    sing N N 366 
TYR CA  CB   sing N N 367 
TYR CA  HA   sing N N 368 
TYR C   O    doub N N 369 
TYR C   OXT  sing N N 370 
TYR CB  CG   sing N N 371 
TYR CB  HB2  sing N N 372 
TYR CB  HB3  sing N N 373 
TYR CG  CD1  doub Y N 374 
TYR CG  CD2  sing Y N 375 
TYR CD1 CE1  sing Y N 376 
TYR CD1 HD1  sing N N 377 
TYR CD2 CE2  doub Y N 378 
TYR CD2 HD2  sing N N 379 
TYR CE1 CZ   doub Y N 380 
TYR CE1 HE1  sing N N 381 
TYR CE2 CZ   sing Y N 382 
TYR CE2 HE2  sing N N 383 
TYR CZ  OH   sing N N 384 
TYR OH  HH   sing N N 385 
TYR OXT HXT  sing N N 386 
VAL N   CA   sing N N 387 
VAL N   H    sing N N 388 
VAL N   H2   sing N N 389 
VAL CA  C    sing N N 390 
VAL CA  CB   sing N N 391 
VAL CA  HA   sing N N 392 
VAL C   O    doub N N 393 
VAL C   OXT  sing N N 394 
VAL CB  CG1  sing N N 395 
VAL CB  CG2  sing N N 396 
VAL CB  HB   sing N N 397 
VAL CG1 HG11 sing N N 398 
VAL CG1 HG12 sing N N 399 
VAL CG1 HG13 sing N N 400 
VAL CG2 HG21 sing N N 401 
VAL CG2 HG22 sing N N 402 
VAL CG2 HG23 sing N N 403 
VAL OXT HXT  sing N N 404 
# 
_pdbx_deposit_group.group_id            G_1002018 
_pdbx_deposit_group.group_description   
;bromodomain of human BAZ2B screened against the ZENOBIA Fragment Library by X-ray Crystallography at the XChem
facility of Diamond Light Source beamline I04-1. Check out the PanDDA event maps at
https://zenodo.org/record/290199/files/0_index.html
;
_pdbx_deposit_group.group_title         'PanDDA analysis group deposition of models with modelled events (e.g. bound ligands)' 
_pdbx_deposit_group.group_type          'changed state' 
# 
_atom_sites.entry_id                    5PBE 
_atom_sites.fract_transf_matrix[1][1]   -0.00094613 
_atom_sites.fract_transf_matrix[1][2]   -0.00900928 
_atom_sites.fract_transf_matrix[1][3]   0.00783493 
_atom_sites.fract_transf_matrix[2][1]   -0.00676187 
_atom_sites.fract_transf_matrix[2][2]   -0.00468209 
_atom_sites.fract_transf_matrix[2][3]   -0.00620042 
_atom_sites.fract_transf_matrix[3][1]   0.01290619 
_atom_sites.fract_transf_matrix[3][2]   -0.00820645 
_atom_sites.fract_transf_matrix[3][3]   -0.00787796 
_atom_sites.fract_transf_vector[1]      0.280555 
_atom_sites.fract_transf_vector[2]      0.295537 
_atom_sites.fract_transf_vector[3]      0.467466 
# 
loop_
_atom_type.symbol 
C 
H 
N 
O 
S 
# 
loop_
_atom_site.group_PDB 
_atom_site.id 
_atom_site.type_symbol 
_atom_site.label_atom_id 
_atom_site.label_alt_id 
_atom_site.label_comp_id 
_atom_site.label_asym_id 
_atom_site.label_entity_id 
_atom_site.label_seq_id 
_atom_site.pdbx_PDB_ins_code 
_atom_site.Cartn_x 
_atom_site.Cartn_y 
_atom_site.Cartn_z 
_atom_site.occupancy 
_atom_site.B_iso_or_equiv 
_atom_site.pdbx_formal_charge 
_atom_site.auth_seq_id 
_atom_site.auth_comp_id 
_atom_site.auth_asym_id 
_atom_site.auth_atom_id 
_atom_site.pdbx_PDB_model_num 
ATOM   1    N N   . SER A 1 22  ? -4.000  -13.009 29.048  1.00 34.07 ? 1856 SER A N   1 
ATOM   2    C CA  . SER A 1 22  ? -5.362  -13.044 29.578  1.00 32.93 ? 1856 SER A CA  1 
ATOM   3    C C   . SER A 1 22  ? -5.546  -11.952 30.629  1.00 34.87 ? 1856 SER A C   1 
ATOM   4    O O   . SER A 1 22  ? -4.690  -11.077 30.770  1.00 30.97 ? 1856 SER A O   1 
ATOM   5    C CB  . SER A 1 22  ? -5.673  -14.421 30.172  1.00 28.97 ? 1856 SER A CB  1 
ATOM   6    O OG  . SER A 1 22  ? -4.861  -14.688 31.302  1.00 26.08 ? 1856 SER A OG  1 
ATOM   7    N N   . MET A 1 23  ? -6.657  -12.004 31.364  1.00 29.13 ? 1857 MET A N   1 
ATOM   8    C CA  . MET A 1 23  ? -6.987  -10.965 32.343  1.00 29.30 ? 1857 MET A CA  1 
ATOM   9    C C   . MET A 1 23  ? -5.857  -10.722 33.348  1.00 32.50 ? 1857 MET A C   1 
ATOM   10   O O   . MET A 1 23  ? -5.481  -11.615 34.107  1.00 30.38 ? 1857 MET A O   1 
ATOM   11   C CB  . MET A 1 23  ? -8.274  -11.326 33.097  1.00 29.97 ? 1857 MET A CB  1 
ATOM   12   C CG  . MET A 1 23  ? -9.004  -10.132 33.681  1.00 26.79 ? 1857 MET A CG  1 
ATOM   13   S SD  . MET A 1 23  ? -10.371 -10.532 34.796  1.00 27.07 ? 1857 MET A SD  1 
ATOM   14   C CE  . MET A 1 23  ? -11.168 -11.928 33.995  1.00 27.70 ? 1857 MET A CE  1 
ATOM   15   N N   . SER A 1 24  ? -5.328  -9.499  33.353  1.00 28.56 ? 1858 SER A N   1 
ATOM   16   C CA  . SER A 1 24  ? -4.237  -9.117  34.262  1.00 30.28 ? 1858 SER A CA  1 
ATOM   17   C C   . SER A 1 24  ? -2.924  -9.889  34.003  1.00 31.91 ? 1858 SER A C   1 
ATOM   18   O O   . SER A 1 24  ? -2.067  -9.994  34.885  1.00 39.69 ? 1858 SER A O   1 
ATOM   19   C CB  . SER A 1 24  ? -4.667  -9.300  35.718  1.00 29.84 ? 1858 SER A CB  1 
ATOM   20   O OG  . SER A 1 24  ? -5.868  -8.593  35.995  1.00 32.03 ? 1858 SER A OG  1 
ATOM   21   N N   . VAL A 1 25  ? -2.785  -10.428 32.797  1.00 28.88 ? 1859 VAL A N   1 
ATOM   22   C CA  . VAL A 1 25  ? -1.550  -11.093 32.357  1.00 35.99 ? 1859 VAL A CA  1 
ATOM   23   C C   . VAL A 1 25  ? -1.148  -10.596 30.970  1.00 34.42 ? 1859 VAL A C   1 
ATOM   24   O O   . VAL A 1 25  ? -1.719  -11.012 29.962  1.00 32.19 ? 1859 VAL A O   1 
ATOM   25   C CB  . VAL A 1 25  ? -1.704  -12.630 32.317  1.00 34.14 ? 1859 VAL A CB  1 
ATOM   26   C CG1 . VAL A 1 25  ? -0.449  -13.287 31.743  1.00 33.49 ? 1859 VAL A CG1 1 
ATOM   27   C CG2 . VAL A 1 25  ? -2.007  -13.154 33.707  1.00 30.34 ? 1859 VAL A CG2 1 
ATOM   28   N N   . LYS A 1 26  ? -0.162  -9.706  30.921  1.00 37.59 ? 1860 LYS A N   1 
ATOM   29   C CA  . LYS A 1 26  ? 0.203   -9.044  29.670  1.00 39.90 ? 1860 LYS A CA  1 
ATOM   30   C C   . LYS A 1 26  ? 1.642   -9.266  29.225  1.00 32.69 ? 1860 LYS A C   1 
ATOM   31   O O   . LYS A 1 26  ? 2.563   -9.233  30.046  1.00 30.45 ? 1860 LYS A O   1 
ATOM   32   C CB  . LYS A 1 26  ? -0.051  -7.536  29.788  1.00 44.24 ? 1860 LYS A CB  1 
ATOM   33   C CG  . LYS A 1 26  ? -1.508  -7.163  29.598  1.00 61.75 ? 1860 LYS A CG  1 
ATOM   34   C CD  . LYS A 1 26  ? -2.030  -7.704  28.265  1.00 59.56 ? 1860 LYS A CD  1 
ATOM   35   C CE  . LYS A 1 26  ? -3.549  -7.702  28.228  1.00 55.97 ? 1860 LYS A CE  1 
ATOM   36   N NZ  . LYS A 1 26  ? -4.096  -8.456  29.386  1.00 44.56 ? 1860 LYS A NZ  1 
ATOM   37   N N   . LYS A 1 27  ? 1.813   -9.500  27.921  1.00 28.77 ? 1861 LYS A N   1 
ATOM   38   C CA  . LYS A 1 27  ? 3.117   -9.458  27.255  1.00 41.39 ? 1861 LYS A CA  1 
ATOM   39   C C   . LYS A 1 27  ? 3.785   -8.109  27.438  1.00 39.88 ? 1861 LYS A C   1 
ATOM   40   O O   . LYS A 1 27  ? 3.104   -7.097  27.587  1.00 43.38 ? 1861 LYS A O   1 
ATOM   41   C CB  . LYS A 1 27  ? 2.988   -9.707  25.747  1.00 48.43 ? 1861 LYS A CB  1 
ATOM   42   C CG  . LYS A 1 27  ? 2.687   -11.118 25.296  1.00 47.20 ? 1861 LYS A CG  1 
ATOM   43   C CD  . LYS A 1 27  ? 3.181   -11.291 23.854  1.00 49.96 ? 1861 LYS A CD  1 
ATOM   44   C CE  . LYS A 1 27  ? 2.599   -12.521 23.193  1.00 44.86 ? 1861 LYS A CE  1 
ATOM   45   N NZ  . LYS A 1 27  ? 1.127   -12.389 23.033  1.00 52.29 ? 1861 LYS A NZ  1 
ATOM   46   N N   . PRO A 1 28  ? 5.125   -8.084  27.404  1.00 44.21 ? 1862 PRO A N   1 
ATOM   47   C CA  . PRO A 1 28  ? 5.867   -6.817  27.423  1.00 46.85 ? 1862 PRO A CA  1 
ATOM   48   C C   . PRO A 1 28  ? 5.407   -5.876  26.305  1.00 54.05 ? 1862 PRO A C   1 
ATOM   49   O O   . PRO A 1 28  ? 5.111   -6.337  25.199  1.00 43.15 ? 1862 PRO A O   1 
ATOM   50   C CB  . PRO A 1 28  ? 7.315   -7.261  27.220  1.00 47.79 ? 1862 PRO A CB  1 
ATOM   51   C CG  . PRO A 1 28  ? 7.352   -8.631  27.816  1.00 47.61 ? 1862 PRO A CG  1 
ATOM   52   C CD  . PRO A 1 28  ? 6.019   -9.250  27.485  1.00 42.94 ? 1862 PRO A CD  1 
ATOM   53   N N   . LYS A 1 29  ? 5.340   -4.579  26.606  1.00 47.36 ? 1863 LYS A N   1 
ATOM   54   C CA  . LYS A 1 29  ? 4.756   -3.595  25.692  1.00 68.04 ? 1863 LYS A CA  1 
ATOM   55   C C   . LYS A 1 29  ? 5.722   -3.096  24.608  1.00 54.01 ? 1863 LYS A C   1 
ATOM   56   O O   . LYS A 1 29  ? 6.630   -2.316  24.893  1.00 59.18 ? 1863 LYS A O   1 
ATOM   57   C CB  . LYS A 1 29  ? 4.225   -2.397  26.489  1.00 57.85 ? 1863 LYS A CB  1 
ATOM   58   N N   . ARG A 1 30  ? 5.512   -3.547  23.370  1.00 41.52 ? 1864 ARG A N   1 
ATOM   59   C CA  . ARG A 1 30  ? 6.242   -3.019  22.214  1.00 57.60 ? 1864 ARG A CA  1 
ATOM   60   C C   . ARG A 1 30  ? 6.004   -1.516  22.011  1.00 54.42 ? 1864 ARG A C   1 
ATOM   61   O O   . ARG A 1 30  ? 4.867   -1.042  22.086  1.00 54.13 ? 1864 ARG A O   1 
ATOM   62   C CB  . ARG A 1 30  ? 5.850   -3.767  20.937  1.00 53.79 ? 1864 ARG A CB  1 
ATOM   63   C CG  . ARG A 1 30  ? 6.480   -3.154  19.702  1.00 49.29 ? 1864 ARG A CG  1 
ATOM   64   C CD  . ARG A 1 30  ? 5.877   -3.627  18.385  1.00 42.23 ? 1864 ARG A CD  1 
ATOM   65   N NE  . ARG A 1 30  ? 6.441   -2.841  17.285  1.00 49.99 ? 1864 ARG A NE  1 
ATOM   66   C CZ  . ARG A 1 30  ? 5.828   -1.815  16.694  1.00 46.53 ? 1864 ARG A CZ  1 
ATOM   67   N NH1 . ARG A 1 30  ? 4.601   -1.462  17.060  1.00 34.79 ? 1864 ARG A NH1 1 
ATOM   68   N NH2 . ARG A 1 30  ? 6.437   -1.146  15.724  1.00 36.05 ? 1864 ARG A NH2 1 
ATOM   69   N N   . ASP A 1 31  ? 7.076   -0.772  21.750  1.00 43.27 ? 1865 ASP A N   1 
ATOM   70   C CA  . ASP A 1 31  ? 6.988   0.677   21.561  1.00 49.30 ? 1865 ASP A CA  1 
ATOM   71   C C   . ASP A 1 31  ? 6.400   1.018   20.188  1.00 43.53 ? 1865 ASP A C   1 
ATOM   72   O O   . ASP A 1 31  ? 7.065   0.845   19.166  1.00 35.93 ? 1865 ASP A O   1 
ATOM   73   C CB  . ASP A 1 31  ? 8.372   1.322   21.715  1.00 43.12 ? 1865 ASP A CB  1 
ATOM   74   C CG  . ASP A 1 31  ? 8.310   2.845   21.817  1.00 47.19 ? 1865 ASP A CG  1 
ATOM   75   O OD1 . ASP A 1 31  ? 7.213   3.429   21.671  1.00 42.23 ? 1865 ASP A OD1 1 
ATOM   76   O OD2 . ASP A 1 31  ? 9.374   3.464   22.041  1.00 57.21 ? 1865 ASP A OD2 1 
ATOM   77   N N   . ASP A 1 32  ? 5.161   1.506   20.169  1.00 40.92 ? 1866 ASP A N   1 
ATOM   78   C CA  . ASP A 1 32  ? 4.478   1.824   18.910  1.00 36.52 ? 1866 ASP A CA  1 
ATOM   79   C C   . ASP A 1 32  ? 4.341   3.330   18.674  1.00 38.57 ? 1866 ASP A C   1 
ATOM   80   O O   . ASP A 1 32  ? 3.635   3.765   17.754  1.00 32.03 ? 1866 ASP A O   1 
ATOM   81   C CB  . ASP A 1 32  ? 3.088   1.181   18.888  1.00 32.16 ? 1866 ASP A CB  1 
ATOM   82   C CG  . ASP A 1 32  ? 2.154   1.779   19.923  1.00 36.83 ? 1866 ASP A CG  1 
ATOM   83   O OD1 . ASP A 1 32  ? 2.646   2.409   20.882  1.00 44.75 ? 1866 ASP A OD1 1 
ATOM   84   O OD2 . ASP A 1 32  ? 0.927   1.612   19.786  1.00 43.27 ? 1866 ASP A OD2 1 
ATOM   85   N N   . SER A 1 33  ? 5.005   4.124   19.507  1.00 33.87 ? 1867 SER A N   1 
ATOM   86   C CA  . SER A 1 33  ? 4.814   5.572   19.505  1.00 36.81 ? 1867 SER A CA  1 
ATOM   87   C C   . SER A 1 33  ? 5.342   6.238   18.230  1.00 26.71 ? 1867 SER A C   1 
ATOM   88   O O   . SER A 1 33  ? 4.938   7.350   17.893  1.00 34.57 ? 1867 SER A O   1 
ATOM   89   C CB  . SER A 1 33  ? 5.492   6.197   20.727  1.00 39.78 ? 1867 SER A CB  1 
ATOM   90   O OG  . SER A 1 33  ? 6.896   6.013   20.678  1.00 43.57 ? 1867 SER A OG  1 
ATOM   91   N N   . LYS A 1 34  ? 6.243   5.566   17.529  1.00 33.53 ? 1868 LYS A N   1 
ATOM   92   C CA  . LYS A 1 34  ? 6.806   6.147   16.315  1.00 32.27 ? 1868 LYS A CA  1 
ATOM   93   C C   . LYS A 1 34  ? 6.226   5.535   15.031  1.00 29.96 ? 1868 LYS A C   1 
ATOM   94   O O   . LYS A 1 34  ? 6.657   5.874   13.924  1.00 29.24 ? 1868 LYS A O   1 
ATOM   95   C CB  . LYS A 1 34  ? 8.325   6.001   16.334  1.00 35.36 ? 1868 LYS A CB  1 
ATOM   96   C CG  . LYS A 1 34  ? 8.984   6.771   17.489  1.00 37.24 ? 1868 LYS A CG  1 
ATOM   97   C CD  . LYS A 1 34  ? 10.485  6.586   17.494  1.00 52.33 ? 1868 LYS A CD  1 
ATOM   98   N N   . ASP A 1 35  ? 5.239   4.654   15.178  1.00 25.90 ? 1869 ASP A N   1 
ATOM   99   C CA  . ASP A 1 35  ? 4.691   3.936   14.021  1.00 27.13 ? 1869 ASP A CA  1 
ATOM   100  C C   . ASP A 1 35  ? 4.085   4.881   12.972  1.00 26.19 ? 1869 ASP A C   1 
ATOM   101  O O   . ASP A 1 35  ? 4.280   4.692   11.767  1.00 26.42 ? 1869 ASP A O   1 
ATOM   102  C CB  . ASP A 1 35  ? 3.637   2.916   14.468  1.00 25.90 ? 1869 ASP A CB  1 
ATOM   103  C CG  . ASP A 1 35  ? 4.247   1.709   15.165  1.00 27.90 ? 1869 ASP A CG  1 
ATOM   104  O OD1 . ASP A 1 35  ? 5.481   1.690   15.367  1.00 28.94 ? 1869 ASP A OD1 1 
ATOM   105  O OD2 . ASP A 1 35  ? 3.487   0.782   15.528  1.00 29.53 ? 1869 ASP A OD2 1 
ATOM   106  N N   . LEU A 1 36  ? 3.341   5.883   13.423  1.00 22.29 ? 1870 LEU A N   1 
ATOM   107  C CA  . LEU A 1 36  ? 2.674   6.796   12.487  1.00 31.78 ? 1870 LEU A CA  1 
ATOM   108  C C   . LEU A 1 36  ? 3.702   7.536   11.634  1.00 31.91 ? 1870 LEU A C   1 
ATOM   109  O O   . LEU A 1 36  ? 3.585   7.593   10.407  1.00 30.58 ? 1870 LEU A O   1 
ATOM   110  C CB  . LEU A 1 36  ? 1.777   7.784   13.241  1.00 30.49 ? 1870 LEU A CB  1 
ATOM   111  C CG  . LEU A 1 36  ? 1.007   8.833   12.426  1.00 40.83 ? 1870 LEU A CG  1 
ATOM   112  C CD1 . LEU A 1 36  ? 0.047   8.192   11.421  1.00 31.16 ? 1870 LEU A CD1 1 
ATOM   113  C CD2 . LEU A 1 36  ? 0.240   9.760   13.353  1.00 39.32 ? 1870 LEU A CD2 1 
ATOM   114  N N   . ALA A 1 37  ? 4.727   8.076   12.281  1.00 30.28 ? 1871 ALA A N   1 
ATOM   115  C CA  . ALA A 1 37  ? 5.812   8.765   11.579  1.00 29.68 ? 1871 ALA A CA  1 
ATOM   116  C C   . ALA A 1 37  ? 6.593   7.869   10.614  1.00 35.33 ? 1871 ALA A C   1 
ATOM   117  O O   . ALA A 1 37  ? 7.011   8.315   9.541   1.00 30.10 ? 1871 ALA A O   1 
ATOM   118  C CB  . ALA A 1 37  ? 6.782   9.387   12.599  1.00 31.66 ? 1871 ALA A CB  1 
ATOM   119  N N   . LEU A 1 38  ? 6.829   6.618   11.001  1.00 24.73 ? 1872 LEU A N   1 
ATOM   120  C CA  . LEU A 1 38  ? 7.595   5.716   10.156  1.00 27.23 ? 1872 LEU A CA  1 
ATOM   121  C C   . LEU A 1 38  ? 6.771   5.259   8.949   1.00 27.72 ? 1872 LEU A C   1 
ATOM   122  O O   . LEU A 1 38  ? 7.301   5.153   7.838   1.00 28.77 ? 1872 LEU A O   1 
ATOM   123  C CB  . LEU A 1 38  ? 8.085   4.510   10.957  1.00 28.41 ? 1872 LEU A CB  1 
ATOM   124  C CG  . LEU A 1 38  ? 9.221   4.840   11.932  1.00 30.07 ? 1872 LEU A CG  1 
ATOM   125  C CD1 . LEU A 1 38  ? 9.340   3.756   12.995  1.00 32.31 ? 1872 LEU A CD1 1 
ATOM   126  C CD2 . LEU A 1 38  ? 10.542  5.007   11.187  1.00 26.85 ? 1872 LEU A CD2 1 
ATOM   127  N N   . CYS A 1 39  ? 5.486   4.987   9.163   1.00 21.81 ? 1873 CYS A N   1 
ATOM   128  C CA  . CYS A 1 39  ? 4.616   4.641   8.030   1.00 24.49 ? 1873 CYS A CA  1 
ATOM   129  C C   . CYS A 1 39  ? 4.540   5.796   7.032   1.00 26.86 ? 1873 CYS A C   1 
ATOM   130  O O   . CYS A 1 39  ? 4.542   5.580   5.819   1.00 24.30 ? 1873 CYS A O   1 
ATOM   131  C CB  . CYS A 1 39  ? 3.219   4.270   8.502   1.00 20.75 ? 1873 CYS A CB  1 
ATOM   132  S SG  . CYS A 1 39  ? 3.136   2.626   9.273   1.00 23.17 ? 1873 CYS A SG  1 
ATOM   133  N N   . SER A 1 40  ? 4.478   7.022   7.549   1.00 23.36 ? 1874 SER A N   1 
ATOM   134  C CA  . SER A 1 40  ? 4.436   8.202   6.684   1.00 26.10 ? 1874 SER A CA  1 
ATOM   135  C C   . SER A 1 40  ? 5.727   8.333   5.853   1.00 26.56 ? 1874 SER A C   1 
ATOM   136  O O   . SER A 1 40  ? 5.691   8.680   4.675   1.00 24.60 ? 1874 SER A O   1 
ATOM   137  C CB  . SER A 1 40  ? 4.199   9.462   7.517   1.00 32.53 ? 1874 SER A CB  1 
ATOM   138  O OG  . SER A 1 40  ? 4.154   10.611  6.684   1.00 35.42 ? 1874 SER A OG  1 
ATOM   139  N N   . MET A 1 41  ? 6.868   8.050   6.475   1.00 26.59 ? 1875 MET A N   1 
ATOM   140  C CA  . MET A 1 41  ? 8.147   8.057   5.775   1.00 32.51 ? 1875 MET A CA  1 
ATOM   141  C C   . MET A 1 41  ? 8.195   7.013   4.668   1.00 32.11 ? 1875 MET A C   1 
ATOM   142  O O   . MET A 1 41  ? 8.695   7.273   3.579   1.00 25.60 ? 1875 MET A O   1 
ATOM   143  C CB  . MET A 1 41  ? 9.303   7.820   6.754   1.00 33.44 ? 1875 MET A CB  1 
ATOM   144  C CG  . MET A 1 41  ? 9.573   8.999   7.680   1.00 50.03 ? 1875 MET A CG  1 
ATOM   145  S SD  . MET A 1 41  ? 11.004  8.725   8.749   1.00 59.65 ? 1875 MET A SD  1 
ATOM   146  C CE  . MET A 1 41  ? 12.262  8.307   7.541   1.00 53.34 ? 1875 MET A CE  1 
ATOM   147  N N   . ILE A 1 42  ? 7.687   5.822   4.955   1.00 20.77 ? 1876 ILE A N   1 
ATOM   148  C CA  . ILE A 1 42  ? 7.672   4.754   3.965   1.00 23.43 ? 1876 ILE A CA  1 
ATOM   149  C C   . ILE A 1 42  ? 6.773   5.144   2.781   1.00 23.81 ? 1876 ILE A C   1 
ATOM   150  O O   . ILE A 1 42  ? 7.140   4.949   1.610   1.00 20.88 ? 1876 ILE A O   1 
ATOM   151  C CB  . ILE A 1 42  ? 7.189   3.426   4.587   1.00 19.50 ? 1876 ILE A CB  1 
ATOM   152  C CG1 . ILE A 1 42  ? 8.229   2.900   5.582   1.00 23.68 ? 1876 ILE A CG1 1 
ATOM   153  C CG2 . ILE A 1 42  ? 6.970   2.389   3.503   1.00 20.57 ? 1876 ILE A CG2 1 
ATOM   154  C CD1 . ILE A 1 42  ? 7.797   1.608   6.289   1.00 26.56 ? 1876 ILE A CD1 1 
ATOM   155  N N   . LEU A 1 43  ? 5.611   5.705   3.094   1.00 22.72 ? 1877 LEU A N   1 
ATOM   156  C CA  . LEU A 1 43  ? 4.650   6.106   2.061   1.00 21.14 ? 1877 LEU A CA  1 
ATOM   157  C C   . LEU A 1 43  ? 5.254   7.208   1.190   1.00 25.14 ? 1877 LEU A C   1 
ATOM   158  O O   . LEU A 1 43  ? 5.088   7.196   -0.029  1.00 22.65 ? 1877 LEU A O   1 
ATOM   159  C CB  . LEU A 1 43  ? 3.331   6.566   2.687   1.00 23.48 ? 1877 LEU A CB  1 
ATOM   160  C CG  . LEU A 1 43  ? 2.185   6.935   1.731   1.00 21.49 ? 1877 LEU A CG  1 
ATOM   161  C CD1 . LEU A 1 43  ? 1.865   5.785   0.790   1.00 16.88 ? 1877 LEU A CD1 1 
ATOM   162  C CD2 . LEU A 1 43  ? 0.936   7.352   2.504   1.00 22.80 ? 1877 LEU A CD2 1 
ATOM   163  N N   . THR A 1 44  ? 5.972   8.148   1.806   1.00 22.39 ? 1878 THR A N   1 
ATOM   164  C CA  . THR A 1 44  ? 6.669   9.194   1.034   1.00 20.04 ? 1878 THR A CA  1 
ATOM   165  C C   . THR A 1 44  ? 7.672   8.595   0.053   1.00 24.07 ? 1878 THR A C   1 
ATOM   166  O O   . THR A 1 44  ? 7.762   9.026   -1.097  1.00 27.51 ? 1878 THR A O   1 
ATOM   167  C CB  . THR A 1 44  ? 7.394   10.193  1.972   1.00 26.85 ? 1878 THR A CB  1 
ATOM   168  O OG1 . THR A 1 44  ? 6.417   10.958  2.678   1.00 26.04 ? 1878 THR A OG1 1 
ATOM   169  C CG2 . THR A 1 44  ? 8.287   11.135  1.174   1.00 29.87 ? 1878 THR A CG2 1 
ATOM   170  N N   . GLU A 1 45  ? 8.418   7.584   0.492   1.00 20.77 ? 1879 GLU A N   1 
ATOM   171  C CA  . GLU A 1 45  ? 9.383   6.935   -0.380  1.00 25.74 ? 1879 GLU A CA  1 
ATOM   172  C C   . GLU A 1 45  ? 8.678   6.181   -1.512  1.00 28.50 ? 1879 GLU A C   1 
ATOM   173  O O   . GLU A 1 45  ? 9.193   6.115   -2.619  1.00 25.02 ? 1879 GLU A O   1 
ATOM   174  C CB  . GLU A 1 45  ? 10.294  6.003   0.422   1.00 29.44 ? 1879 GLU A CB  1 
ATOM   175  C CG  . GLU A 1 45  ? 11.160  6.795   1.416   1.00 27.90 ? 1879 GLU A CG  1 
ATOM   176  C CD  . GLU A 1 45  ? 11.894  5.937   2.441   1.00 46.52 ? 1879 GLU A CD  1 
ATOM   177  O OE1 . GLU A 1 45  ? 11.815  4.694   2.378   1.00 47.75 ? 1879 GLU A OE1 1 
ATOM   178  O OE2 . GLU A 1 45  ? 12.554  6.526   3.327   1.00 58.04 ? 1879 GLU A OE2 1 
ATOM   179  N N   . MET A 1 46  ? 7.503   5.625   -1.237  1.00 23.93 ? 1880 MET A N   1 
ATOM   180  C CA  A MET A 1 46  ? 6.765   4.967   -2.308  0.42 23.60 ? 1880 MET A CA  1 
ATOM   181  C CA  B MET A 1 46  ? 6.675   4.979   -2.257  0.58 23.66 ? 1880 MET A CA  1 
ATOM   182  C C   . MET A 1 46  ? 6.190   5.997   -3.280  1.00 22.68 ? 1880 MET A C   1 
ATOM   183  O O   . MET A 1 46  ? 6.224   5.769   -4.493  1.00 22.29 ? 1880 MET A O   1 
ATOM   184  C CB  A MET A 1 46  ? 5.656   4.075   -1.751  0.42 21.92 ? 1880 MET A CB  1 
ATOM   185  C CB  B MET A 1 46  ? 5.468   4.299   -1.606  0.58 21.25 ? 1880 MET A CB  1 
ATOM   186  C CG  A MET A 1 46  ? 6.185   2.789   -1.118  0.42 20.26 ? 1880 MET A CG  1 
ATOM   187  C CG  B MET A 1 46  ? 5.849   3.269   -0.556  0.58 20.81 ? 1880 MET A CG  1 
ATOM   188  S SD  A MET A 1 46  ? 4.889   1.579   -0.821  0.42 23.28 ? 1880 MET A SD  1 
ATOM   189  S SD  B MET A 1 46  ? 6.575   1.841   -1.363  0.58 22.00 ? 1880 MET A SD  1 
ATOM   190  C CE  A MET A 1 46  ? 3.869   2.488   0.339   0.42 19.13 ? 1880 MET A CE  1 
ATOM   191  C CE  B MET A 1 46  ? 5.109   1.157   -2.140  0.58 22.14 ? 1880 MET A CE  1 
ATOM   192  N N   . GLU A 1 47  ? 5.707   7.126   -2.763  1.00 20.30 ? 1881 GLU A N   1 
ATOM   193  C CA  . GLU A 1 47  ? 5.143   8.181   -3.621  1.00 23.16 ? 1881 GLU A CA  1 
ATOM   194  C C   . GLU A 1 47  ? 6.179   8.767   -4.599  1.00 26.16 ? 1881 GLU A C   1 
ATOM   195  O O   . GLU A 1 47  ? 5.823   9.230   -5.688  1.00 22.76 ? 1881 GLU A O   1 
ATOM   196  C CB  . GLU A 1 47  ? 4.535   9.308   -2.761  1.00 22.48 ? 1881 GLU A CB  1 
ATOM   197  C CG  . GLU A 1 47  ? 3.239   8.933   -2.015  1.00 23.66 ? 1881 GLU A CG  1 
ATOM   198  C CD  . GLU A 1 47  ? 2.905   9.891   -0.862  1.00 29.87 ? 1881 GLU A CD  1 
ATOM   199  O OE1 . GLU A 1 47  ? 3.825   10.523  -0.298  1.00 28.23 ? 1881 GLU A OE1 1 
ATOM   200  O OE2 . GLU A 1 47  ? 1.718   10.010  -0.509  1.00 28.21 ? 1881 GLU A OE2 1 
ATOM   201  N N   . THR A 1 48  ? 7.454   8.739   -4.226  1.00 24.30 ? 1882 THR A N   1 
ATOM   202  C CA  . THR A 1 48  ? 8.494   9.404   -5.015  1.00 26.22 ? 1882 THR A CA  1 
ATOM   203  C C   . THR A 1 48  ? 9.308   8.439   -5.907  1.00 30.60 ? 1882 THR A C   1 
ATOM   204  O O   . THR A 1 48  ? 10.207  8.862   -6.639  1.00 33.17 ? 1882 THR A O   1 
ATOM   205  C CB  . THR A 1 48  ? 9.459   10.198  -4.082  1.00 27.33 ? 1882 THR A CB  1 
ATOM   206  O OG1 . THR A 1 48  ? 10.057  9.300   -3.146  1.00 28.52 ? 1882 THR A OG1 1 
ATOM   207  C CG2 . THR A 1 48  ? 8.691   11.246  -3.301  1.00 26.39 ? 1882 THR A CG2 1 
ATOM   208  N N   . HIS A 1 49  ? 8.969   7.154   -5.866  1.00 21.88 ? 1883 HIS A N   1 
ATOM   209  C CA  . HIS A 1 49  ? 9.597   6.121   -6.697  1.00 22.21 ? 1883 HIS A CA  1 
ATOM   210  C C   . HIS A 1 49  ? 9.201   6.353   -8.154  1.00 28.03 ? 1883 HIS A C   1 
ATOM   211  O O   . HIS A 1 49  ? 8.046   6.676   -8.431  1.00 26.48 ? 1883 HIS A O   1 
ATOM   212  C CB  . HIS A 1 49  ? 9.150   4.736   -6.213  1.00 23.55 ? 1883 HIS A CB  1 
ATOM   213  C CG  . HIS A 1 49  ? 9.877   3.579   -6.836  1.00 26.33 ? 1883 HIS A CG  1 
ATOM   214  N ND1 . HIS A 1 49  ? 9.868   3.328   -8.193  1.00 25.24 ? 1883 HIS A ND1 1 
ATOM   215  C CD2 . HIS A 1 49  ? 10.582  2.567   -6.272  1.00 26.60 ? 1883 HIS A CD2 1 
ATOM   216  C CE1 . HIS A 1 49  ? 10.549  2.222   -8.440  1.00 28.93 ? 1883 HIS A CE1 1 
ATOM   217  N NE2 . HIS A 1 49  ? 10.999  1.744   -7.292  1.00 27.84 ? 1883 HIS A NE2 1 
ATOM   218  N N   . GLU A 1 50  ? 10.132  6.207   -9.091  1.00 28.54 ? 1884 GLU A N   1 
ATOM   219  C CA  . GLU A 1 50  ? 9.795   6.552   -10.472 1.00 27.17 ? 1884 GLU A CA  1 
ATOM   220  C C   . GLU A 1 50  ? 8.733   5.608   -11.065 1.00 28.11 ? 1884 GLU A C   1 
ATOM   221  O O   . GLU A 1 50  ? 8.073   5.961   -12.044 1.00 29.42 ? 1884 GLU A O   1 
ATOM   222  C CB  . GLU A 1 50  ? 11.053  6.590   -11.360 1.00 37.90 ? 1884 GLU A CB  1 
ATOM   223  C CG  . GLU A 1 50  ? 11.599  5.250   -11.814 1.00 35.18 ? 1884 GLU A CG  1 
ATOM   224  C CD  . GLU A 1 50  ? 12.509  5.375   -13.048 1.00 47.20 ? 1884 GLU A CD  1 
ATOM   225  O OE1 . GLU A 1 50  ? 12.133  6.083   -14.001 1.00 50.17 ? 1884 GLU A OE1 1 
ATOM   226  O OE2 . GLU A 1 50  ? 13.599  4.766   -13.064 1.00 47.68 ? 1884 GLU A OE2 1 
ATOM   227  N N   . ASP A 1 51  ? 8.537   4.435   -10.466 1.00 25.03 ? 1885 ASP A N   1 
ATOM   228  C CA  . ASP A 1 51  ? 7.509   3.519   -10.975 1.00 19.48 ? 1885 ASP A CA  1 
ATOM   229  C C   . ASP A 1 51  ? 6.170   3.650   -10.236 1.00 21.61 ? 1885 ASP A C   1 
ATOM   230  O O   . ASP A 1 51  ? 5.313   2.775   -10.355 1.00 22.16 ? 1885 ASP A O   1 
ATOM   231  C CB  . ASP A 1 51  ? 7.972   2.063   -10.895 1.00 22.85 ? 1885 ASP A CB  1 
ATOM   232  C CG  . ASP A 1 51  ? 9.123   1.743   -11.861 1.00 29.82 ? 1885 ASP A CG  1 
ATOM   233  O OD1 . ASP A 1 51  ? 9.346   2.493   -12.844 1.00 26.61 ? 1885 ASP A OD1 1 
ATOM   234  O OD2 . ASP A 1 51  ? 9.787   0.713   -11.636 1.00 26.58 ? 1885 ASP A OD2 1 
ATOM   235  N N   . ALA A 1 52  ? 5.996   4.725   -9.471  1.00 20.74 ? 1886 ALA A N   1 
ATOM   236  C CA  . ALA A 1 52  ? 4.771   4.910   -8.682  1.00 20.86 ? 1886 ALA A CA  1 
ATOM   237  C C   . ALA A 1 52  ? 3.587   5.427   -9.508  1.00 23.35 ? 1886 ALA A C   1 
ATOM   238  O O   . ALA A 1 52  ? 2.450   5.403   -9.036  1.00 19.30 ? 1886 ALA A O   1 
ATOM   239  C CB  . ALA A 1 52  ? 5.034   5.859   -7.516  1.00 24.82 ? 1886 ALA A CB  1 
ATOM   240  N N   . TRP A 1 53  ? 3.849   5.899   -10.730 1.00 20.71 ? 1887 TRP A N   1 
ATOM   241  C CA  . TRP A 1 53  ? 2.828   6.646   -11.475 1.00 20.82 ? 1887 TRP A CA  1 
ATOM   242  C C   . TRP A 1 53  ? 1.472   5.933   -11.677 1.00 18.75 ? 1887 TRP A C   1 
ATOM   243  O O   . TRP A 1 53  ? 0.446   6.606   -11.724 1.00 21.11 ? 1887 TRP A O   1 
ATOM   244  C CB  . TRP A 1 53  ? 3.374   7.092   -12.854 1.00 22.77 ? 1887 TRP A CB  1 
ATOM   245  C CG  . TRP A 1 53  ? 3.901   5.974   -13.724 1.00 23.66 ? 1887 TRP A CG  1 
ATOM   246  C CD1 . TRP A 1 53  ? 5.188   5.524   -13.780 1.00 21.01 ? 1887 TRP A CD1 1 
ATOM   247  C CD2 . TRP A 1 53  ? 3.157   5.190   -14.676 1.00 22.32 ? 1887 TRP A CD2 1 
ATOM   248  N NE1 . TRP A 1 53  ? 5.290   4.492   -14.689 1.00 25.52 ? 1887 TRP A NE1 1 
ATOM   249  C CE2 . TRP A 1 53  ? 4.057   4.264   -15.246 1.00 23.23 ? 1887 TRP A CE2 1 
ATOM   250  C CE3 . TRP A 1 53  ? 1.817   5.170   -15.086 1.00 22.96 ? 1887 TRP A CE3 1 
ATOM   251  C CZ2 . TRP A 1 53  ? 3.664   3.331   -16.213 1.00 28.75 ? 1887 TRP A CZ2 1 
ATOM   252  C CZ3 . TRP A 1 53  ? 1.424   4.235   -16.046 1.00 20.94 ? 1887 TRP A CZ3 1 
ATOM   253  C CH2 . TRP A 1 53  ? 2.349   3.330   -16.596 1.00 26.51 ? 1887 TRP A CH2 1 
ATOM   254  N N   . PRO A 1 54  ? 1.443   4.591   -11.802 1.00 17.90 ? 1888 PRO A N   1 
ATOM   255  C CA  . PRO A 1 54  ? 0.098   4.005   -11.969 1.00 17.97 ? 1888 PRO A CA  1 
ATOM   256  C C   . PRO A 1 54  ? -0.744  4.046   -10.697 1.00 20.76 ? 1888 PRO A C   1 
ATOM   257  O O   . PRO A 1 54  ? -1.970  3.849   -10.766 1.00 20.11 ? 1888 PRO A O   1 
ATOM   258  C CB  . PRO A 1 54  ? 0.384   2.538   -12.349 1.00 17.18 ? 1888 PRO A CB  1 
ATOM   259  C CG  . PRO A 1 54  ? 1.857   2.515   -12.767 1.00 21.35 ? 1888 PRO A CG  1 
ATOM   260  C CD  . PRO A 1 54  ? 2.500   3.568   -11.896 1.00 19.45 ? 1888 PRO A CD  1 
ATOM   261  N N   . PHE A 1 55  ? -0.089  4.296   -9.561  1.00 18.12 ? 1889 PHE A N   1 
ATOM   262  C CA  . PHE A 1 55  ? -0.695  4.081   -8.240  1.00 17.03 ? 1889 PHE A CA  1 
ATOM   263  C C   . PHE A 1 55  ? -0.922  5.380   -7.453  1.00 18.03 ? 1889 PHE A C   1 
ATOM   264  O O   . PHE A 1 55  ? -1.414  5.342   -6.333  1.00 17.10 ? 1889 PHE A O   1 
ATOM   265  C CB  . PHE A 1 55  ? 0.190   3.111   -7.415  1.00 17.81 ? 1889 PHE A CB  1 
ATOM   266  C CG  . PHE A 1 55  ? 0.611   1.880   -8.184  1.00 19.43 ? 1889 PHE A CG  1 
ATOM   267  C CD1 . PHE A 1 55  ? -0.336  0.952   -8.592  1.00 20.38 ? 1889 PHE A CD1 1 
ATOM   268  C CD2 . PHE A 1 55  ? 1.947   1.670   -8.535  1.00 17.76 ? 1889 PHE A CD2 1 
ATOM   269  C CE1 . PHE A 1 55  ? 0.035   -0.169  -9.331  1.00 16.94 ? 1889 PHE A CE1 1 
ATOM   270  C CE2 . PHE A 1 55  ? 2.328   0.547   -9.269  1.00 18.07 ? 1889 PHE A CE2 1 
ATOM   271  C CZ  . PHE A 1 55  ? 1.369   -0.377  -9.667  1.00 15.81 ? 1889 PHE A CZ  1 
ATOM   272  N N   . LEU A 1 56  ? -0.596  6.529   -8.041  1.00 18.13 ? 1890 LEU A N   1 
ATOM   273  C CA  . LEU A 1 56  ? -0.675  7.808   -7.309  1.00 20.79 ? 1890 LEU A CA  1 
ATOM   274  C C   . LEU A 1 56  ? -2.106  8.271   -7.024  1.00 28.14 ? 1890 LEU A C   1 
ATOM   275  O O   . LEU A 1 56  ? -2.370  8.879   -5.976  1.00 24.05 ? 1890 LEU A O   1 
ATOM   276  C CB  . LEU A 1 56  ? 0.068   8.913   -8.074  1.00 18.47 ? 1890 LEU A CB  1 
ATOM   277  C CG  . LEU A 1 56  ? 1.582   8.717   -8.203  1.00 26.61 ? 1890 LEU A CG  1 
ATOM   278  C CD1 . LEU A 1 56  ? 2.210   9.815   -9.061  1.00 25.62 ? 1890 LEU A CD1 1 
ATOM   279  C CD2 . LEU A 1 56  ? 2.240   8.675   -6.823  1.00 26.60 ? 1890 LEU A CD2 1 
ATOM   280  N N   . LEU A 1 57  ? -3.020  7.969   -7.950  1.00 20.28 ? 1891 LEU A N   1 
ATOM   281  C CA  . LEU A 1 57  ? -4.417  8.408   -7.873  1.00 22.90 ? 1891 LEU A CA  1 
ATOM   282  C C   . LEU A 1 57  ? -5.354  7.225   -8.093  1.00 22.65 ? 1891 LEU A C   1 
ATOM   283  O O   . LEU A 1 57  ? -4.944  6.219   -8.665  1.00 22.14 ? 1891 LEU A O   1 
ATOM   284  C CB  . LEU A 1 57  ? -4.698  9.502   -8.916  1.00 22.05 ? 1891 LEU A CB  1 
ATOM   285  C CG  . LEU A 1 57  ? -3.915  10.809  -8.782  1.00 27.46 ? 1891 LEU A CG  1 
ATOM   286  C CD1 . LEU A 1 57  ? -4.207  11.733  -9.970  1.00 28.68 ? 1891 LEU A CD1 1 
ATOM   287  C CD2 . LEU A 1 57  ? -4.245  11.509  -7.482  1.00 27.66 ? 1891 LEU A CD2 1 
ATOM   288  N N   . PRO A 1 58  ? -6.617  7.338   -7.643  1.00 25.07 ? 1892 PRO A N   1 
ATOM   289  C CA  . PRO A 1 58  ? -7.565  6.248   -7.908  1.00 22.61 ? 1892 PRO A CA  1 
ATOM   290  C C   . PRO A 1 58  ? -7.701  5.979   -9.394  1.00 25.70 ? 1892 PRO A C   1 
ATOM   291  O O   . PRO A 1 58  ? -7.666  6.924   -10.188 1.00 20.99 ? 1892 PRO A O   1 
ATOM   292  C CB  . PRO A 1 58  ? -8.899  6.775   -7.352  1.00 20.69 ? 1892 PRO A CB  1 
ATOM   293  C CG  . PRO A 1 58  ? -8.534  7.871   -6.415  1.00 23.95 ? 1892 PRO A CG  1 
ATOM   294  C CD  . PRO A 1 58  ? -7.245  8.460   -6.925  1.00 22.96 ? 1892 PRO A CD  1 
ATOM   295  N N   . VAL A 1 59  ? -7.875  4.718   -9.764  1.00 20.36 ? 1893 VAL A N   1 
ATOM   296  C CA  . VAL A 1 59  ? -8.224  4.387   -11.147 1.00 18.54 ? 1893 VAL A CA  1 
ATOM   297  C C   . VAL A 1 59  ? -9.599  4.988   -11.458 1.00 26.44 ? 1893 VAL A C   1 
ATOM   298  O O   . VAL A 1 59  ? -10.517 4.920   -10.634 1.00 22.47 ? 1893 VAL A O   1 
ATOM   299  C CB  . VAL A 1 59  ? -8.241  2.863   -11.387 1.00 22.99 ? 1893 VAL A CB  1 
ATOM   300  C CG1 . VAL A 1 59  ? -8.729  2.554   -12.805 1.00 19.12 ? 1893 VAL A CG1 1 
ATOM   301  C CG2 . VAL A 1 59  ? -6.858  2.263   -11.147 1.00 20.68 ? 1893 VAL A CG2 1 
ATOM   302  N N   . ASN A 1 60  ? -9.736  5.593   -12.636 1.00 23.76 ? 1894 ASN A N   1 
ATOM   303  C CA  . ASN A 1 60  ? -10.992 6.247   -13.024 1.00 24.78 ? 1894 ASN A CA  1 
ATOM   304  C C   . ASN A 1 60  ? -12.034 5.196   -13.420 1.00 26.97 ? 1894 ASN A C   1 
ATOM   305  O O   . ASN A 1 60  ? -11.952 4.611   -14.507 1.00 29.30 ? 1894 ASN A O   1 
ATOM   306  C CB  . ASN A 1 60  ? -10.744 7.226   -14.182 1.00 26.34 ? 1894 ASN A CB  1 
ATOM   307  C CG  . ASN A 1 60  ? -11.975 8.066   -14.526 1.00 32.35 ? 1894 ASN A CG  1 
ATOM   308  O OD1 . ASN A 1 60  ? -13.115 7.626   -14.364 1.00 33.66 ? 1894 ASN A OD1 1 
ATOM   309  N ND2 . ASN A 1 60  ? -11.740 9.282   -15.007 1.00 31.41 ? 1894 ASN A ND2 1 
ATOM   310  N N   . LEU A 1 61  ? -13.005 4.955   -12.543 1.00 22.21 ? 1895 LEU A N   1 
ATOM   311  C CA  . LEU A 1 61  ? -13.973 3.873   -12.755 1.00 24.41 ? 1895 LEU A CA  1 
ATOM   312  C C   . LEU A 1 61  ? -14.927 4.163   -13.916 1.00 33.74 ? 1895 LEU A C   1 
ATOM   313  O O   . LEU A 1 61  ? -15.559 3.247   -14.454 1.00 32.94 ? 1895 LEU A O   1 
ATOM   314  C CB  . LEU A 1 61  ? -14.781 3.615   -11.477 1.00 29.68 ? 1895 LEU A CB  1 
ATOM   315  C CG  . LEU A 1 61  ? -13.961 3.210   -10.248 1.00 32.65 ? 1895 LEU A CG  1 
ATOM   316  C CD1 . LEU A 1 61  ? -14.864 2.992   -9.044  1.00 28.06 ? 1895 LEU A CD1 1 
ATOM   317  C CD2 . LEU A 1 61  ? -13.095 1.975   -10.542 1.00 24.15 ? 1895 LEU A CD2 1 
ATOM   318  N N   . LYS A 1 62  ? -15.029 5.430   -14.306 1.00 31.37 ? 1896 LYS A N   1 
ATOM   319  C CA  . LYS A 1 62  ? -15.879 5.799   -15.438 1.00 33.96 ? 1896 LYS A CA  1 
ATOM   320  C C   . LYS A 1 62  ? -15.202 5.527   -16.779 1.00 39.69 ? 1896 LYS A C   1 
ATOM   321  O O   . LYS A 1 62  ? -15.875 5.276   -17.774 1.00 40.90 ? 1896 LYS A O   1 
ATOM   322  C CB  . LYS A 1 62  ? -16.276 7.278   -15.373 1.00 32.62 ? 1896 LYS A CB  1 
ATOM   323  C CG  . LYS A 1 62  ? -17.305 7.638   -14.323 1.00 43.04 ? 1896 LYS A CG  1 
ATOM   324  C CD  . LYS A 1 62  ? -17.668 9.115   -14.475 1.00 51.49 ? 1896 LYS A CD  1 
ATOM   325  C CE  . LYS A 1 62  ? -18.227 9.716   -13.195 1.00 61.62 ? 1896 LYS A CE  1 
ATOM   326  N NZ  . LYS A 1 62  ? -19.622 9.275   -12.925 1.00 75.86 ? 1896 LYS A NZ  1 
ATOM   327  N N   . LEU A 1 63  ? -13.874 5.579   -16.812 1.00 30.11 ? 1897 LEU A N   1 
ATOM   328  C CA  . LEU A 1 63  ? -13.158 5.507   -18.087 1.00 27.77 ? 1897 LEU A CA  1 
ATOM   329  C C   . LEU A 1 63  ? -12.425 4.197   -18.344 1.00 31.94 ? 1897 LEU A C   1 
ATOM   330  O O   . LEU A 1 63  ? -11.943 3.972   -19.448 1.00 32.55 ? 1897 LEU A O   1 
ATOM   331  C CB  . LEU A 1 63  ? -12.148 6.649   -18.193 1.00 28.84 ? 1897 LEU A CB  1 
ATOM   332  C CG  . LEU A 1 63  ? -12.710 8.072   -18.156 1.00 37.49 ? 1897 LEU A CG  1 
ATOM   333  C CD1 . LEU A 1 63  ? -11.583 9.052   -18.365 1.00 40.03 ? 1897 LEU A CD1 1 
ATOM   334  C CD2 . LEU A 1 63  ? -13.798 8.267   -19.210 1.00 38.73 ? 1897 LEU A CD2 1 
ATOM   335  N N   . VAL A 1 64  ? -12.311 3.341   -17.336 1.00 26.19 ? 1898 VAL A N   1 
ATOM   336  C CA  . VAL A 1 64  ? -11.585 2.088   -17.520 1.00 19.97 ? 1898 VAL A CA  1 
ATOM   337  C C   . VAL A 1 64  ? -12.543 0.896   -17.469 1.00 29.26 ? 1898 VAL A C   1 
ATOM   338  O O   . VAL A 1 64  ? -13.040 0.529   -16.406 1.00 23.23 ? 1898 VAL A O   1 
ATOM   339  C CB  . VAL A 1 64  ? -10.483 1.918   -16.459 1.00 22.45 ? 1898 VAL A CB  1 
ATOM   340  C CG1 . VAL A 1 64  ? -9.788  0.580   -16.625 1.00 23.50 ? 1898 VAL A CG1 1 
ATOM   341  C CG2 . VAL A 1 64  ? -9.467  3.072   -16.551 1.00 26.19 ? 1898 VAL A CG2 1 
ATOM   342  N N   . PRO A 1 65  ? -12.825 0.301   -18.634 1.00 30.16 ? 1899 PRO A N   1 
ATOM   343  C CA  . PRO A 1 65  ? -13.726 -0.853  -18.729 1.00 32.37 ? 1899 PRO A CA  1 
ATOM   344  C C   . PRO A 1 65  ? -13.361 -1.968  -17.755 1.00 25.72 ? 1899 PRO A C   1 
ATOM   345  O O   . PRO A 1 65  ? -12.177 -2.264  -17.587 1.00 27.54 ? 1899 PRO A O   1 
ATOM   346  C CB  . PRO A 1 65  ? -13.541 -1.318  -20.179 1.00 37.96 ? 1899 PRO A CB  1 
ATOM   347  C CG  . PRO A 1 65  ? -13.173 -0.073  -20.914 1.00 38.76 ? 1899 PRO A CG  1 
ATOM   348  C CD  . PRO A 1 65  ? -12.317 0.717   -19.956 1.00 30.38 ? 1899 PRO A CD  1 
ATOM   349  N N   . GLY A 1 66  ? -14.363 -2.550  -17.105 1.00 25.21 ? 1900 GLY A N   1 
ATOM   350  C CA  . GLY A 1 66  ? -14.157 -3.727  -16.278 1.00 24.03 ? 1900 GLY A CA  1 
ATOM   351  C C   . GLY A 1 66  ? -13.701 -3.481  -14.847 1.00 27.33 ? 1900 GLY A C   1 
ATOM   352  O O   . GLY A 1 66  ? -13.914 -4.327  -13.975 1.00 22.65 ? 1900 GLY A O   1 
ATOM   353  N N   . TYR A 1 67  ? -13.064 -2.340  -14.593 1.00 22.38 ? 1901 TYR A N   1 
ATOM   354  C CA  . TYR A 1 67  ? -12.393 -2.153  -13.297 1.00 23.66 ? 1901 TYR A CA  1 
ATOM   355  C C   . TYR A 1 67  ? -13.384 -2.150  -12.130 1.00 24.37 ? 1901 TYR A C   1 
ATOM   356  O O   . TYR A 1 67  ? -13.141 -2.804  -11.108 1.00 23.95 ? 1901 TYR A O   1 
ATOM   357  C CB  . TYR A 1 67  ? -11.542 -0.860  -13.279 1.00 20.42 ? 1901 TYR A CB  1 
ATOM   358  C CG  . TYR A 1 67  ? -10.403 -0.955  -12.277 1.00 21.19 ? 1901 TYR A CG  1 
ATOM   359  C CD1 . TYR A 1 67  ? -9.175  -1.502  -12.639 1.00 21.58 ? 1901 TYR A CD1 1 
ATOM   360  C CD2 . TYR A 1 67  ? -10.572 -0.532  -10.966 1.00 22.23 ? 1901 TYR A CD2 1 
ATOM   361  C CE1 . TYR A 1 67  ? -8.124  -1.618  -11.710 1.00 24.27 ? 1901 TYR A CE1 1 
ATOM   362  C CE2 . TYR A 1 67  ? -9.526  -0.643  -10.023 1.00 21.64 ? 1901 TYR A CE2 1 
ATOM   363  C CZ  . TYR A 1 67  ? -8.315  -1.187  -10.398 1.00 24.03 ? 1901 TYR A CZ  1 
ATOM   364  O OH  . TYR A 1 67  ? -7.292  -1.311  -9.457  1.00 19.81 ? 1901 TYR A OH  1 
ATOM   365  N N   . LYS A 1 68  ? -14.505 -1.445  -12.276 1.00 24.46 ? 1902 LYS A N   1 
ATOM   366  C CA  . LYS A 1 68  ? -15.473 -1.347  -11.176 1.00 31.28 ? 1902 LYS A CA  1 
ATOM   367  C C   . LYS A 1 68  ? -16.074 -2.705  -10.798 1.00 32.08 ? 1902 LYS A C   1 
ATOM   368  O O   . LYS A 1 68  ? -16.212 -3.025  -9.618  1.00 26.73 ? 1902 LYS A O   1 
ATOM   369  C CB  . LYS A 1 68  ? -16.593 -0.368  -11.532 1.00 37.97 ? 1902 LYS A CB  1 
ATOM   370  C CG  . LYS A 1 68  ? -17.454 0.068   -10.340 1.00 34.71 ? 1902 LYS A CG  1 
ATOM   371  C CD  . LYS A 1 68  ? -18.483 1.104   -10.781 1.00 50.44 ? 1902 LYS A CD  1 
ATOM   372  C CE  . LYS A 1 68  ? -19.112 1.845   -9.603  1.00 58.52 ? 1902 LYS A CE  1 
ATOM   373  N NZ  . LYS A 1 68  ? -19.710 0.924   -8.603  1.00 54.74 ? 1902 LYS A NZ  1 
ATOM   374  N N   . LYS A 1 69  ? -16.428 -3.506  -11.796 1.00 27.51 ? 1903 LYS A N   1 
ATOM   375  C CA  . LYS A 1 69  ? -17.046 -4.803  -11.521 1.00 27.22 ? 1903 LYS A CA  1 
ATOM   376  C C   . LYS A 1 69  ? -16.056 -5.824  -10.978 1.00 30.45 ? 1903 LYS A C   1 
ATOM   377  O O   . LYS A 1 69  ? -16.391 -6.618  -10.097 1.00 34.37 ? 1903 LYS A O   1 
ATOM   378  C CB  . LYS A 1 69  ? -17.706 -5.370  -12.785 1.00 29.07 ? 1903 LYS A CB  1 
ATOM   379  C CG  . LYS A 1 69  ? -18.419 -6.704  -12.558 1.00 30.63 ? 1903 LYS A CG  1 
ATOM   380  C CD  . LYS A 1 69  ? -19.548 -6.540  -11.534 1.00 29.76 ? 1903 LYS A CD  1 
ATOM   381  C CE  . LYS A 1 69  ? -20.405 -7.798  -11.414 1.00 31.52 ? 1903 LYS A CE  1 
ATOM   382  N NZ  . LYS A 1 69  ? -21.432 -7.889  -12.486 1.00 34.39 ? 1903 LYS A NZ  1 
ATOM   383  N N   . VAL A 1 70  ? -14.839 -5.810  -11.511 1.00 25.67 ? 1904 VAL A N   1 
ATOM   384  C CA  . VAL A 1 70  ? -13.851 -6.830  -11.174 1.00 23.79 ? 1904 VAL A CA  1 
ATOM   385  C C   . VAL A 1 70  ? -13.140 -6.560  -9.845  1.00 27.90 ? 1904 VAL A C   1 
ATOM   386  O O   . VAL A 1 70  ? -12.906 -7.476  -9.055  1.00 27.00 ? 1904 VAL A O   1 
ATOM   387  C CB  . VAL A 1 70  ? -12.795 -6.948  -12.294 1.00 23.03 ? 1904 VAL A CB  1 
ATOM   388  C CG1 . VAL A 1 70  ? -11.646 -7.868  -11.881 1.00 26.79 ? 1904 VAL A CG1 1 
ATOM   389  C CG2 . VAL A 1 70  ? -13.456 -7.441  -13.582 1.00 28.72 ? 1904 VAL A CG2 1 
ATOM   390  N N   . ILE A 1 71  ? -12.787 -5.304  -9.608  1.00 25.23 ? 1905 ILE A N   1 
ATOM   391  C CA  . ILE A 1 71  ? -11.922 -4.964  -8.477  1.00 25.35 ? 1905 ILE A CA  1 
ATOM   392  C C   . ILE A 1 71  ? -12.771 -4.477  -7.303  1.00 21.77 ? 1905 ILE A C   1 
ATOM   393  O O   . ILE A 1 71  ? -13.184 -3.318  -7.246  1.00 24.76 ? 1905 ILE A O   1 
ATOM   394  C CB  . ILE A 1 71  ? -10.872 -3.896  -8.883  1.00 23.89 ? 1905 ILE A CB  1 
ATOM   395  C CG1 . ILE A 1 71  ? -9.964  -4.436  -9.999  1.00 21.26 ? 1905 ILE A CG1 1 
ATOM   396  C CG2 . ILE A 1 71  ? -10.029 -3.489  -7.668  1.00 26.77 ? 1905 ILE A CG2 1 
ATOM   397  C CD1 . ILE A 1 71  ? -9.051  -5.607  -9.568  1.00 21.01 ? 1905 ILE A CD1 1 
ATOM   398  N N   . LYS A 1 72  ? -13.048 -5.380  -6.367  1.00 24.13 ? 1906 LYS A N   1 
ATOM   399  C CA  . LYS A 1 72  ? -14.044 -5.102  -5.334  1.00 25.21 ? 1906 LYS A CA  1 
ATOM   400  C C   . LYS A 1 72  ? -13.646 -3.988  -4.356  1.00 30.66 ? 1906 LYS A C   1 
ATOM   401  O O   . LYS A 1 72  ? -14.512 -3.260  -3.867  1.00 24.79 ? 1906 LYS A O   1 
ATOM   402  C CB  . LYS A 1 72  ? -14.354 -6.384  -4.556  1.00 30.87 ? 1906 LYS A CB  1 
ATOM   403  C CG  . LYS A 1 72  ? -14.856 -7.522  -5.435  1.00 32.33 ? 1906 LYS A CG  1 
ATOM   404  C CD  . LYS A 1 72  ? -16.116 -7.139  -6.199  1.00 37.28 ? 1906 LYS A CD  1 
ATOM   405  C CE  . LYS A 1 72  ? -16.502 -8.225  -7.205  1.00 34.36 ? 1906 LYS A CE  1 
ATOM   406  N NZ  . LYS A 1 72  ? -17.718 -7.843  -7.999  1.00 37.23 ? 1906 LYS A NZ  1 
ATOM   407  N N   . LYS A 1 73  ? -12.349 -3.866  -4.064  1.00 24.72 ? 1907 LYS A N   1 
ATOM   408  C CA  . LYS A 1 73  ? -11.861 -2.834  -3.148  1.00 25.34 ? 1907 LYS A CA  1 
ATOM   409  C C   . LYS A 1 73  ? -10.685 -2.047  -3.758  1.00 23.31 ? 1907 LYS A C   1 
ATOM   410  O O   . LYS A 1 73  ? -9.524  -2.352  -3.492  1.00 23.82 ? 1907 LYS A O   1 
ATOM   411  C CB  . LYS A 1 73  ? -11.444 -3.462  -1.811  1.00 28.02 ? 1907 LYS A CB  1 
ATOM   412  C CG  . LYS A 1 73  ? -12.604 -4.166  -1.091  1.00 31.32 ? 1907 LYS A CG  1 
ATOM   413  C CD  . LYS A 1 73  ? -12.121 -4.969  0.114   1.00 43.03 ? 1907 LYS A CD  1 
ATOM   414  C CE  . LYS A 1 73  ? -11.539 -4.057  1.194   1.00 51.57 ? 1907 LYS A CE  1 
ATOM   415  N NZ  . LYS A 1 73  ? -11.100 -4.829  2.399   1.00 59.26 ? 1907 LYS A NZ  1 
ATOM   416  N N   . PRO A 1 74  ? -10.987 -1.037  -4.586  1.00 22.29 ? 1908 PRO A N   1 
ATOM   417  C CA  . PRO A 1 74  ? -9.920  -0.201  -5.169  1.00 16.22 ? 1908 PRO A CA  1 
ATOM   418  C C   . PRO A 1 74  ? -9.107  0.489   -4.066  1.00 18.99 ? 1908 PRO A C   1 
ATOM   419  O O   . PRO A 1 74  ? -9.671  0.836   -3.018  1.00 19.53 ? 1908 PRO A O   1 
ATOM   420  C CB  . PRO A 1 74  ? -10.690 0.834   -6.004  1.00 18.66 ? 1908 PRO A CB  1 
ATOM   421  C CG  . PRO A 1 74  ? -12.004 0.174   -6.298  1.00 23.60 ? 1908 PRO A CG  1 
ATOM   422  C CD  . PRO A 1 74  ? -12.319 -0.661  -5.084  1.00 26.71 ? 1908 PRO A CD  1 
ATOM   423  N N   . MET A 1 75  ? -7.815  0.702   -4.303  1.00 19.40 ? 1909 MET A N   1 
ATOM   424  C CA  . MET A 1 75  ? -6.969  1.396   -3.326  1.00 17.73 ? 1909 MET A CA  1 
ATOM   425  C C   . MET A 1 75  ? -5.781  2.002   -4.075  1.00 20.19 ? 1909 MET A C   1 
ATOM   426  O O   . MET A 1 75  ? -5.356  1.481   -5.108  1.00 18.91 ? 1909 MET A O   1 
ATOM   427  C CB  . MET A 1 75  ? -6.513  0.442   -2.203  1.00 17.29 ? 1909 MET A CB  1 
ATOM   428  C CG  . MET A 1 75  ? -5.723  1.110   -1.069  1.00 15.84 ? 1909 MET A CG  1 
ATOM   429  S SD  . MET A 1 75  ? -6.564  2.547   -0.328  1.00 21.12 ? 1909 MET A SD  1 
ATOM   430  C CE  . MET A 1 75  ? -8.069  1.724   0.226   1.00 21.54 ? 1909 MET A CE  1 
ATOM   431  N N   . ASP A 1 76  ? -5.285  3.131   -3.586  1.00 15.70 ? 1910 ASP A N   1 
ATOM   432  C CA  . ASP A 1 76  ? -4.182  3.836   -4.248  1.00 14.93 ? 1910 ASP A CA  1 
ATOM   433  C C   . ASP A 1 76  ? -3.418  4.669   -3.226  1.00 19.02 ? 1910 ASP A C   1 
ATOM   434  O O   . ASP A 1 76  ? -3.911  4.868   -2.124  1.00 18.23 ? 1910 ASP A O   1 
ATOM   435  C CB  . ASP A 1 76  ? -4.700  4.753   -5.364  1.00 16.51 ? 1910 ASP A CB  1 
ATOM   436  C CG  . ASP A 1 76  ? -5.466  5.953   -4.814  1.00 21.39 ? 1910 ASP A CG  1 
ATOM   437  O OD1 . ASP A 1 76  ? -6.628  5.783   -4.398  1.00 23.99 ? 1910 ASP A OD1 1 
ATOM   438  O OD2 . ASP A 1 76  ? -4.902  7.059   -4.781  1.00 25.16 ? 1910 ASP A OD2 1 
ATOM   439  N N   . PHE A 1 77  ? -2.245  5.189   -3.602  1.00 17.04 ? 1911 PHE A N   1 
ATOM   440  C CA  . PHE A 1 77  ? -1.391  5.880   -2.622  1.00 16.11 ? 1911 PHE A CA  1 
ATOM   441  C C   . PHE A 1 77  ? -2.044  7.146   -2.058  1.00 21.40 ? 1911 PHE A C   1 
ATOM   442  O O   . PHE A 1 77  ? -1.869  7.442   -0.876  1.00 19.88 ? 1911 PHE A O   1 
ATOM   443  C CB  . PHE A 1 77  ? -0.012  6.241   -3.232  1.00 16.05 ? 1911 PHE A CB  1 
ATOM   444  C CG  . PHE A 1 77  ? 0.859   5.036   -3.596  1.00 15.39 ? 1911 PHE A CG  1 
ATOM   445  C CD1 . PHE A 1 77  ? 0.556   3.759   -3.138  1.00 17.47 ? 1911 PHE A CD1 1 
ATOM   446  C CD2 . PHE A 1 77  ? 1.991   5.202   -4.390  1.00 20.63 ? 1911 PHE A CD2 1 
ATOM   447  C CE1 . PHE A 1 77  ? 1.362   2.664   -3.475  1.00 20.44 ? 1911 PHE A CE1 1 
ATOM   448  C CE2 . PHE A 1 77  ? 2.800   4.115   -4.732  1.00 17.27 ? 1911 PHE A CE2 1 
ATOM   449  C CZ  . PHE A 1 77  ? 2.486   2.846   -4.267  1.00 20.70 ? 1911 PHE A CZ  1 
ATOM   450  N N   . SER A 1 78  ? -2.773  7.916   -2.879  1.00 19.37 ? 1912 SER A N   1 
ATOM   451  C CA  . SER A 1 78  ? -3.373  9.166   -2.367  1.00 19.29 ? 1912 SER A CA  1 
ATOM   452  C C   . SER A 1 78  ? -4.472  8.876   -1.339  1.00 26.32 ? 1912 SER A C   1 
ATOM   453  O O   . SER A 1 78  ? -4.652  9.623   -0.356  1.00 23.02 ? 1912 SER A O   1 
ATOM   454  C CB  . SER A 1 78  ? -3.928  10.039  -3.515  1.00 21.97 ? 1912 SER A CB  1 
ATOM   455  O OG  . SER A 1 78  ? -5.139  9.508   -4.050  1.00 22.41 ? 1912 SER A OG  1 
ATOM   456  N N   . THR A 1 79  ? -5.193  7.777   -1.540  1.00 19.00 ? 1913 THR A N   1 
ATOM   457  C CA  . THR A 1 79  ? -6.224  7.363   -0.592  1.00 19.32 ? 1913 THR A CA  1 
ATOM   458  C C   . THR A 1 79  ? -5.588  6.873   0.709   1.00 21.23 ? 1913 THR A C   1 
ATOM   459  O O   . THR A 1 79  ? -6.063  7.188   1.816   1.00 22.09 ? 1913 THR A O   1 
ATOM   460  C CB  . THR A 1 79  ? -7.130  6.279   -1.201  1.00 24.85 ? 1913 THR A CB  1 
ATOM   461  O OG1 . THR A 1 79  ? -7.757  6.816   -2.374  1.00 20.24 ? 1913 THR A OG1 1 
ATOM   462  C CG2 . THR A 1 79  ? -8.212  5.865   -0.218  1.00 22.58 ? 1913 THR A CG2 1 
ATOM   463  N N   . ILE A 1 80  ? -4.493  6.134   0.588   1.00 19.08 ? 1914 ILE A N   1 
ATOM   464  C CA  . ILE A 1 80  ? -3.777  5.691   1.785   1.00 18.22 ? 1914 ILE A CA  1 
ATOM   465  C C   . ILE A 1 80  ? -3.254  6.911   2.542   1.00 22.16 ? 1914 ILE A C   1 
ATOM   466  O O   . ILE A 1 80  ? -3.359  6.974   3.775   1.00 21.96 ? 1914 ILE A O   1 
ATOM   467  C CB  . ILE A 1 80  ? -2.617  4.749   1.439   1.00 19.08 ? 1914 ILE A CB  1 
ATOM   468  C CG1 . ILE A 1 80  ? -3.150  3.430   0.833   1.00 15.07 ? 1914 ILE A CG1 1 
ATOM   469  C CG2 . ILE A 1 80  ? -1.765  4.472   2.669   1.00 19.03 ? 1914 ILE A CG2 1 
ATOM   470  C CD1 . ILE A 1 80  ? -2.041  2.542   0.238   1.00 19.48 ? 1914 ILE A CD1 1 
ATOM   471  N N   . ARG A 1 81  ? -2.708  7.882   1.808   1.00 20.57 ? 1915 ARG A N   1 
ATOM   472  C CA  . ARG A 1 81  ? -2.164  9.100   2.437   1.00 21.05 ? 1915 ARG A CA  1 
ATOM   473  C C   . ARG A 1 81  ? -3.249  9.862   3.207   1.00 26.24 ? 1915 ARG A C   1 
ATOM   474  O O   . ARG A 1 81  ? -3.026  10.319  4.333   1.00 26.22 ? 1915 ARG A O   1 
ATOM   475  C CB  . ARG A 1 81  ? -1.513  10.012  1.379   1.00 21.48 ? 1915 ARG A CB  1 
ATOM   476  C CG  . ARG A 1 81  ? -1.062  11.402  1.887   1.00 25.71 ? 1915 ARG A CG  1 
ATOM   477  C CD  . ARG A 1 81  ? 0.073   11.334  2.900   1.00 26.99 ? 1915 ARG A CD  1 
ATOM   478  N NE  . ARG A 1 81  ? 1.371   10.997  2.314   1.00 27.79 ? 1915 ARG A NE  1 
ATOM   479  C CZ  . ARG A 1 81  ? 2.460   10.736  3.039   1.00 27.46 ? 1915 ARG A CZ  1 
ATOM   480  N NH1 . ARG A 1 81  ? 2.404   10.768  4.368   1.00 25.20 ? 1915 ARG A NH1 1 
ATOM   481  N NH2 . ARG A 1 81  ? 3.606   10.434  2.448   1.00 30.14 ? 1915 ARG A NH2 1 
ATOM   482  N N   . GLU A 1 82  ? -4.433  9.985   2.617   1.00 21.31 ? 1916 GLU A N   1 
ATOM   483  C CA  . GLU A 1 82  ? -5.543  10.658  3.289   1.00 23.86 ? 1916 GLU A CA  1 
ATOM   484  C C   . GLU A 1 82  ? -5.987  9.902   4.542   1.00 32.27 ? 1916 GLU A C   1 
ATOM   485  O O   . GLU A 1 82  ? -6.243  10.511  5.581   1.00 27.12 ? 1916 GLU A O   1 
ATOM   486  C CB  . GLU A 1 82  ? -6.728  10.827  2.335   1.00 23.01 ? 1916 GLU A CB  1 
ATOM   487  C CG  . GLU A 1 82  ? -7.930  11.549  2.946   1.00 26.02 ? 1916 GLU A CG  1 
ATOM   488  C CD  . GLU A 1 82  ? -7.672  13.031  3.218   1.00 37.68 ? 1916 GLU A CD  1 
ATOM   489  O OE1 . GLU A 1 82  ? -6.877  13.655  2.484   1.00 31.26 ? 1916 GLU A OE1 1 
ATOM   490  O OE2 . GLU A 1 82  ? -8.267  13.567  4.178   1.00 42.65 ? 1916 GLU A OE2 1 
ATOM   491  N N   . LYS A 1 83  ? -6.078  8.575   4.451   1.00 25.27 ? 1917 LYS A N   1 
ATOM   492  C CA  . LYS A 1 83  ? -6.451  7.772   5.612   1.00 26.13 ? 1917 LYS A CA  1 
ATOM   493  C C   . LYS A 1 83  ? -5.394  7.887   6.717   1.00 23.94 ? 1917 LYS A C   1 
ATOM   494  O O   . LYS A 1 83  ? -5.735  7.971   7.910   1.00 29.32 ? 1917 LYS A O   1 
ATOM   495  C CB  . LYS A 1 83  ? -6.659  6.302   5.216   1.00 22.07 ? 1917 LYS A CB  1 
ATOM   496  C CG  . LYS A 1 83  ? -7.945  6.057   4.404   1.00 23.44 ? 1917 LYS A CG  1 
ATOM   497  C CD  . LYS A 1 83  ? -8.055  4.615   3.914   1.00 22.76 ? 1917 LYS A CD  1 
ATOM   498  C CE  . LYS A 1 83  ? -8.289  3.631   5.060   1.00 25.91 ? 1917 LYS A CE  1 
ATOM   499  N NZ  . LYS A 1 83  ? -8.703  2.310   4.529   1.00 23.28 ? 1917 LYS A NZ  1 
ATOM   500  N N   . LEU A 1 84  ? -4.121  7.912   6.337   1.00 21.78 ? 1918 LEU A N   1 
ATOM   501  C CA  . LEU A 1 84  ? -3.041  8.006   7.328   1.00 24.44 ? 1918 LEU A CA  1 
ATOM   502  C C   . LEU A 1 84  ? -3.064  9.369   8.030   1.00 33.01 ? 1918 LEU A C   1 
ATOM   503  O O   . LEU A 1 84  ? -2.841  9.464   9.234   1.00 32.58 ? 1918 LEU A O   1 
ATOM   504  C CB  . LEU A 1 84  ? -1.671  7.765   6.673   1.00 29.14 ? 1918 LEU A CB  1 
ATOM   505  C CG  . LEU A 1 84  ? -0.449  7.566   7.586   1.00 26.08 ? 1918 LEU A CG  1 
ATOM   506  C CD1 . LEU A 1 84  ? -0.575  6.306   8.442   1.00 23.06 ? 1918 LEU A CD1 1 
ATOM   507  C CD2 . LEU A 1 84  ? 0.858   7.539   6.793   1.00 26.70 ? 1918 LEU A CD2 1 
ATOM   508  N N   . SER A 1 85  ? -3.353  10.421  7.274   1.00 25.25 ? 1919 SER A N   1 
ATOM   509  C CA  . SER A 1 85  ? -3.363  11.787  7.810   1.00 27.53 ? 1919 SER A CA  1 
ATOM   510  C C   . SER A 1 85  ? -4.592  12.123  8.660   1.00 29.39 ? 1919 SER A C   1 
ATOM   511  O O   . SER A 1 85  ? -4.642  13.189  9.286   1.00 28.66 ? 1919 SER A O   1 
ATOM   512  C CB  . SER A 1 85  ? -3.268  12.801  6.662   1.00 27.19 ? 1919 SER A CB  1 
ATOM   513  O OG  . SER A 1 85  ? -2.006  12.728  6.017   1.00 29.39 ? 1919 SER A OG  1 
ATOM   514  N N   . SER A 1 86  ? -5.579  11.234  8.672   1.00 23.22 ? 1920 SER A N   1 
ATOM   515  C CA  . SER A 1 86  ? -6.849  11.512  9.334   1.00 25.46 ? 1920 SER A CA  1 
ATOM   516  C C   . SER A 1 86  ? -7.208  10.442  10.358  1.00 23.78 ? 1920 SER A C   1 
ATOM   517  O O   . SER A 1 86  ? -8.368  10.320  10.741  1.00 25.11 ? 1920 SER A O   1 
ATOM   518  C CB  . SER A 1 86  ? -7.981  11.642  8.308   1.00 26.52 ? 1920 SER A CB  1 
ATOM   519  O OG  . SER A 1 86  ? -8.136  10.457  7.539   1.00 28.39 ? 1920 SER A OG  1 
ATOM   520  N N   . GLY A 1 87  ? -6.213  9.669   10.794  1.00 23.24 ? 1921 GLY A N   1 
ATOM   521  C CA  . GLY A 1 87  ? -6.403  8.696   11.861  1.00 24.07 ? 1921 GLY A CA  1 
ATOM   522  C C   . GLY A 1 87  ? -7.307  7.520   11.549  1.00 27.75 ? 1921 GLY A C   1 
ATOM   523  O O   . GLY A 1 87  ? -7.968  6.984   12.441  1.00 26.18 ? 1921 GLY A O   1 
ATOM   524  N N   . GLN A 1 88  ? -7.331  7.088   10.288  1.00 24.54 ? 1922 GLN A N   1 
ATOM   525  C CA  . GLN A 1 88  ? -8.201  5.977   9.901   1.00 26.40 ? 1922 GLN A CA  1 
ATOM   526  C C   . GLN A 1 88  ? -7.506  4.591   9.920   1.00 27.51 ? 1922 GLN A C   1 
ATOM   527  O O   . GLN A 1 88  ? -8.152  3.568   9.660   1.00 24.18 ? 1922 GLN A O   1 
ATOM   528  C CB  . GLN A 1 88  ? -8.807  6.257   8.517   1.00 23.33 ? 1922 GLN A CB  1 
ATOM   529  C CG  . GLN A 1 88  ? -9.782  7.461   8.531   1.00 26.49 ? 1922 GLN A CG  1 
ATOM   530  C CD  . GLN A 1 88  ? -10.510 7.664   7.216   1.00 29.42 ? 1922 GLN A CD  1 
ATOM   531  O OE1 . GLN A 1 88  ? -11.264 6.805   6.778   1.00 30.79 ? 1922 GLN A OE1 1 
ATOM   532  N NE2 . GLN A 1 88  ? -10.280 8.808   6.578   1.00 28.88 ? 1922 GLN A NE2 1 
ATOM   533  N N   . TYR A 1 89  ? -6.212  4.554   10.244  1.00 21.67 ? 1923 TYR A N   1 
ATOM   534  C CA  . TYR A 1 89  ? -5.521  3.273   10.501  1.00 18.81 ? 1923 TYR A CA  1 
ATOM   535  C C   . TYR A 1 89  ? -5.356  3.061   12.011  1.00 21.89 ? 1923 TYR A C   1 
ATOM   536  O O   . TYR A 1 89  ? -4.639  3.813   12.673  1.00 22.98 ? 1923 TYR A O   1 
ATOM   537  C CB  . TYR A 1 89  ? -4.140  3.219   9.817   1.00 19.39 ? 1923 TYR A CB  1 
ATOM   538  C CG  . TYR A 1 89  ? -4.260  3.198   8.299   1.00 18.25 ? 1923 TYR A CG  1 
ATOM   539  C CD1 . TYR A 1 89  ? -4.913  2.151   7.652   1.00 21.53 ? 1923 TYR A CD1 1 
ATOM   540  C CD2 . TYR A 1 89  ? -3.752  4.237   7.525   1.00 20.76 ? 1923 TYR A CD2 1 
ATOM   541  C CE1 . TYR A 1 89  ? -5.055  2.138   6.256   1.00 21.05 ? 1923 TYR A CE1 1 
ATOM   542  C CE2 . TYR A 1 89  ? -3.895  4.234   6.131   1.00 20.78 ? 1923 TYR A CE2 1 
ATOM   543  C CZ  . TYR A 1 89  ? -4.544  3.178   5.509   1.00 22.42 ? 1923 TYR A CZ  1 
ATOM   544  O OH  . TYR A 1 89  ? -4.705  3.177   4.131   1.00 19.37 ? 1923 TYR A OH  1 
ATOM   545  N N   . PRO A 1 90  ? -6.025  2.041   12.559  1.00 24.27 ? 1924 PRO A N   1 
ATOM   546  C CA  . PRO A 1 90  ? -5.890  1.790   14.001  1.00 29.17 ? 1924 PRO A CA  1 
ATOM   547  C C   . PRO A 1 90  ? -4.499  1.292   14.409  1.00 30.49 ? 1924 PRO A C   1 
ATOM   548  O O   . PRO A 1 90  ? -4.083  1.518   15.550  1.00 30.57 ? 1924 PRO A O   1 
ATOM   549  C CB  . PRO A 1 90  ? -6.961  0.723   14.278  1.00 31.36 ? 1924 PRO A CB  1 
ATOM   550  C CG  . PRO A 1 90  ? -7.361  0.194   12.971  1.00 32.89 ? 1924 PRO A CG  1 
ATOM   551  C CD  . PRO A 1 90  ? -7.131  1.278   11.963  1.00 27.11 ? 1924 PRO A CD  1 
ATOM   552  N N   . ASN A 1 91  ? -3.781  0.631   13.505  1.00 22.93 ? 1925 ASN A N   1 
ATOM   553  C CA  . ASN A 1 91  ? -2.437  0.162   13.828  1.00 23.82 ? 1925 ASN A CA  1 
ATOM   554  C C   . ASN A 1 91  ? -1.598  -0.024  12.560  1.00 27.48 ? 1925 ASN A C   1 
ATOM   555  O O   . ASN A 1 91  ? -2.125  0.111   11.448  1.00 24.09 ? 1925 ASN A O   1 
ATOM   556  C CB  . ASN A 1 91  ? -2.510  -1.142  14.611  1.00 25.15 ? 1925 ASN A CB  1 
ATOM   557  C CG  . ASN A 1 91  ? -3.267  -2.206  13.867  1.00 27.06 ? 1925 ASN A CG  1 
ATOM   558  O OD1 . ASN A 1 91  ? -2.909  -2.569  12.747  1.00 27.43 ? 1925 ASN A OD1 1 
ATOM   559  N ND2 . ASN A 1 91  ? -4.334  -2.702  14.471  1.00 27.25 ? 1925 ASN A ND2 1 
ATOM   560  N N   A LEU A 1 92  ? -0.308  -0.309  12.749  0.25 25.39 ? 1926 LEU A N   1 
ATOM   561  N N   B LEU A 1 92  ? -0.310  -0.343  12.702  0.75 25.34 ? 1926 LEU A N   1 
ATOM   562  C CA  A LEU A 1 92  ? 0.628   -0.551  11.650  0.25 27.00 ? 1926 LEU A CA  1 
ATOM   563  C CA  B LEU A 1 92  ? 0.555   -0.402  11.514  0.75 26.82 ? 1926 LEU A CA  1 
ATOM   564  C C   A LEU A 1 92  ? 0.060   -1.493  10.604  0.25 25.90 ? 1926 LEU A C   1 
ATOM   565  C C   B LEU A 1 92  ? 0.194   -1.574  10.575  0.75 25.87 ? 1926 LEU A C   1 
ATOM   566  O O   A LEU A 1 92  ? 0.104   -1.228  9.401   0.25 25.24 ? 1926 LEU A O   1 
ATOM   567  O O   B LEU A 1 92  ? 0.507   -1.541  9.382   0.75 24.91 ? 1926 LEU A O   1 
ATOM   568  C CB  A LEU A 1 92  ? 1.932   -1.150  12.180  0.25 29.49 ? 1926 LEU A CB  1 
ATOM   569  C CB  B LEU A 1 92  ? 2.036   -0.486  11.915  0.75 28.43 ? 1926 LEU A CB  1 
ATOM   570  C CG  A LEU A 1 92  ? 3.011   -0.243  12.755  0.25 25.78 ? 1926 LEU A CG  1 
ATOM   571  C CG  B LEU A 1 92  ? 2.579   -1.863  12.298  0.75 27.11 ? 1926 LEU A CG  1 
ATOM   572  C CD1 A LEU A 1 92  ? 4.120   -1.090  13.359  0.25 29.93 ? 1926 LEU A CD1 1 
ATOM   573  C CD1 B LEU A 1 92  ? 4.076   -1.777  12.586  0.75 27.79 ? 1926 LEU A CD1 1 
ATOM   574  C CD2 A LEU A 1 92  ? 3.559   0.641   11.664  0.25 26.84 ? 1926 LEU A CD2 1 
ATOM   575  C CD2 B LEU A 1 92  ? 1.833   -2.411  13.500  0.75 28.13 ? 1926 LEU A CD2 1 
ATOM   576  N N   . GLU A 1 93  ? -0.477  -2.601  11.089  1.00 25.25 ? 1927 GLU A N   1 
ATOM   577  C CA  . GLU A 1 93  ? -0.855  -3.719  10.231  1.00 27.44 ? 1927 GLU A CA  1 
ATOM   578  C C   . GLU A 1 93  ? -2.002  -3.387  9.279   1.00 29.20 ? 1927 GLU A C   1 
ATOM   579  O O   . GLU A 1 93  ? -2.041  -3.883  8.146   1.00 26.81 ? 1927 GLU A O   1 
ATOM   580  C CB  . GLU A 1 93  ? -1.216  -4.934  11.083  1.00 27.99 ? 1927 GLU A CB  1 
ATOM   581  C CG  . GLU A 1 93  ? -0.043  -5.430  11.956  1.00 33.18 ? 1927 GLU A CG  1 
ATOM   582  C CD  . GLU A 1 93  ? 1.214   -5.808  11.151  1.00 42.31 ? 1927 GLU A CD  1 
ATOM   583  O OE1 . GLU A 1 93  ? 1.094   -6.147  9.947   1.00 41.88 ? 1927 GLU A OE1 1 
ATOM   584  O OE2 . GLU A 1 93  ? 2.327   -5.765  11.728  1.00 41.89 ? 1927 GLU A OE2 1 
ATOM   585  N N   . THR A 1 94  ? -2.942  -2.559  9.727   1.00 22.00 ? 1928 THR A N   1 
ATOM   586  C CA  . THR A 1 94  ? -4.035  -2.162  8.843   1.00 23.14 ? 1928 THR A CA  1 
ATOM   587  C C   . THR A 1 94  ? -3.479  -1.289  7.726   1.00 23.10 ? 1928 THR A C   1 
ATOM   588  O O   . THR A 1 94  ? -4.008  -1.279  6.619   1.00 20.14 ? 1928 THR A O   1 
ATOM   589  C CB  . THR A 1 94  ? -5.150  -1.402  9.597   1.00 23.81 ? 1928 THR A CB  1 
ATOM   590  O OG1 . THR A 1 94  ? -4.587  -0.268  10.268  1.00 23.87 ? 1928 THR A OG1 1 
ATOM   591  C CG2 . THR A 1 94  ? -5.808  -2.313  10.630  1.00 27.45 ? 1928 THR A CG2 1 
ATOM   592  N N   . PHE A 1 95  ? -2.414  -0.547  8.019   1.00 20.44 ? 1929 PHE A N   1 
ATOM   593  C CA  . PHE A 1 95  ? -1.741  0.245   6.983   1.00 19.90 ? 1929 PHE A CA  1 
ATOM   594  C C   . PHE A 1 95  ? -1.092  -0.687  5.941   1.00 23.34 ? 1929 PHE A C   1 
ATOM   595  O O   . PHE A 1 95  ? -1.265  -0.504  4.732   1.00 19.61 ? 1929 PHE A O   1 
ATOM   596  C CB  . PHE A 1 95  ? -0.708  1.191   7.627   1.00 22.96 ? 1929 PHE A CB  1 
ATOM   597  C CG  . PHE A 1 95  ? 0.266   1.811   6.649   1.00 20.21 ? 1929 PHE A CG  1 
ATOM   598  C CD1 . PHE A 1 95  ? -0.043  2.994   5.987   1.00 17.90 ? 1929 PHE A CD1 1 
ATOM   599  C CD2 . PHE A 1 95  ? 1.509   1.225   6.429   1.00 19.71 ? 1929 PHE A CD2 1 
ATOM   600  C CE1 . PHE A 1 95  ? 0.871   3.565   5.091   1.00 21.90 ? 1929 PHE A CE1 1 
ATOM   601  C CE2 . PHE A 1 95  ? 2.427   1.793   5.552   1.00 19.93 ? 1929 PHE A CE2 1 
ATOM   602  C CZ  . PHE A 1 95  ? 2.094   2.974   4.873   1.00 21.35 ? 1929 PHE A CZ  1 
ATOM   603  N N   . ALA A 1 96  ? -0.363  -1.703  6.399   1.00 19.62 ? 1930 ALA A N   1 
ATOM   604  C CA  . ALA A 1 96  ? 0.296   -2.623  5.458   1.00 22.38 ? 1930 ALA A CA  1 
ATOM   605  C C   . ALA A 1 96  ? -0.717  -3.367  4.588   1.00 21.34 ? 1930 ALA A C   1 
ATOM   606  O O   . ALA A 1 96  ? -0.445  -3.680  3.429   1.00 19.93 ? 1930 ALA A O   1 
ATOM   607  C CB  . ALA A 1 96  ? 1.161   -3.620  6.205   1.00 19.90 ? 1930 ALA A CB  1 
ATOM   608  N N   . LEU A 1 97  ? -1.873  -3.687  5.159   1.00 20.82 ? 1931 LEU A N   1 
ATOM   609  C CA  . LEU A 1 97  ? -2.919  -4.364  4.387   1.00 19.74 ? 1931 LEU A CA  1 
ATOM   610  C C   . LEU A 1 97  ? -3.387  -3.514  3.196   1.00 20.72 ? 1931 LEU A C   1 
ATOM   611  O O   . LEU A 1 97  ? -3.607  -4.041  2.097   1.00 20.84 ? 1931 LEU A O   1 
ATOM   612  C CB  . LEU A 1 97  ? -4.107  -4.695  5.283   1.00 26.68 ? 1931 LEU A CB  1 
ATOM   613  C CG  . LEU A 1 97  ? -3.910  -5.862  6.256   1.00 28.16 ? 1931 LEU A CG  1 
ATOM   614  C CD1 . LEU A 1 97  ? -5.115  -5.954  7.185   1.00 29.99 ? 1931 LEU A CD1 1 
ATOM   615  C CD2 . LEU A 1 97  ? -3.724  -7.166  5.482   1.00 33.71 ? 1931 LEU A CD2 1 
ATOM   616  N N   . ASP A 1 98  ? -3.556  -2.210  3.406   1.00 20.32 ? 1932 ASP A N   1 
ATOM   617  C CA  . ASP A 1 98  ? -3.975  -1.328  2.300   1.00 16.52 ? 1932 ASP A CA  1 
ATOM   618  C C   . ASP A 1 98  ? -2.883  -1.175  1.237   1.00 18.72 ? 1932 ASP A C   1 
ATOM   619  O O   . ASP A 1 98  ? -3.186  -1.103  0.046   1.00 16.25 ? 1932 ASP A O   1 
ATOM   620  C CB  . ASP A 1 98  ? -4.369  0.068   2.806   1.00 16.90 ? 1932 ASP A CB  1 
ATOM   621  C CG  . ASP A 1 98  ? -5.876  0.239   2.988   1.00 26.60 ? 1932 ASP A CG  1 
ATOM   622  O OD1 . ASP A 1 98  ? -6.639  -0.698  2.671   1.00 22.55 ? 1932 ASP A OD1 1 
ATOM   623  O OD2 . ASP A 1 98  ? -6.291  1.337   3.429   1.00 24.10 ? 1932 ASP A OD2 1 
ATOM   624  N N   . VAL A 1 99  ? -1.622  -1.083  1.652   1.00 19.22 ? 1933 VAL A N   1 
ATOM   625  C CA  . VAL A 1 99  ? -0.538  -1.012  0.678   1.00 14.72 ? 1933 VAL A CA  1 
ATOM   626  C C   . VAL A 1 99  ? -0.502  -2.298  -0.159  1.00 20.36 ? 1933 VAL A C   1 
ATOM   627  O O   . VAL A 1 99  ? -0.370  -2.261  -1.373  1.00 18.60 ? 1933 VAL A O   1 
ATOM   628  C CB  . VAL A 1 99  ? 0.849   -0.813  1.338   1.00 17.96 ? 1933 VAL A CB  1 
ATOM   629  C CG1 . VAL A 1 99  ? 1.965   -0.839  0.276   1.00 16.36 ? 1933 VAL A CG1 1 
ATOM   630  C CG2 . VAL A 1 99  ? 0.891   0.497   2.118   1.00 18.24 ? 1933 VAL A CG2 1 
ATOM   631  N N   . ARG A 1 100 ? -0.622  -3.447  0.497   1.00 18.39 ? 1934 ARG A N   1 
ATOM   632  C CA  . ARG A 1 100 ? -0.579  -4.709  -0.241  1.00 19.19 ? 1934 ARG A CA  1 
ATOM   633  C C   . ARG A 1 100 ? -1.790  -4.836  -1.181  1.00 19.71 ? 1934 ARG A C   1 
ATOM   634  O O   . ARG A 1 100 ? -1.670  -5.392  -2.279  1.00 20.13 ? 1934 ARG A O   1 
ATOM   635  C CB  . ARG A 1 100 ? -0.493  -5.888  0.736   1.00 19.02 ? 1934 ARG A CB  1 
ATOM   636  C CG  . ARG A 1 100 ? 0.884   -5.950  1.429   1.00 18.48 ? 1934 ARG A CG  1 
ATOM   637  C CD  . ARG A 1 100 ? 0.929   -6.911  2.632   1.00 22.19 ? 1934 ARG A CD  1 
ATOM   638  N NE  . ARG A 1 100 ? 2.268   -6.874  3.220   1.00 26.43 ? 1934 ARG A NE  1 
ATOM   639  C CZ  . ARG A 1 100 ? 2.534   -7.007  4.517   1.00 31.41 ? 1934 ARG A CZ  1 
ATOM   640  N NH1 . ARG A 1 100 ? 1.549   -7.205  5.387   1.00 25.77 ? 1934 ARG A NH1 1 
ATOM   641  N NH2 . ARG A 1 100 ? 3.791   -6.943  4.937   1.00 27.82 ? 1934 ARG A NH2 1 
ATOM   642  N N   . LEU A 1 101 ? -2.937  -4.306  -0.760  1.00 20.04 ? 1935 LEU A N   1 
ATOM   643  C CA  . LEU A 1 101 ? -4.150  -4.311  -1.585  1.00 17.08 ? 1935 LEU A CA  1 
ATOM   644  C C   . LEU A 1 101 ? -3.907  -3.614  -2.925  1.00 19.34 ? 1935 LEU A C   1 
ATOM   645  O O   . LEU A 1 101 ? -4.389  -4.068  -3.964  1.00 18.97 ? 1935 LEU A O   1 
ATOM   646  C CB  . LEU A 1 101 ? -5.312  -3.649  -0.834  1.00 20.57 ? 1935 LEU A CB  1 
ATOM   647  C CG  . LEU A 1 101 ? -6.658  -3.451  -1.540  1.00 19.65 ? 1935 LEU A CG  1 
ATOM   648  C CD1 . LEU A 1 101 ? -7.222  -4.798  -2.057  1.00 21.97 ? 1935 LEU A CD1 1 
ATOM   649  C CD2 . LEU A 1 101 ? -7.655  -2.769  -0.603  1.00 18.75 ? 1935 LEU A CD2 1 
ATOM   650  N N   . VAL A 1 102 ? -3.154  -2.515  -2.903  1.00 16.41 ? 1936 VAL A N   1 
ATOM   651  C CA  . VAL A 1 102 ? -2.831  -1.807  -4.142  1.00 16.73 ? 1936 VAL A CA  1 
ATOM   652  C C   . VAL A 1 102 ? -2.164  -2.782  -5.123  1.00 19.94 ? 1936 VAL A C   1 
ATOM   653  O O   . VAL A 1 102 ? -2.519  -2.836  -6.313  1.00 16.82 ? 1936 VAL A O   1 
ATOM   654  C CB  . VAL A 1 102 ? -1.891  -0.594  -3.890  1.00 17.70 ? 1936 VAL A CB  1 
ATOM   655  C CG1 . VAL A 1 102 ? -1.380  0.006   -5.227  1.00 17.75 ? 1936 VAL A CG1 1 
ATOM   656  C CG2 . VAL A 1 102 ? -2.592  0.503   -3.028  1.00 15.13 ? 1936 VAL A CG2 1 
ATOM   657  N N   . PHE A 1 103 ? -1.202  -3.564  -4.636  1.00 17.45 ? 1937 PHE A N   1 
ATOM   658  C CA  . PHE A 1 103 ? -0.438  -4.432  -5.546  1.00 18.84 ? 1937 PHE A CA  1 
ATOM   659  C C   . PHE A 1 103 ? -1.181  -5.718  -5.902  1.00 22.76 ? 1937 PHE A C   1 
ATOM   660  O O   . PHE A 1 103 ? -1.016  -6.242  -7.014  1.00 21.07 ? 1937 PHE A O   1 
ATOM   661  C CB  . PHE A 1 103 ? 0.947   -4.719  -4.941  1.00 19.11 ? 1937 PHE A CB  1 
ATOM   662  C CG  . PHE A 1 103 ? 1.697   -3.455  -4.603  1.00 18.99 ? 1937 PHE A CG  1 
ATOM   663  C CD1 . PHE A 1 103 ? 1.731   -2.406  -5.516  1.00 19.60 ? 1937 PHE A CD1 1 
ATOM   664  C CD2 . PHE A 1 103 ? 2.286   -3.284  -3.363  1.00 21.42 ? 1937 PHE A CD2 1 
ATOM   665  C CE1 . PHE A 1 103 ? 2.371   -1.213  -5.220  1.00 21.25 ? 1937 PHE A CE1 1 
ATOM   666  C CE2 . PHE A 1 103 ? 2.938   -2.089  -3.052  1.00 20.34 ? 1937 PHE A CE2 1 
ATOM   667  C CZ  . PHE A 1 103 ? 2.974   -1.052  -3.979  1.00 20.57 ? 1937 PHE A CZ  1 
ATOM   668  N N   . ASP A 1 104 ? -2.017  -6.210  -4.988  1.00 20.51 ? 1938 ASP A N   1 
ATOM   669  C CA  . ASP A 1 104 ? -2.887  -7.353  -5.290  1.00 19.44 ? 1938 ASP A CA  1 
ATOM   670  C C   . ASP A 1 104 ? -3.919  -6.989  -6.370  1.00 23.19 ? 1938 ASP A C   1 
ATOM   671  O O   . ASP A 1 104 ? -4.142  -7.763  -7.316  1.00 24.78 ? 1938 ASP A O   1 
ATOM   672  C CB  . ASP A 1 104 ? -3.591  -7.855  -4.018  1.00 21.32 ? 1938 ASP A CB  1 
ATOM   673  C CG  . ASP A 1 104 ? -2.634  -8.537  -3.053  1.00 25.23 ? 1938 ASP A CG  1 
ATOM   674  O OD1 . ASP A 1 104 ? -1.489  -8.814  -3.463  1.00 23.64 ? 1938 ASP A OD1 1 
ATOM   675  O OD2 . ASP A 1 104 ? -3.023  -8.796  -1.878  1.00 24.93 ? 1938 ASP A OD2 1 
ATOM   676  N N   . ASN A 1 105 ? -4.523  -5.804  -6.260  1.00 21.89 ? 1939 ASN A N   1 
ATOM   677  C CA  . ASN A 1 105 ? -5.430  -5.322  -7.314  1.00 18.01 ? 1939 ASN A CA  1 
ATOM   678  C C   . ASN A 1 105 ? -4.712  -5.237  -8.651  1.00 21.70 ? 1939 ASN A C   1 
ATOM   679  O O   . ASN A 1 105 ? -5.267  -5.600  -9.693  1.00 21.47 ? 1939 ASN A O   1 
ATOM   680  C CB  . ASN A 1 105 ? -6.000  -3.940  -6.981  1.00 17.23 ? 1939 ASN A CB  1 
ATOM   681  C CG  . ASN A 1 105 ? -7.011  -3.968  -5.852  1.00 23.88 ? 1939 ASN A CG  1 
ATOM   682  O OD1 . ASN A 1 105 ? -7.537  -5.030  -5.490  1.00 22.30 ? 1939 ASN A OD1 1 
ATOM   683  N ND2 . ASN A 1 105 ? -7.311  -2.784  -5.302  1.00 18.21 ? 1939 ASN A ND2 1 
ATOM   684  N N   . CYS A 1 106 ? -3.479  -4.735  -8.621  1.00 16.62 ? 1940 CYS A N   1 
ATOM   685  C CA  . CYS A 1 106 ? -2.704  -4.549  -9.853  1.00 19.96 ? 1940 CYS A CA  1 
ATOM   686  C C   . CYS A 1 106 ? -2.434  -5.900  -10.539 1.00 23.90 ? 1940 CYS A C   1 
ATOM   687  O O   . CYS A 1 106 ? -2.564  -6.025  -11.765 1.00 23.92 ? 1940 CYS A O   1 
ATOM   688  C CB  . CYS A 1 106 ? -1.387  -3.819  -9.548  1.00 18.24 ? 1940 CYS A CB  1 
ATOM   689  S SG  . CYS A 1 106 ? -0.298  -3.497  -10.999 1.00 20.51 ? 1940 CYS A SG  1 
ATOM   690  N N   . GLU A 1 107 ? -2.091  -6.918  -9.749  1.00 22.62 ? 1941 GLU A N   1 
ATOM   691  C CA  . GLU A 1 107 ? -1.886  -8.260  -10.315 1.00 25.34 ? 1941 GLU A CA  1 
ATOM   692  C C   . GLU A 1 107 ? -3.170  -8.846  -10.904 1.00 28.66 ? 1941 GLU A C   1 
ATOM   693  O O   . GLU A 1 107 ? -3.139  -9.546  -11.926 1.00 32.75 ? 1941 GLU A O   1 
ATOM   694  C CB  . GLU A 1 107 ? -1.337  -9.222  -9.257  1.00 24.50 ? 1941 GLU A CB  1 
ATOM   695  C CG  . GLU A 1 107 ? 0.157   -9.120  -9.085  1.00 33.32 ? 1941 GLU A CG  1 
ATOM   696  C CD  . GLU A 1 107 ? 0.736   -10.303 -8.338  1.00 41.29 ? 1941 GLU A CD  1 
ATOM   697  O OE1 . GLU A 1 107 ? 0.502   -11.454 -8.774  1.00 42.78 ? 1941 GLU A OE1 1 
ATOM   698  O OE2 . GLU A 1 107 ? 1.424   -10.079 -7.317  1.00 37.25 ? 1941 GLU A OE2 1 
ATOM   699  N N   . THR A 1 108 ? -4.294  -8.578  -10.253 1.00 22.26 ? 1942 THR A N   1 
ATOM   700  C CA  . THR A 1 108 ? -5.581  -9.106  -10.710 1.00 24.44 ? 1942 THR A CA  1 
ATOM   701  C C   . THR A 1 108 ? -5.962  -8.566  -12.091 1.00 27.66 ? 1942 THR A C   1 
ATOM   702  O O   . THR A 1 108 ? -6.504  -9.297  -12.926 1.00 25.04 ? 1942 THR A O   1 
ATOM   703  C CB  . THR A 1 108 ? -6.720  -8.781  -9.713  1.00 28.31 ? 1942 THR A CB  1 
ATOM   704  O OG1 . THR A 1 108 ? -6.509  -9.504  -8.494  1.00 26.18 ? 1942 THR A OG1 1 
ATOM   705  C CG2 . THR A 1 108 ? -8.073  -9.174  -10.286 1.00 27.10 ? 1942 THR A CG2 1 
ATOM   706  N N   . PHE A 1 109 ? -5.658  -7.297  -12.346 1.00 20.88 ? 1943 PHE A N   1 
ATOM   707  C CA  . PHE A 1 109 ? -6.174  -6.615  -13.542 1.00 24.46 ? 1943 PHE A CA  1 
ATOM   708  C C   . PHE A 1 109 ? -5.160  -6.500  -14.693 1.00 30.64 ? 1943 PHE A C   1 
ATOM   709  O O   . PHE A 1 109 ? -5.545  -6.267  -15.840 1.00 24.64 ? 1943 PHE A O   1 
ATOM   710  C CB  . PHE A 1 109 ? -6.672  -5.216  -13.158 1.00 20.59 ? 1943 PHE A CB  1 
ATOM   711  C CG  . PHE A 1 109 ? -7.633  -4.612  -14.147 1.00 23.00 ? 1943 PHE A CG  1 
ATOM   712  C CD1 . PHE A 1 109 ? -8.965  -5.002  -14.165 1.00 23.63 ? 1943 PHE A CD1 1 
ATOM   713  C CD2 . PHE A 1 109 ? -7.217  -3.634  -15.035 1.00 24.58 ? 1943 PHE A CD2 1 
ATOM   714  C CE1 . PHE A 1 109 ? -9.872  -4.430  -15.070 1.00 26.50 ? 1943 PHE A CE1 1 
ATOM   715  C CE2 . PHE A 1 109 ? -8.114  -3.057  -15.933 1.00 29.43 ? 1943 PHE A CE2 1 
ATOM   716  C CZ  . PHE A 1 109 ? -9.443  -3.461  -15.947 1.00 24.43 ? 1943 PHE A CZ  1 
ATOM   717  N N   . ASN A 1 110 ? -3.873  -6.663  -14.396 1.00 21.94 ? 1944 ASN A N   1 
ATOM   718  C CA  . ASN A 1 110 ? -2.831  -6.396  -15.388 1.00 23.41 ? 1944 ASN A CA  1 
ATOM   719  C C   . ASN A 1 110 ? -1.938  -7.606  -15.665 1.00 25.60 ? 1944 ASN A C   1 
ATOM   720  O O   . ASN A 1 110 ? -1.560  -8.332  -14.744 1.00 26.32 ? 1944 ASN A O   1 
ATOM   721  C CB  . ASN A 1 110 ? -1.951  -5.227  -14.940 1.00 22.05 ? 1944 ASN A CB  1 
ATOM   722  C CG  . ASN A 1 110 ? -2.732  -3.928  -14.780 1.00 26.34 ? 1944 ASN A CG  1 
ATOM   723  O OD1 . ASN A 1 110 ? -2.983  -3.215  -15.759 1.00 27.50 ? 1944 ASN A OD1 1 
ATOM   724  N ND2 . ASN A 1 110 ? -3.112  -3.609  -13.543 1.00 20.84 ? 1944 ASN A ND2 1 
ATOM   725  N N   . GLU A 1 111 ? -1.597  -7.813  -16.934 1.00 27.96 ? 1945 GLU A N   1 
ATOM   726  C CA  . GLU A 1 111 ? -0.660  -8.877  -17.291 1.00 26.69 ? 1945 GLU A CA  1 
ATOM   727  C C   . GLU A 1 111 ? 0.709   -8.604  -16.679 1.00 28.14 ? 1945 GLU A C   1 
ATOM   728  O O   . GLU A 1 111 ? 1.144   -7.447  -16.623 1.00 25.93 ? 1945 GLU A O   1 
ATOM   729  C CB  A GLU A 1 111 ? -0.556  -8.999  -18.817 0.60 33.01 ? 1945 GLU A CB  1 
ATOM   730  C CB  B GLU A 1 111 ? -0.548  -9.011  -18.809 0.40 33.03 ? 1945 GLU A CB  1 
ATOM   731  C CG  A GLU A 1 111 ? -1.907  -9.138  -19.513 0.60 35.57 ? 1945 GLU A CG  1 
ATOM   732  C CG  B GLU A 1 111 ? -1.870  -9.309  -19.482 0.40 35.57 ? 1945 GLU A CG  1 
ATOM   733  C CD  A GLU A 1 111 ? -1.809  -9.106  -21.033 0.60 45.37 ? 1945 GLU A CD  1 
ATOM   734  C CD  B GLU A 1 111 ? -1.700  -10.003 -20.815 0.40 41.65 ? 1945 GLU A CD  1 
ATOM   735  O OE1 A GLU A 1 111 ? -0.908  -9.778  -21.585 0.60 42.34 ? 1945 GLU A OE1 1 
ATOM   736  O OE1 B GLU A 1 111 ? -1.894  -11.234 -20.861 0.40 39.48 ? 1945 GLU A OE1 1 
ATOM   737  O OE2 A GLU A 1 111 ? -2.630  -8.410  -21.674 0.60 34.89 ? 1945 GLU A OE2 1 
ATOM   738  O OE2 B GLU A 1 111 ? -1.374  -9.321  -21.811 0.40 44.65 ? 1945 GLU A OE2 1 
ATOM   739  N N   . ASP A 1 112 ? 1.395   -9.660  -16.229 1.00 29.09 ? 1946 ASP A N   1 
ATOM   740  C CA  . ASP A 1 112 ? 2.716   -9.508  -15.609 1.00 29.32 ? 1946 ASP A CA  1 
ATOM   741  C C   . ASP A 1 112 ? 3.707   -8.799  -16.525 1.00 32.41 ? 1946 ASP A C   1 
ATOM   742  O O   . ASP A 1 112 ? 4.605   -8.100  -16.061 1.00 35.39 ? 1946 ASP A O   1 
ATOM   743  C CB  . ASP A 1 112 ? 3.306   -10.872 -15.206 1.00 29.02 ? 1946 ASP A CB  1 
ATOM   744  C CG  . ASP A 1 112 ? 2.568   -11.520 -14.051 1.00 41.26 ? 1946 ASP A CG  1 
ATOM   745  O OD1 . ASP A 1 112 ? 1.845   -10.809 -13.316 1.00 35.76 ? 1946 ASP A OD1 1 
ATOM   746  O OD2 . ASP A 1 112 ? 2.718   -12.750 -13.870 1.00 38.53 ? 1946 ASP A OD2 1 
ATOM   747  N N   A ASP A 1 113 ? 3.510   -9.060  -17.821 0.51 35.98 ? 1947 ASP A N   1 
ATOM   748  N N   B ASP A 1 113 ? 3.572   -8.922  -17.832 0.49 35.97 ? 1947 ASP A N   1 
ATOM   749  C CA  A ASP A 1 113 ? 4.278   -8.517  -18.938 0.51 37.80 ? 1947 ASP A CA  1 
ATOM   750  C CA  B ASP A 1 113 ? 4.616   -8.331  -18.662 0.49 37.33 ? 1947 ASP A CA  1 
ATOM   751  C C   A ASP A 1 113 ? 3.570   -7.297  -19.523 0.51 36.66 ? 1947 ASP A C   1 
ATOM   752  C C   B ASP A 1 113 ? 4.302   -6.908  -19.158 0.49 33.74 ? 1947 ASP A C   1 
ATOM   753  O O   A ASP A 1 113 ? 3.195   -7.268  -20.700 0.51 36.18 ? 1947 ASP A O   1 
ATOM   754  O O   B ASP A 1 113 ? 5.127   -6.288  -19.824 0.49 30.77 ? 1947 ASP A O   1 
ATOM   755  C CB  A ASP A 1 113 ? 4.471   -9.590  -20.019 0.51 38.77 ? 1947 ASP A CB  1 
ATOM   756  C CB  B ASP A 1 113 ? 4.924   -9.271  -19.825 0.49 39.76 ? 1947 ASP A CB  1 
ATOM   757  C CG  A ASP A 1 113 ? 5.305   -9.103  -21.199 0.51 44.97 ? 1947 ASP A CG  1 
ATOM   758  C CG  B ASP A 1 113 ? 5.563   -10.573 -19.351 0.49 47.30 ? 1947 ASP A CG  1 
ATOM   759  O OD1 A ASP A 1 113 ? 6.172   -8.224  -21.008 0.51 42.34 ? 1947 ASP A OD1 1 
ATOM   760  O OD1 B ASP A 1 113 ? 6.233   -10.553 -18.291 0.49 34.92 ? 1947 ASP A OD1 1 
ATOM   761  O OD2 A ASP A 1 113 ? 5.087   -9.606  -22.323 0.51 48.16 ? 1947 ASP A OD2 1 
ATOM   762  O OD2 B ASP A 1 113 ? 5.390   -11.612 -20.027 0.49 49.67 ? 1947 ASP A OD2 1 
ATOM   763  N N   A SER A 1 114 ? 3.360   -6.302  -18.674 0.51 32.53 ? 1948 SER A N   1 
ATOM   764  N N   B SER A 1 114 ? 3.136   -6.375  -18.801 0.49 32.54 ? 1948 SER A N   1 
ATOM   765  C CA  A SER A 1 114 ? 2.860   -5.006  -19.097 0.51 29.16 ? 1948 SER A CA  1 
ATOM   766  C CA  B SER A 1 114 ? 2.795   -4.992  -19.151 0.49 29.16 ? 1948 SER A CA  1 
ATOM   767  C C   A SER A 1 114 ? 3.632   -3.980  -18.297 0.51 30.11 ? 1948 SER A C   1 
ATOM   768  C C   B SER A 1 114 ? 3.626   -4.000  -18.335 0.49 30.10 ? 1948 SER A C   1 
ATOM   769  O O   A SER A 1 114 ? 4.247   -4.326  -17.284 0.51 28.47 ? 1948 SER A O   1 
ATOM   770  O O   B SER A 1 114 ? 4.261   -4.385  -17.350 0.49 28.50 ? 1948 SER A O   1 
ATOM   771  C CB  A SER A 1 114 ? 1.355   -4.877  -18.862 0.51 30.07 ? 1948 SER A CB  1 
ATOM   772  C CB  B SER A 1 114 ? 1.304   -4.734  -18.929 0.49 30.05 ? 1948 SER A CB  1 
ATOM   773  O OG  A SER A 1 114 ? 1.048   -4.948  -17.480 0.51 26.78 ? 1948 SER A OG  1 
ATOM   774  O OG  B SER A 1 114 ? 0.955   -4.914  -17.566 0.49 26.79 ? 1948 SER A OG  1 
ATOM   775  N N   . ASP A 1 115 ? 3.626   -2.729  -18.736 1.00 27.53 ? 1949 ASP A N   1 
ATOM   776  C CA  . ASP A 1 115 ? 4.348   -1.697  -17.982 1.00 25.97 ? 1949 ASP A CA  1 
ATOM   777  C C   . ASP A 1 115 ? 3.778   -1.577  -16.564 1.00 24.48 ? 1949 ASP A C   1 
ATOM   778  O O   . ASP A 1 115 ? 4.531   -1.547  -15.591 1.00 24.81 ? 1949 ASP A O   1 
ATOM   779  C CB  . ASP A 1 115 ? 4.294   -0.339  -18.681 1.00 28.79 ? 1949 ASP A CB  1 
ATOM   780  C CG  . ASP A 1 115 ? 5.069   -0.317  -19.984 1.00 40.00 ? 1949 ASP A CG  1 
ATOM   781  O OD1 . ASP A 1 115 ? 6.318   -0.401  -19.948 1.00 34.95 ? 1949 ASP A OD1 1 
ATOM   782  O OD2 . ASP A 1 115 ? 4.423   -0.186  -21.044 1.00 33.69 ? 1949 ASP A OD2 1 
ATOM   783  N N   . ILE A 1 116 ? 2.451   -1.530  -16.448 1.00 22.61 ? 1950 ILE A N   1 
ATOM   784  C CA  . ILE A 1 116 ? 1.809   -1.382  -15.139 1.00 19.29 ? 1950 ILE A CA  1 
ATOM   785  C C   . ILE A 1 116 ? 1.966   -2.652  -14.297 1.00 20.50 ? 1950 ILE A C   1 
ATOM   786  O O   . ILE A 1 116 ? 2.175   -2.577  -13.072 1.00 21.42 ? 1950 ILE A O   1 
ATOM   787  C CB  . ILE A 1 116 ? 0.308   -1.021  -15.290 1.00 22.68 ? 1950 ILE A CB  1 
ATOM   788  C CG1 . ILE A 1 116 ? 0.160   0.372   -15.932 1.00 22.29 ? 1950 ILE A CG1 1 
ATOM   789  C CG2 . ILE A 1 116 ? -0.418  -1.067  -13.940 1.00 20.51 ? 1950 ILE A CG2 1 
ATOM   790  C CD1 . ILE A 1 116 ? -1.296  0.792   -16.145 1.00 24.05 ? 1950 ILE A CD1 1 
ATOM   791  N N   . GLY A 1 117 ? 1.882   -3.815  -14.942 1.00 22.01 ? 1951 GLY A N   1 
ATOM   792  C CA  . GLY A 1 117 ? 2.118   -5.080  -14.258 1.00 23.73 ? 1951 GLY A CA  1 
ATOM   793  C C   . GLY A 1 117 ? 3.512   -5.156  -13.649 1.00 24.67 ? 1951 GLY A C   1 
ATOM   794  O O   . GLY A 1 117 ? 3.683   -5.561  -12.487 1.00 25.10 ? 1951 GLY A O   1 
ATOM   795  N N   . ARG A 1 118 ? 4.517   -4.783  -14.439 1.00 24.85 ? 1952 ARG A N   1 
ATOM   796  C CA  A ARG A 1 118 ? 5.902   -4.763  -13.972 0.66 27.55 ? 1952 ARG A CA  1 
ATOM   797  C CA  B ARG A 1 118 ? 5.897   -4.762  -13.968 0.34 27.53 ? 1952 ARG A CA  1 
ATOM   798  C C   . ARG A 1 118 ? 6.092   -3.735  -12.863 1.00 24.12 ? 1952 ARG A C   1 
ATOM   799  O O   . ARG A 1 118 ? 6.796   -3.989  -11.888 1.00 22.96 ? 1952 ARG A O   1 
ATOM   800  C CB  A ARG A 1 118 ? 6.873   -4.463  -15.127 0.66 28.83 ? 1952 ARG A CB  1 
ATOM   801  C CB  B ARG A 1 118 ? 6.852   -4.467  -15.123 0.34 28.87 ? 1952 ARG A CB  1 
ATOM   802  C CG  A ARG A 1 118 ? 7.332   -5.691  -15.906 0.66 33.83 ? 1952 ARG A CG  1 
ATOM   803  C CG  B ARG A 1 118 ? 7.605   -5.680  -15.625 0.34 32.78 ? 1952 ARG A CG  1 
ATOM   804  C CD  A ARG A 1 118 ? 8.460   -5.367  -16.900 0.66 30.55 ? 1952 ARG A CD  1 
ATOM   805  C CD  B ARG A 1 118 ? 8.774   -6.028  -14.718 0.34 34.42 ? 1952 ARG A CD  1 
ATOM   806  N NE  A ARG A 1 118 ? 8.006   -4.528  -18.008 0.66 30.46 ? 1952 ARG A NE  1 
ATOM   807  N NE  B ARG A 1 118 ? 8.385   -6.788  -13.533 0.34 31.23 ? 1952 ARG A NE  1 
ATOM   808  C CZ  A ARG A 1 118 ? 7.376   -4.993  -19.082 0.66 32.77 ? 1952 ARG A CZ  1 
ATOM   809  C CZ  B ARG A 1 118 ? 7.967   -8.050  -13.563 0.34 39.34 ? 1952 ARG A CZ  1 
ATOM   810  N NH1 A ARG A 1 118 ? 6.992   -4.164  -20.043 0.66 31.39 ? 1952 ARG A NH1 1 
ATOM   811  N NH1 B ARG A 1 118 ? 7.857   -8.687  -14.720 0.34 35.29 ? 1952 ARG A NH1 1 
ATOM   812  N NH2 A ARG A 1 118 ? 7.126   -6.288  -19.187 0.66 33.17 ? 1952 ARG A NH2 1 
ATOM   813  N NH2 B ARG A 1 118 ? 7.648   -8.672  -12.434 0.34 30.43 ? 1952 ARG A NH2 1 
ATOM   814  N N   . ALA A 1 119 ? 5.460   -2.570  -13.020 1.00 20.36 ? 1953 ALA A N   1 
ATOM   815  C CA  . ALA A 1 119 ? 5.550   -1.521  -12.007 1.00 23.45 ? 1953 ALA A CA  1 
ATOM   816  C C   . ALA A 1 119 ? 5.041   -2.027  -10.663 1.00 23.09 ? 1953 ALA A C   1 
ATOM   817  O O   . ALA A 1 119 ? 5.633   -1.743  -9.611  1.00 22.29 ? 1953 ALA A O   1 
ATOM   818  C CB  . ALA A 1 119 ? 4.772   -0.289  -12.436 1.00 21.37 ? 1953 ALA A CB  1 
ATOM   819  N N   . GLY A 1 120 ? 3.942   -2.780  -10.697 1.00 18.94 ? 1954 GLY A N   1 
ATOM   820  C CA  . GLY A 1 120 ? 3.357   -3.297  -9.469  1.00 21.60 ? 1954 GLY A CA  1 
ATOM   821  C C   . GLY A 1 120 ? 4.284   -4.281  -8.773  1.00 24.05 ? 1954 GLY A C   1 
ATOM   822  O O   . GLY A 1 120 ? 4.495   -4.201  -7.556  1.00 22.15 ? 1954 GLY A O   1 
ATOM   823  N N   . HIS A 1 121 ? 4.855   -5.211  -9.535  1.00 22.72 ? 1955 HIS A N   1 
ATOM   824  C CA  . HIS A 1 121 ? 5.796   -6.164  -8.940  1.00 25.00 ? 1955 HIS A CA  1 
ATOM   825  C C   . HIS A 1 121 ? 6.989   -5.434  -8.313  1.00 21.79 ? 1955 HIS A C   1 
ATOM   826  O O   . HIS A 1 121 ? 7.390   -5.749  -7.185  1.00 23.84 ? 1955 HIS A O   1 
ATOM   827  C CB  . HIS A 1 121 ? 6.271   -7.193  -9.976  1.00 26.58 ? 1955 HIS A CB  1 
ATOM   828  C CG  . HIS A 1 121 ? 5.251   -8.242  -10.287 1.00 29.79 ? 1955 HIS A CG  1 
ATOM   829  N ND1 . HIS A 1 121 ? 4.821   -9.161  -9.352  1.00 32.88 ? 1955 HIS A ND1 1 
ATOM   830  C CD2 . HIS A 1 121 ? 4.564   -8.514  -11.422 1.00 25.69 ? 1955 HIS A CD2 1 
ATOM   831  C CE1 . HIS A 1 121 ? 3.916   -9.953  -9.898  1.00 33.73 ? 1955 HIS A CE1 1 
ATOM   832  N NE2 . HIS A 1 121 ? 3.742   -9.583  -11.156 1.00 31.26 ? 1955 HIS A NE2 1 
ATOM   833  N N   . ASN A 1 122 ? 7.542   -4.456  -9.034  1.00 23.48 ? 1956 ASN A N   1 
ATOM   834  C CA  . ASN A 1 122 ? 8.671   -3.665  -8.543  1.00 21.24 ? 1956 ASN A CA  1 
ATOM   835  C C   . ASN A 1 122 ? 8.351   -2.919  -7.237  1.00 27.53 ? 1956 ASN A C   1 
ATOM   836  O O   . ASN A 1 122 ? 9.141   -2.938  -6.282  1.00 24.20 ? 1956 ASN A O   1 
ATOM   837  C CB  . ASN A 1 122 ? 9.121   -2.648  -9.601  1.00 23.50 ? 1956 ASN A CB  1 
ATOM   838  C CG  . ASN A 1 122 ? 9.901   -3.284  -10.755 1.00 28.07 ? 1956 ASN A CG  1 
ATOM   839  O OD1 . ASN A 1 122 ? 10.230  -4.467  -10.727 1.00 27.41 ? 1956 ASN A OD1 1 
ATOM   840  N ND2 . ASN A 1 122 ? 10.217  -2.479  -11.764 1.00 26.16 ? 1956 ASN A ND2 1 
ATOM   841  N N   . MET A 1 123 ? 7.196   -2.253  -7.200  1.00 20.33 ? 1957 MET A N   1 
ATOM   842  C CA  . MET A 1 123 ? 6.797   -1.484  -6.011  1.00 21.64 ? 1957 MET A CA  1 
ATOM   843  C C   . MET A 1 123 ? 6.511   -2.375  -4.801  1.00 18.18 ? 1957 MET A C   1 
ATOM   844  O O   . MET A 1 123 ? 6.776   -1.978  -3.655  1.00 21.56 ? 1957 MET A O   1 
ATOM   845  C CB  . MET A 1 123 ? 5.563   -0.621  -6.312  1.00 20.28 ? 1957 MET A CB  1 
ATOM   846  C CG  . MET A 1 123 ? 5.787   0.479   -7.341  1.00 22.43 ? 1957 MET A CG  1 
ATOM   847  S SD  . MET A 1 123 ? 7.044   1.698   -6.911  1.00 32.30 ? 1957 MET A SD  1 
ATOM   848  C CE  . MET A 1 123 ? 6.380   2.417   -5.413  1.00 30.98 ? 1957 MET A CE  1 
ATOM   849  N N   . ARG A 1 124 ? 5.971   -3.565  -5.036  1.00 19.12 ? 1958 ARG A N   1 
ATOM   850  C CA  . ARG A 1 124 ? 5.710   -4.490  -3.932  1.00 23.40 ? 1958 ARG A CA  1 
ATOM   851  C C   . ARG A 1 124 ? 7.033   -4.916  -3.297  1.00 30.33 ? 1958 ARG A C   1 
ATOM   852  O O   . ARG A 1 124 ? 7.160   -4.955  -2.073  1.00 21.09 ? 1958 ARG A O   1 
ATOM   853  C CB  . ARG A 1 124 ? 4.940   -5.731  -4.397  1.00 21.77 ? 1958 ARG A CB  1 
ATOM   854  C CG  . ARG A 1 124 ? 4.623   -6.707  -3.257  1.00 20.38 ? 1958 ARG A CG  1 
ATOM   855  C CD  . ARG A 1 124 ? 4.192   -8.102  -3.740  1.00 21.01 ? 1958 ARG A CD  1 
ATOM   856  N NE  . ARG A 1 124 ? 2.996   -8.122  -4.593  1.00 22.83 ? 1958 ARG A NE  1 
ATOM   857  C CZ  . ARG A 1 124 ? 1.743   -8.214  -4.142  1.00 24.40 ? 1958 ARG A CZ  1 
ATOM   858  N NH1 . ARG A 1 124 ? 1.491   -8.262  -2.835  1.00 25.43 ? 1958 ARG A NH1 1 
ATOM   859  N NH2 . ARG A 1 124 ? 0.729   -8.253  -5.000  1.00 23.71 ? 1958 ARG A NH2 1 
ATOM   860  N N   . LYS A 1 125 ? 8.020   -5.232  -4.136  1.00 24.64 ? 1959 LYS A N   1 
ATOM   861  C CA  . LYS A 1 125 ? 9.350   -5.599  -3.636  1.00 25.77 ? 1959 LYS A CA  1 
ATOM   862  C C   . LYS A 1 125 ? 9.972   -4.456  -2.836  1.00 26.95 ? 1959 LYS A C   1 
ATOM   863  O O   . LYS A 1 125 ? 10.502  -4.658  -1.738  1.00 27.06 ? 1959 LYS A O   1 
ATOM   864  C CB  . LYS A 1 125 ? 10.273  -5.996  -4.796  1.00 23.46 ? 1959 LYS A CB  1 
ATOM   865  C CG  . LYS A 1 125 ? 11.625  -6.553  -4.341  1.00 35.41 ? 1959 LYS A CG  1 
ATOM   866  C CD  . LYS A 1 125 ? 11.454  -7.972  -3.801  1.00 43.30 ? 1959 LYS A CD  1 
ATOM   867  C CE  . LYS A 1 125 ? 12.785  -8.594  -3.386  1.00 57.37 ? 1959 LYS A CE  1 
ATOM   868  N NZ  . LYS A 1 125 ? 12.611  -9.971  -2.837  1.00 62.43 ? 1959 LYS A NZ  1 
ATOM   869  N N   . TYR A 1 126 ? 9.911   -3.255  -3.397  1.00 22.51 ? 1960 TYR A N   1 
ATOM   870  C CA  . TYR A 1 126 ? 10.393  -2.052  -2.744  1.00 25.02 ? 1960 TYR A CA  1 
ATOM   871  C C   . TYR A 1 126 ? 9.751   -1.862  -1.367  1.00 30.58 ? 1960 TYR A C   1 
ATOM   872  O O   . TYR A 1 126 ? 10.452  -1.602  -0.383  1.00 26.44 ? 1960 TYR A O   1 
ATOM   873  C CB  . TYR A 1 126 ? 10.119  -0.846  -3.645  1.00 23.17 ? 1960 TYR A CB  1 
ATOM   874  C CG  . TYR A 1 126 ? 10.809  0.440   -3.272  1.00 22.27 ? 1960 TYR A CG  1 
ATOM   875  C CD1 . TYR A 1 126 ? 12.200  0.582   -3.379  1.00 25.87 ? 1960 TYR A CD1 1 
ATOM   876  C CD2 . TYR A 1 126 ? 10.075  1.533   -2.844  1.00 22.13 ? 1960 TYR A CD2 1 
ATOM   877  C CE1 . TYR A 1 126 ? 12.820  1.776   -3.056  1.00 23.49 ? 1960 TYR A CE1 1 
ATOM   878  C CE2 . TYR A 1 126 ? 10.686  2.726   -2.525  1.00 30.04 ? 1960 TYR A CE2 1 
ATOM   879  C CZ  . TYR A 1 126 ? 12.058  2.845   -2.629  1.00 32.35 ? 1960 TYR A CZ  1 
ATOM   880  O OH  . TYR A 1 126 ? 12.642  4.052   -2.302  1.00 35.98 ? 1960 TYR A OH  1 
ATOM   881  N N   . PHE A 1 127 ? 8.424   -2.000  -1.292  1.00 20.81 ? 1961 PHE A N   1 
ATOM   882  C CA  . PHE A 1 127 ? 7.709   -1.820  -0.018  1.00 18.80 ? 1961 PHE A CA  1 
ATOM   883  C C   . PHE A 1 127 ? 8.103   -2.851  1.040   1.00 22.85 ? 1961 PHE A C   1 
ATOM   884  O O   . PHE A 1 127 ? 8.330   -2.494  2.198   1.00 25.36 ? 1961 PHE A O   1 
ATOM   885  C CB  . PHE A 1 127 ? 6.177   -1.885  -0.215  1.00 18.72 ? 1961 PHE A CB  1 
ATOM   886  C CG  . PHE A 1 127 ? 5.413   -1.959  1.084   1.00 20.65 ? 1961 PHE A CG  1 
ATOM   887  C CD1 . PHE A 1 127 ? 5.383   -0.867  1.952   1.00 19.96 ? 1961 PHE A CD1 1 
ATOM   888  C CD2 . PHE A 1 127 ? 4.747   -3.126  1.454   1.00 22.71 ? 1961 PHE A CD2 1 
ATOM   889  C CE1 . PHE A 1 127 ? 4.688   -0.940  3.182   1.00 19.40 ? 1961 PHE A CE1 1 
ATOM   890  C CE2 . PHE A 1 127 ? 4.052   -3.207  2.669   1.00 19.68 ? 1961 PHE A CE2 1 
ATOM   891  C CZ  . PHE A 1 127 ? 4.022   -2.113  3.531   1.00 20.95 ? 1961 PHE A CZ  1 
ATOM   892  N N   . GLU A 1 128 ? 8.162   -4.124  0.657   1.00 21.71 ? 1962 GLU A N   1 
ATOM   893  C CA  . GLU A 1 128 ? 8.332   -5.184  1.649   1.00 24.74 ? 1962 GLU A CA  1 
ATOM   894  C C   . GLU A 1 128 ? 9.718   -5.126  2.287   1.00 30.23 ? 1962 GLU A C   1 
ATOM   895  O O   . GLU A 1 128 ? 9.881   -5.478  3.466   1.00 31.42 ? 1962 GLU A O   1 
ATOM   896  C CB  . GLU A 1 128 ? 8.070   -6.559  1.026   1.00 22.92 ? 1962 GLU A CB  1 
ATOM   897  C CG  . GLU A 1 128 ? 6.613   -6.801  0.567   1.00 24.10 ? 1962 GLU A CG  1 
ATOM   898  C CD  . GLU A 1 128 ? 5.563   -6.784  1.694   1.00 28.33 ? 1962 GLU A CD  1 
ATOM   899  O OE1 . GLU A 1 128 ? 5.927   -6.796  2.889   1.00 28.11 ? 1962 GLU A OE1 1 
ATOM   900  O OE2 . GLU A 1 128 ? 4.352   -6.765  1.379   1.00 25.58 ? 1962 GLU A OE2 1 
ATOM   901  N N   . LYS A 1 129 ? 10.709  -4.657  1.536   1.00 27.50 ? 1963 LYS A N   1 
ATOM   902  C CA  . LYS A 1 129 ? 12.035  -4.454  2.117   1.00 30.59 ? 1963 LYS A CA  1 
ATOM   903  C C   . LYS A 1 129 ? 12.024  -3.323  3.145   1.00 29.82 ? 1963 LYS A C   1 
ATOM   904  O O   . LYS A 1 129 ? 12.554  -3.482  4.244   1.00 31.52 ? 1963 LYS A O   1 
ATOM   905  C CB  . LYS A 1 129 ? 13.076  -4.171  1.027   1.00 33.92 ? 1963 LYS A CB  1 
ATOM   906  C CG  . LYS A 1 129 ? 14.372  -3.562  1.569   1.00 38.62 ? 1963 LYS A CG  1 
ATOM   907  C CD  . LYS A 1 129 ? 15.593  -4.285  1.048   1.00 44.14 ? 1963 LYS A CD  1 
ATOM   908  C CE  . LYS A 1 129 ? 16.847  -3.417  1.154   1.00 49.72 ? 1963 LYS A CE  1 
ATOM   909  N NZ  . LYS A 1 129 ? 17.366  -3.268  2.545   1.00 48.42 ? 1963 LYS A NZ  1 
ATOM   910  N N   . LYS A 1 130 ? 11.426  -2.182  2.795   1.00 27.00 ? 1964 LYS A N   1 
ATOM   911  C CA  . LYS A 1 130 ? 11.277  -1.085  3.756   1.00 28.89 ? 1964 LYS A CA  1 
ATOM   912  C C   . LYS A 1 130 ? 10.515  -1.552  4.994   1.00 28.04 ? 1964 LYS A C   1 
ATOM   913  O O   . LYS A 1 130 ? 10.844  -1.159  6.109   1.00 32.56 ? 1964 LYS A O   1 
ATOM   914  C CB  . LYS A 1 130 ? 10.543  0.116   3.149   1.00 28.63 ? 1964 LYS A CB  1 
ATOM   915  C CG  . LYS A 1 130 ? 11.115  0.639   1.856   1.00 33.49 ? 1964 LYS A CG  1 
ATOM   916  C CD  . LYS A 1 130 ? 12.265  1.588   2.082   1.00 48.62 ? 1964 LYS A CD  1 
ATOM   917  C CE  . LYS A 1 130 ? 12.679  2.236   0.766   1.00 35.99 ? 1964 LYS A CE  1 
ATOM   918  N NZ  . LYS A 1 130 ? 13.785  3.197   0.982   1.00 48.89 ? 1964 LYS A NZ  1 
ATOM   919  N N   . TRP A 1 131 ? 9.495   -2.382  4.799   1.00 23.55 ? 1965 TRP A N   1 
ATOM   920  C CA  . TRP A 1 131 ? 8.673   -2.837  5.920   1.00 22.77 ? 1965 TRP A CA  1 
ATOM   921  C C   . TRP A 1 131 ? 9.499   -3.696  6.877   1.00 32.37 ? 1965 TRP A C   1 
ATOM   922  O O   . TRP A 1 131 ? 9.498   -3.478  8.091   1.00 32.37 ? 1965 TRP A O   1 
ATOM   923  C CB  . TRP A 1 131 ? 7.457   -3.618  5.420   1.00 23.54 ? 1965 TRP A CB  1 
ATOM   924  C CG  . TRP A 1 131 ? 6.416   -3.874  6.493   1.00 24.07 ? 1965 TRP A CG  1 
ATOM   925  C CD1 . TRP A 1 131 ? 6.138   -5.067  7.108   1.00 29.17 ? 1965 TRP A CD1 1 
ATOM   926  C CD2 . TRP A 1 131 ? 5.514   -2.911  7.063   1.00 22.80 ? 1965 TRP A CD2 1 
ATOM   927  N NE1 . TRP A 1 131 ? 5.120   -4.901  8.028   1.00 27.38 ? 1965 TRP A NE1 1 
ATOM   928  C CE2 . TRP A 1 131 ? 4.722   -3.588  8.016   1.00 25.90 ? 1965 TRP A CE2 1 
ATOM   929  C CE3 . TRP A 1 131 ? 5.298   -1.543  6.854   1.00 22.32 ? 1965 TRP A CE3 1 
ATOM   930  C CZ2 . TRP A 1 131 ? 3.737   -2.939  8.765   1.00 24.34 ? 1965 TRP A CZ2 1 
ATOM   931  C CZ3 . TRP A 1 131 ? 4.316   -0.899  7.605   1.00 25.20 ? 1965 TRP A CZ3 1 
ATOM   932  C CH2 . TRP A 1 131 ? 3.550   -1.601  8.544   1.00 26.01 ? 1965 TRP A CH2 1 
ATOM   933  N N   . THR A 1 132 ? 10.206  -4.670  6.317   1.00 31.38 ? 1966 THR A N   1 
ATOM   934  C CA  . THR A 1 132 ? 11.066  -5.552  7.098   1.00 34.83 ? 1966 THR A CA  1 
ATOM   935  C C   . THR A 1 132 ? 12.197  -4.795  7.792   1.00 41.74 ? 1966 THR A C   1 
ATOM   936  O O   . THR A 1 132 ? 12.433  -4.993  8.986   1.00 39.75 ? 1966 THR A O   1 
ATOM   937  C CB  . THR A 1 132 ? 11.671  -6.655  6.219   1.00 35.60 ? 1966 THR A CB  1 
ATOM   938  O OG1 . THR A 1 132 ? 10.616  -7.474  5.704   1.00 35.87 ? 1966 THR A OG1 1 
ATOM   939  C CG2 . THR A 1 132 ? 12.623  -7.521  7.034   1.00 37.12 ? 1966 THR A CG2 1 
ATOM   940  N N   . ASP A 1 133 ? 12.891  -3.928  7.056   1.00 35.67 ? 1967 ASP A N   1 
ATOM   941  C CA  . ASP A 1 133 ? 14.011  -3.176  7.629   1.00 33.91 ? 1967 ASP A CA  1 
ATOM   942  C C   . ASP A 1 133 ? 13.565  -2.235  8.738   1.00 44.71 ? 1967 ASP A C   1 
ATOM   943  O O   . ASP A 1 133 ? 14.317  -1.975  9.678   1.00 42.16 ? 1967 ASP A O   1 
ATOM   944  C CB  . ASP A 1 133 ? 14.741  -2.362  6.558   1.00 35.05 ? 1967 ASP A CB  1 
ATOM   945  C CG  . ASP A 1 133 ? 15.492  -3.228  5.561   1.00 37.06 ? 1967 ASP A CG  1 
ATOM   946  O OD1 . ASP A 1 133 ? 15.606  -4.456  5.774   1.00 39.91 ? 1967 ASP A OD1 1 
ATOM   947  O OD2 . ASP A 1 133 ? 15.972  -2.668  4.554   1.00 41.06 ? 1967 ASP A OD2 1 
ATOM   948  N N   . THR A 1 134 ? 12.351  -1.707  8.621   1.00 37.49 ? 1968 THR A N   1 
ATOM   949  C CA  . THR A 1 134 ? 11.871  -0.687  9.547   1.00 33.87 ? 1968 THR A CA  1 
ATOM   950  C C   . THR A 1 134 ? 11.253  -1.277  10.817  1.00 35.00 ? 1968 THR A C   1 
ATOM   951  O O   . THR A 1 134 ? 11.396  -0.705  11.890  1.00 39.41 ? 1968 THR A O   1 
ATOM   952  C CB  . THR A 1 134 ? 10.824  0.236   8.871   1.00 29.80 ? 1968 THR A CB  1 
ATOM   953  O OG1 . THR A 1 134 ? 11.424  0.929   7.768   1.00 32.21 ? 1968 THR A OG1 1 
ATOM   954  C CG2 . THR A 1 134 ? 10.268  1.252   9.862   1.00 30.10 ? 1968 THR A CG2 1 
ATOM   955  N N   . PHE A 1 135 ? 10.578  -2.419  10.700  1.00 32.09 ? 1969 PHE A N   1 
ATOM   956  C CA  . PHE A 1 135 ? 9.766   -2.930  11.801  1.00 34.95 ? 1969 PHE A CA  1 
ATOM   957  C C   . PHE A 1 135 ? 10.116  -4.347  12.254  1.00 42.61 ? 1969 PHE A C   1 
ATOM   958  O O   . PHE A 1 135 ? 9.706   -4.767  13.335  1.00 50.14 ? 1969 PHE A O   1 
ATOM   959  C CB  . PHE A 1 135 ? 8.284   -2.893  11.418  1.00 33.70 ? 1969 PHE A CB  1 
ATOM   960  C CG  . PHE A 1 135 ? 7.732   -1.503  11.252  1.00 36.40 ? 1969 PHE A CG  1 
ATOM   961  C CD1 . PHE A 1 135 ? 7.628   -0.650  12.339  1.00 32.01 ? 1969 PHE A CD1 1 
ATOM   962  C CD2 . PHE A 1 135 ? 7.310   -1.052  10.009  1.00 33.39 ? 1969 PHE A CD2 1 
ATOM   963  C CE1 . PHE A 1 135 ? 7.122   0.627   12.192  1.00 31.39 ? 1969 PHE A CE1 1 
ATOM   964  C CE2 . PHE A 1 135 ? 6.800   0.226   9.852   1.00 28.99 ? 1969 PHE A CE2 1 
ATOM   965  C CZ  . PHE A 1 135 ? 6.706   1.072   10.940  1.00 29.68 ? 1969 PHE A CZ  1 
ATOM   966  N N   . LYS A 1 136 ? 10.854  -5.087  11.433  1.00 46.92 ? 1970 LYS A N   1 
ATOM   967  C CA  . LYS A 1 136 ? 11.214  -6.462  11.780  1.00 53.36 ? 1970 LYS A CA  1 
ATOM   968  C C   . LYS A 1 136 ? 12.709  -6.600  12.071  1.00 57.14 ? 1970 LYS A C   1 
ATOM   969  O O   . LYS A 1 136 ? 13.278  -5.820  12.840  1.00 62.24 ? 1970 LYS A O   1 
ATOM   970  C CB  . LYS A 1 136 ? 10.803  -7.422  10.659  1.00 49.81 ? 1970 LYS A CB  1 
HETATM 971  C C1  D TYL B 2 .   ? -4.794  0.905   -14.865 0.94 22.52 ? 2001 TYL A C1  1 
HETATM 972  C C2  D TYL B 2 .   ? -5.280  2.033   -15.509 0.94 23.71 ? 2001 TYL A C2  1 
HETATM 973  C C3  D TYL B 2 .   ? -5.758  1.955   -16.804 0.94 27.52 ? 2001 TYL A C3  1 
HETATM 974  C C4  D TYL B 2 .   ? -5.740  0.739   -17.474 0.94 28.92 ? 2001 TYL A C4  1 
HETATM 975  C C5  D TYL B 2 .   ? -5.247  -0.391  -16.831 0.94 28.25 ? 2001 TYL A C5  1 
HETATM 976  C C6  D TYL B 2 .   ? -4.778  -0.311  -15.531 0.94 22.90 ? 2001 TYL A C6  1 
HETATM 977  N N   D TYL B 2 .   ? -4.319  1.082   -13.542 0.94 19.35 ? 2001 TYL A N   1 
HETATM 978  C C   D TYL B 2 .   ? -4.052  0.139   -12.608 0.94 20.02 ? 2001 TYL A C   1 
HETATM 979  C CM  D TYL B 2 .   ? -3.419  0.600   -11.324 0.94 19.52 ? 2001 TYL A CM  1 
HETATM 980  O O4  D TYL B 2 .   ? -6.201  0.631   -18.758 0.94 30.22 ? 2001 TYL A O4  1 
HETATM 981  O O   D TYL B 2 .   ? -4.337  -1.043  -12.738 0.94 19.30 ? 2001 TYL A O   1 
HETATM 982  H H2  D TYL B 2 .   ? -5.290  2.858   -15.058 0.94 28.45 ? 2001 TYL A H2  1 
HETATM 983  H H3  D TYL B 2 .   ? -6.087  2.726   -17.232 0.94 33.03 ? 2001 TYL A H3  1 
HETATM 984  H H5  D TYL B 2 .   ? -5.238  -1.217  -17.281 0.94 33.89 ? 2001 TYL A H5  1 
HETATM 985  H H6  D TYL B 2 .   ? -4.443  -1.080  -15.104 0.94 27.48 ? 2001 TYL A H6  1 
HETATM 986  H HN  D TYL B 2 .   ? -4.203  1.905   -13.290 0.94 23.22 ? 2001 TYL A HN  1 
HETATM 987  H HM1 D TYL B 2 .   ? -2.574  0.146   -11.200 0.94 23.43 ? 2001 TYL A HM1 1 
HETATM 988  H HM2 D TYL B 2 .   ? -3.272  1.555   -11.363 0.94 23.43 ? 2001 TYL A HM2 1 
HETATM 989  H HM3 D TYL B 2 .   ? -4.008  0.394   -10.584 0.94 23.43 ? 2001 TYL A HM3 1 
HETATM 990  H HO4 D TYL B 2 .   ? -6.505  1.315   -19.159 0.94 36.27 ? 2001 TYL A HO4 1 
HETATM 991  C C1  . EDO C 3 .   ? 11.850  4.929   5.751   1.00 42.84 ? 2002 EDO A C1  1 
HETATM 992  O O1  . EDO C 3 .   ? 12.077  3.629   5.173   1.00 45.15 ? 2002 EDO A O1  1 
HETATM 993  C C2  . EDO C 3 .   ? 11.492  4.788   7.229   1.00 43.20 ? 2002 EDO A C2  1 
HETATM 994  O O2  . EDO C 3 .   ? 12.108  3.604   7.761   1.00 49.30 ? 2002 EDO A O2  1 
HETATM 995  H H11 . EDO C 3 .   ? 12.749  5.540   5.646   1.00 51.41 ? 2002 EDO A H11 1 
HETATM 996  H H12 . EDO C 3 .   ? 11.036  5.429   5.222   1.00 51.41 ? 2002 EDO A H12 1 
HETATM 997  H HO1 . EDO C 3 .   ? 12.302  3.727   4.239   1.00 54.18 ? 2002 EDO A HO1 1 
HETATM 998  H H21 . EDO C 3 .   ? 10.408  4.724   7.344   1.00 51.84 ? 2002 EDO A H21 1 
HETATM 999  H H22 . EDO C 3 .   ? 11.842  5.665   7.779   1.00 51.84 ? 2002 EDO A H22 1 
HETATM 1000 H HO2 . EDO C 3 .   ? 11.882  3.515   8.697   1.00 59.16 ? 2002 EDO A HO2 1 
HETATM 1001 C C1  . EDO D 3 .   ? 13.320  4.623   -8.208  1.00 33.15 ? 2003 EDO A C1  1 
HETATM 1002 O O1  . EDO D 3 .   ? 12.854  5.976   -8.217  1.00 32.47 ? 2003 EDO A O1  1 
HETATM 1003 C C2  . EDO D 3 .   ? 13.965  4.265   -6.868  1.00 41.74 ? 2003 EDO A C2  1 
HETATM 1004 O O2  . EDO D 3 .   ? 14.221  5.437   -6.083  1.00 48.52 ? 2003 EDO A O2  1 
HETATM 1005 H H11 . EDO D 3 .   ? 12.482  3.950   -8.399  1.00 39.78 ? 2003 EDO A H11 1 
HETATM 1006 H H12 . EDO D 3 .   ? 14.048  4.485   -9.010  1.00 39.78 ? 2003 EDO A H12 1 
HETATM 1007 H HO1 . EDO D 3 .   ? 12.453  6.174   -9.075  1.00 38.97 ? 2003 EDO A HO1 1 
HETATM 1008 H H21 . EDO D 3 .   ? 13.304  3.594   -6.315  1.00 50.09 ? 2003 EDO A H21 1 
HETATM 1009 H H22 . EDO D 3 .   ? 14.903  3.735   -7.048  1.00 50.09 ? 2003 EDO A H22 1 
HETATM 1010 H HO2 . EDO D 3 .   ? 14.628  5.182   -5.244  1.00 58.23 ? 2003 EDO A HO2 1 
HETATM 1011 O O   . HOH E 4 .   ? 14.954  4.496   -0.723  1.00 51.24 ? 2101 HOH A O   1 
HETATM 1012 O O   . HOH E 4 .   ? -2.889  -7.644  -24.001 1.00 54.79 ? 2102 HOH A O   1 
HETATM 1013 O O   . HOH E 4 .   ? 14.722  3.321   -11.339 1.00 36.53 ? 2103 HOH A O   1 
HETATM 1014 O O   . HOH E 4 .   ? -0.234  10.491  -2.044  1.00 28.39 ? 2104 HOH A O   1 
HETATM 1015 O O   . HOH E 4 .   ? -9.969  -3.311  4.079   1.00 48.79 ? 2105 HOH A O   1 
HETATM 1016 O O   . HOH E 4 .   ? 15.203  -0.292  4.006   1.00 38.04 ? 2106 HOH A O   1 
HETATM 1017 O O   . HOH E 4 .   ? -8.724  9.192   -10.750 1.00 39.39 ? 2107 HOH A O   1 
HETATM 1018 O O   . HOH E 4 .   ? -1.622  -9.657  0.120   1.00 27.79 ? 2108 HOH A O   1 
HETATM 1019 O O   . HOH E 4 .   ? 7.582   -8.160  -6.244  1.00 37.47 ? 2109 HOH A O   1 
HETATM 1020 O O   . HOH E 4 .   ? 5.924   -5.180  -22.204 1.00 56.25 ? 2110 HOH A O   1 
HETATM 1021 O O   . HOH E 4 .   ? 19.768  -4.010  3.266   1.00 60.38 ? 2111 HOH A O   1 
HETATM 1022 O O   . HOH E 4 .   ? -4.983  -2.222  -10.295 1.00 18.34 ? 2112 HOH A O   1 
HETATM 1023 O O   . HOH E 4 .   ? 1.173   -11.381 -21.570 1.00 55.14 ? 2113 HOH A O   1 
HETATM 1024 O O   . HOH E 4 .   ? -6.043  -14.469 33.639  1.00 29.90 ? 2114 HOH A O   1 
HETATM 1025 O O   . HOH E 4 .   ? -8.244  3.798   -5.041  1.00 20.14 ? 2115 HOH A O   1 
HETATM 1026 O O   . HOH E 4 .   ? 7.885   -7.532  4.518   1.00 31.30 ? 2116 HOH A O   1 
HETATM 1027 O O   . HOH E 4 .   ? 3.280   -8.318  -0.491  1.00 29.63 ? 2117 HOH A O   1 
HETATM 1028 O O   . HOH E 4 .   ? 8.110   -8.312  -17.769 1.00 49.23 ? 2118 HOH A O   1 
HETATM 1029 O O   . HOH E 4 .   ? 3.225   -4.912  23.392  1.00 60.77 ? 2119 HOH A O   1 
HETATM 1030 O O   . HOH E 4 .   ? 0.346   -10.782 21.055  1.00 53.97 ? 2120 HOH A O   1 
HETATM 1031 O O   . HOH E 4 .   ? -6.966  -0.026  -7.136  1.00 20.28 ? 2121 HOH A O   1 
HETATM 1032 O O   . HOH E 4 .   ? 2.755   -7.369  8.238   1.00 42.70 ? 2122 HOH A O   1 
HETATM 1033 O O   . HOH E 4 .   ? -10.824 3.438   -8.423  1.00 20.76 ? 2123 HOH A O   1 
HETATM 1034 O O   . HOH E 4 .   ? -14.953 0.487   -14.526 1.00 28.53 ? 2124 HOH A O   1 
HETATM 1035 O O   . HOH E 4 .   ? -7.169  -11.890 -12.679 1.00 29.56 ? 2125 HOH A O   1 
HETATM 1036 O O   . HOH E 4 .   ? 12.072  -6.765  -1.137  1.00 40.28 ? 2126 HOH A O   1 
HETATM 1037 O O   . HOH E 4 .   ? 2.537   -2.872  18.083  1.00 49.90 ? 2127 HOH A O   1 
HETATM 1038 O O   . HOH E 4 .   ? -2.737  14.946  10.078  1.00 45.82 ? 2128 HOH A O   1 
HETATM 1039 O O   . HOH E 4 .   ? 6.829   9.097   -8.302  1.00 28.66 ? 2129 HOH A O   1 
HETATM 1040 O O   . HOH E 4 .   ? -4.408  -6.608  1.733   1.00 24.80 ? 2130 HOH A O   1 
HETATM 1041 O O   . HOH E 4 .   ? -10.064 11.997  5.473   1.00 31.50 ? 2131 HOH A O   1 
HETATM 1042 O O   . HOH E 4 .   ? 3.125   -7.760  -7.287  1.00 28.05 ? 2132 HOH A O   1 
HETATM 1043 O O   . HOH E 4 .   ? 0.264   11.317  6.551   1.00 37.73 ? 2133 HOH A O   1 
HETATM 1044 O O   . HOH E 4 .   ? -4.194  3.628   -9.067  1.00 18.93 ? 2134 HOH A O   1 
HETATM 1045 O O   . HOH E 4 .   ? -4.260  1.341   -7.604  1.00 19.98 ? 2135 HOH A O   1 
HETATM 1046 O O   . HOH E 4 .   ? 0.334   -14.978 23.393  1.00 37.76 ? 2136 HOH A O   1 
HETATM 1047 O O   . HOH E 4 .   ? -0.383  2.205   17.441  1.00 30.43 ? 2137 HOH A O   1 
HETATM 1048 O O   . HOH E 4 .   ? -0.283  9.933   -4.513  1.00 29.87 ? 2138 HOH A O   1 
HETATM 1049 O O   . HOH E 4 .   ? -5.266  -7.672  -0.730  1.00 28.42 ? 2139 HOH A O   1 
HETATM 1050 O O   . HOH E 4 .   ? 8.474   -0.571  -21.661 1.00 43.05 ? 2140 HOH A O   1 
HETATM 1051 O O   . HOH E 4 .   ? 0.509   -8.356  -12.917 1.00 24.67 ? 2141 HOH A O   1 
HETATM 1052 O O   . HOH E 4 .   ? 13.173  -1.135  -0.473  1.00 31.76 ? 2142 HOH A O   1 
HETATM 1053 O O   . HOH E 4 .   ? -9.390  -0.562  2.920   1.00 32.65 ? 2143 HOH A O   1 
HETATM 1054 O O   . HOH E 4 .   ? -7.134  -3.294  3.493   1.00 37.61 ? 2144 HOH A O   1 
HETATM 1055 O O   . HOH E 4 .   ? -1.717  -2.882  -18.201 1.00 31.17 ? 2145 HOH A O   1 
HETATM 1056 O O   . HOH E 4 .   ? -11.115 3.063   -2.211  1.00 40.29 ? 2146 HOH A O   1 
HETATM 1057 O O   . HOH E 4 .   ? 5.022   -8.348  30.983  1.00 31.49 ? 2147 HOH A O   1 
HETATM 1058 O O   . HOH E 4 .   ? -4.057  12.336  -0.314  1.00 30.19 ? 2148 HOH A O   1 
HETATM 1059 O O   . HOH E 4 .   ? 7.220   2.823   17.213  1.00 35.81 ? 2149 HOH A O   1 
HETATM 1060 O O   . HOH E 4 .   ? -4.138  13.792  2.038   1.00 35.48 ? 2150 HOH A O   1 
HETATM 1061 O O   . HOH E 4 .   ? 11.748  6.643   -3.576  1.00 31.81 ? 2151 HOH A O   1 
HETATM 1062 O O   . HOH E 4 .   ? 0.722   0.511   15.426  1.00 27.22 ? 2152 HOH A O   1 
HETATM 1063 O O   . HOH E 4 .   ? -3.436  -1.147  -8.324  1.00 21.13 ? 2153 HOH A O   1 
HETATM 1064 O O   . HOH E 4 .   ? 8.357   -7.012  -22.231 1.00 56.42 ? 2154 HOH A O   1 
HETATM 1065 O O   . HOH E 4 .   ? 3.439   -11.305 -5.842  1.00 46.25 ? 2155 HOH A O   1 
HETATM 1066 O O   . HOH E 4 .   ? 8.203   4.046   -14.851 1.00 27.75 ? 2156 HOH A O   1 
HETATM 1067 O O   . HOH E 4 .   ? -6.641  -1.991  6.058   1.00 25.85 ? 2157 HOH A O   1 
HETATM 1068 O O   . HOH E 4 .   ? 7.201   11.652  5.259   1.00 48.47 ? 2158 HOH A O   1 
HETATM 1069 O O   . HOH E 4 .   ? -3.477  3.961   -13.110 1.00 24.27 ? 2159 HOH A O   1 
HETATM 1070 O O   . HOH E 4 .   ? -10.737 3.230   10.661  1.00 54.54 ? 2160 HOH A O   1 
HETATM 1071 O O   . HOH E 4 .   ? 9.516   -7.258  -10.912 1.00 45.13 ? 2161 HOH A O   1 
HETATM 1072 O O   . HOH E 4 .   ? -0.328  -9.616  -24.387 1.00 58.77 ? 2162 HOH A O   1 
HETATM 1073 O O   . HOH E 4 .   ? -0.721  -6.404  7.829   1.00 38.23 ? 2163 HOH A O   1 
HETATM 1074 O O   . HOH E 4 .   ? -23.196 -10.009 -11.991 1.00 37.04 ? 2164 HOH A O   1 
HETATM 1075 O O   . HOH E 4 .   ? -9.146  10.322  -15.212 1.00 45.51 ? 2165 HOH A O   1 
HETATM 1076 O O   . HOH E 4 .   ? 4.629   -6.685  10.407  1.00 45.87 ? 2166 HOH A O   1 
HETATM 1077 O O   . HOH E 4 .   ? 1.368   -5.942  -8.472  1.00 20.97 ? 2167 HOH A O   1 
HETATM 1078 O O   . HOH E 4 .   ? -16.854 -2.962  -18.373 1.00 36.20 ? 2168 HOH A O   1 
HETATM 1079 O O   . HOH E 4 .   ? -15.341 -1.452  -7.435  1.00 31.59 ? 2169 HOH A O   1 
HETATM 1080 O O   . HOH E 4 .   ? 5.389   -10.271 -6.805  1.00 44.80 ? 2170 HOH A O   1 
HETATM 1081 O O   . HOH E 4 .   ? -11.748 -0.008  -1.278  1.00 36.23 ? 2171 HOH A O   1 
HETATM 1082 O O   . HOH E 4 .   ? 0.186   -12.239 -16.216 1.00 37.12 ? 2172 HOH A O   1 
HETATM 1083 O O   . HOH E 4 .   ? -21.574 2.732   -7.432  1.00 63.06 ? 2173 HOH A O   1 
HETATM 1084 O O   . HOH E 4 .   ? -10.099 -5.728  -4.442  1.00 22.28 ? 2174 HOH A O   1 
HETATM 1085 O O   . HOH E 4 .   ? -10.539 7.100   -2.955  1.00 40.80 ? 2175 HOH A O   1 
HETATM 1086 O O   . HOH E 4 .   ? 10.626  9.369   3.801   1.00 48.50 ? 2176 HOH A O   1 
HETATM 1087 O O   . HOH E 4 .   ? -11.169 9.616   3.973   1.00 34.47 ? 2177 HOH A O   1 
HETATM 1088 O O   . HOH E 4 .   ? -2.603  14.450  3.798   1.00 41.39 ? 2178 HOH A O   1 
HETATM 1089 O O   . HOH E 4 .   ? -0.475  -11.477 -3.054  1.00 43.01 ? 2179 HOH A O   1 
HETATM 1090 O O   . HOH E 4 .   ? -11.878 4.054   7.370   1.00 44.97 ? 2180 HOH A O   1 
HETATM 1091 O O   . HOH E 4 .   ? -6.946  -7.773  -4.831  1.00 31.02 ? 2181 HOH A O   1 
HETATM 1092 O O   . HOH E 4 .   ? 7.519   11.136  9.191   1.00 44.95 ? 2182 HOH A O   1 
HETATM 1093 O O   . HOH E 4 .   ? 2.097   -2.091  -21.102 1.00 39.01 ? 2183 HOH A O   1 
HETATM 1094 O O   . HOH E 4 .   ? 1.260   -5.906  -22.360 1.00 56.11 ? 2184 HOH A O   1 
HETATM 1095 O O   . HOH E 4 .   ? -2.184  7.430   -10.797 1.00 22.78 ? 2185 HOH A O   1 
HETATM 1096 O O   . HOH E 4 .   ? 16.868  -6.072  3.185   1.00 57.71 ? 2186 HOH A O   1 
HETATM 1097 O O   . HOH E 4 .   ? 5.146   13.217  1.336   1.00 51.77 ? 2187 HOH A O   1 
HETATM 1098 O O   . HOH E 4 .   ? -8.474  0.885   8.538   1.00 41.68 ? 2188 HOH A O   1 
HETATM 1099 O O   . HOH E 4 .   ? 1.336   -6.547  -11.042 1.00 22.95 ? 2189 HOH A O   1 
HETATM 1100 O O   . HOH E 4 .   ? -9.149  -6.570  1.074   1.00 45.47 ? 2190 HOH A O   1 
HETATM 1101 O O   . HOH E 4 .   ? -5.130  -2.441  17.287  1.00 44.72 ? 2191 HOH A O   1 
HETATM 1102 O O   . HOH E 4 .   ? -17.780 -4.632  -7.723  1.00 44.17 ? 2192 HOH A O   1 
HETATM 1103 O O   . HOH E 4 .   ? -13.360 6.869   -10.323 1.00 35.05 ? 2193 HOH A O   1 
HETATM 1104 O O   . HOH E 4 .   ? 0.575   -1.290  -18.723 1.00 28.57 ? 2194 HOH A O   1 
HETATM 1105 O O   . HOH E 4 .   ? -2.112  -5.670  -18.909 1.00 31.06 ? 2195 HOH A O   1 
HETATM 1106 O O   . HOH E 4 .   ? -11.327 -7.756  -5.952  1.00 35.61 ? 2196 HOH A O   1 
HETATM 1107 O O   . HOH E 4 .   ? 3.138   -12.822 -8.842  1.00 53.28 ? 2197 HOH A O   1 
HETATM 1108 O O   . HOH E 4 .   ? -8.479  0.082   6.482   1.00 35.93 ? 2198 HOH A O   1 
HETATM 1109 O O   . HOH E 4 .   ? 5.666   12.623  -1.351  1.00 43.44 ? 2199 HOH A O   1 
HETATM 1110 O O   . HOH E 4 .   ? 0.668   9.394   -12.777 1.00 44.86 ? 2200 HOH A O   1 
HETATM 1111 O O   . HOH E 4 .   ? -7.516  5.863   -14.619 1.00 30.00 ? 2201 HOH A O   1 
HETATM 1112 O O   . HOH E 4 .   ? -4.690  6.567   -11.630 1.00 28.08 ? 2202 HOH A O   1 
HETATM 1113 O O   . HOH E 4 .   ? -16.827 -2.169  -14.456 1.00 42.60 ? 2203 HOH A O   1 
HETATM 1114 O O   . HOH E 4 .   ? 15.035  0.468   1.163   1.00 42.21 ? 2204 HOH A O   1 
HETATM 1115 O O   . HOH E 4 .   ? -11.104 2.566   2.734   1.00 38.65 ? 2205 HOH A O   1 
HETATM 1116 O O   . HOH E 4 .   ? -8.016  2.708   -7.523  1.00 17.94 ? 2206 HOH A O   1 
HETATM 1117 O O   . HOH E 4 .   ? 11.853  -11.208 -5.488  1.00 52.69 ? 2207 HOH A O   1 
HETATM 1118 O O   . HOH E 4 .   ? 4.472   8.796   15.279  1.00 33.53 ? 2208 HOH A O   1 
HETATM 1119 O O   . HOH E 4 .   ? -12.149 5.195   4.376   1.00 55.93 ? 2209 HOH A O   1 
HETATM 1120 O O   . HOH E 4 .   ? -0.784  -8.983  4.602   1.00 35.14 ? 2210 HOH A O   1 
HETATM 1121 O O   . HOH E 4 .   ? 9.557   -0.695  18.321  1.00 53.32 ? 2211 HOH A O   1 
HETATM 1122 O O   . HOH E 4 .   ? 2.091   -11.545 -18.912 1.00 38.74 ? 2212 HOH A O   1 
HETATM 1123 O O   . HOH E 4 .   ? -7.200  3.266   -20.017 1.00 44.83 ? 2213 HOH A O   1 
HETATM 1124 O O   . HOH E 4 .   ? 4.048   11.822  -5.909  1.00 38.96 ? 2214 HOH A O   1 
HETATM 1125 O O   . HOH E 4 .   ? -3.951  6.691   10.775  1.00 28.06 ? 2215 HOH A O   1 
HETATM 1126 O O   . HOH E 4 .   ? -6.204  1.628   17.888  1.00 44.15 ? 2216 HOH A O   1 
HETATM 1127 O O   . HOH E 4 .   ? -6.133  7.543   -12.925 1.00 53.33 ? 2217 HOH A O   1 
HETATM 1128 O O   . HOH E 4 .   ? -8.166  10.044  -3.131  1.00 51.95 ? 2218 HOH A O   1 
HETATM 1129 O O   . HOH E 4 .   ? 9.653   -0.951  15.676  1.00 57.06 ? 2219 HOH A O   1 
HETATM 1130 O O   . HOH E 4 .   ? -17.376 -3.096  -5.345  1.00 48.72 ? 2220 HOH A O   1 
HETATM 1131 O O   . HOH E 4 .   ? -1.069  11.775  10.648  1.00 38.90 ? 2221 HOH A O   1 
HETATM 1132 O O   . HOH E 4 .   ? 2.301   -2.321  20.549  1.00 48.86 ? 2222 HOH A O   1 
HETATM 1133 O O   . HOH E 4 .   ? -15.892 2.165   -18.785 1.00 51.68 ? 2223 HOH A O   1 
HETATM 1134 O O   . HOH E 4 .   ? 4.615   -8.552  7.684   1.00 47.47 ? 2224 HOH A O   1 
HETATM 1135 O O   . HOH E 4 .   ? -14.502 7.213   6.259   1.00 57.00 ? 2225 HOH A O   1 
HETATM 1136 O O   . HOH E 4 .   ? 14.472  6.395   0.299   1.00 54.12 ? 2226 HOH A O   1 
HETATM 1137 O O   . HOH E 4 .   ? -3.759  -11.010 -6.556  1.00 46.63 ? 2227 HOH A O   1 
HETATM 1138 O O   . HOH E 4 .   ? 2.125   13.473  -0.550  1.00 56.14 ? 2228 HOH A O   1 
HETATM 1139 O O   . HOH E 4 .   ? -3.077  0.239   -20.168 1.00 53.92 ? 2229 HOH A O   1 
HETATM 1140 O O   . HOH E 4 .   ? 5.558   8.988   -10.782 1.00 32.94 ? 2230 HOH A O   1 
HETATM 1141 O O   . HOH E 4 .   ? 8.704   11.081  -8.956  1.00 53.92 ? 2231 HOH A O   1 
HETATM 1142 O O   . HOH E 4 .   ? -4.592  -11.910 -2.508  1.00 53.48 ? 2232 HOH A O   1 
HETATM 1143 O O   . HOH E 4 .   ? 1.179   -9.981  0.351   1.00 39.13 ? 2233 HOH A O   1 
HETATM 1144 O O   . HOH E 4 .   ? -3.912  -1.975  -20.034 1.00 43.67 ? 2234 HOH A O   1 
HETATM 1145 O O   . HOH E 4 .   ? 12.050  -8.143  1.740   1.00 53.85 ? 2235 HOH A O   1 
HETATM 1146 O O   . HOH E 4 .   ? 7.268   -8.872  6.685   1.00 40.12 ? 2236 HOH A O   1 
HETATM 1147 O O   . HOH E 4 .   ? -0.527  12.175  -5.950  1.00 53.47 ? 2237 HOH A O   1 
HETATM 1148 O O   . HOH E 4 .   ? 11.379  -9.980  -15.202 1.00 53.81 ? 2238 HOH A O   1 
HETATM 1149 O O   . HOH E 4 .   ? 4.232   -10.360 3.308   1.00 52.31 ? 2239 HOH A O   1 
HETATM 1150 O O   . HOH E 4 .   ? 13.476  7.799   -1.630  1.00 51.08 ? 2240 HOH A O   1 
HETATM 1151 O O   . HOH E 4 .   ? 1.626   -12.011 -1.562  1.00 46.21 ? 2241 HOH A O   1 
HETATM 1152 O O   . HOH E 4 .   ? 19.503  -5.077  -0.270  1.00 42.67 ? 2242 HOH A O   1 
HETATM 1153 O O   . HOH E 4 .   ? -1.294  10.203  -11.626 1.00 39.16 ? 2243 HOH A O   1 
HETATM 1154 O O   . HOH E 4 .   ? 8.635   -9.861  3.152   1.00 47.79 ? 2244 HOH A O   1 
HETATM 1155 O O   . HOH E 4 .   ? -7.128  -5.970  2.620   1.00 31.75 ? 2245 HOH A O   1 
HETATM 1156 O O   . HOH E 4 .   ? 1.179   11.686  9.282   1.00 53.07 ? 2246 HOH A O   1 
HETATM 1157 O O   . HOH E 4 .   ? -1.591  7.471   -15.176 1.00 42.09 ? 2247 HOH A O   1 
HETATM 1158 O O   . HOH E 4 .   ? -10.821 4.784   -4.217  1.00 25.18 ? 2248 HOH A O   1 
HETATM 1159 O O   . HOH E 4 .   ? 6.798   -7.651  10.606  1.00 59.68 ? 2249 HOH A O   1 
HETATM 1160 O O   . HOH E 4 .   ? -9.881  8.752   1.645   1.00 44.50 ? 2250 HOH A O   1 
HETATM 1161 O O   . HOH E 4 .   ? 1.228   -10.895 3.158   1.00 42.23 ? 2251 HOH A O   1 
HETATM 1162 O O   . HOH E 4 .   ? 20.076  -6.014  4.148   1.00 55.11 ? 2252 HOH A O   1 
HETATM 1163 O O   . HOH E 4 .   ? -11.302 9.028   -10.662 1.00 40.08 ? 2253 HOH A O   1 
HETATM 1164 O O   . HOH E 4 .   ? 0.390   -1.749  16.816  1.00 37.11 ? 2254 HOH A O   1 
HETATM 1165 O O   . HOH E 4 .   ? -13.500 9.005   3.879   1.00 50.79 ? 2255 HOH A O   1 
HETATM 1166 O O   . HOH E 4 .   ? 1.936   13.109  -3.529  1.00 60.45 ? 2256 HOH A O   1 
HETATM 1167 O O   . HOH E 4 .   ? -7.273  10.235  -12.955 1.00 47.34 ? 2257 HOH A O   1 
HETATM 1168 O O   . HOH E 4 .   ? -5.092  -11.480 -4.868  1.00 52.64 ? 2258 HOH A O   1 
HETATM 1169 O O   . HOH E 4 .   ? 5.203   -10.416 -0.924  1.00 42.70 ? 2259 HOH A O   1 
HETATM 1170 O O   . HOH E 4 .   ? 10.354  11.415  4.594   1.00 53.11 ? 2260 HOH A O   1 
HETATM 1171 O O   A HOH E 4 .   ? 8.163   -8.668  -13.505 0.85 44.15 ? 2261 HOH A O   1 
HETATM 1172 O O   . HOH E 4 .   ? 4.108   -15.254 21.473  1.00 48.27 ? 2262 HOH A O   1 
HETATM 1173 O O   . HOH E 4 .   ? 9.845   10.111  -11.164 1.00 55.00 ? 2263 HOH A O   1 
HETATM 1174 O O   . HOH E 4 .   ? -10.027 -6.998  -1.921  1.00 29.52 ? 2264 HOH A O   1 
HETATM 1175 O O   . HOH E 4 .   ? -2.635  -8.667  2.568   1.00 26.76 ? 2265 HOH A O   1 
HETATM 1176 O O   . HOH E 4 .   ? -16.006 0.644   -6.073  1.00 35.23 ? 2266 HOH A O   1 
HETATM 1177 O O   . HOH E 4 .   ? -14.162 1.028   -2.166  1.00 47.75 ? 2267 HOH A O   1 
HETATM 1178 O O   . HOH E 4 .   ? -17.267 0.835   -17.944 1.00 40.92 ? 2268 HOH A O   1 
HETATM 1179 O O   . HOH E 4 .   ? -1.602  12.904  -1.708  1.00 32.91 ? 2269 HOH A O   1 
HETATM 1180 O O   . HOH E 4 .   ? -7.566  -8.414  -2.127  1.00 29.69 ? 2270 HOH A O   1 
HETATM 1181 O O   . HOH E 4 .   ? 7.374   -10.814 1.217   1.00 53.47 ? 2271 HOH A O   1 
HETATM 1182 O O   . HOH E 4 .   ? -1.239  -6.599  -25.674 1.00 59.85 ? 2272 HOH A O   1 
HETATM 1183 O O   . HOH E 4 .   ? -13.432 6.415   -7.385  1.00 41.87 ? 2273 HOH A O   1 
HETATM 1184 O O   . HOH E 4 .   ? 0.526   1.685   -19.398 1.00 34.61 ? 2274 HOH A O   1 
HETATM 1185 O O   . HOH E 4 .   ? -11.256 -0.255  1.189   1.00 45.91 ? 2275 HOH A O   1 
HETATM 1186 O O   . HOH E 4 .   ? -12.381 4.240   -6.443  1.00 23.43 ? 2276 HOH A O   1 
HETATM 1187 O O   . HOH E 4 .   ? -8.501  6.449   -17.031 1.00 53.85 ? 2277 HOH A O   1 
HETATM 1188 O O   . HOH E 4 .   ? 8.791   13.286  -6.584  1.00 57.66 ? 2278 HOH A O   1 
HETATM 1189 O O   . HOH E 4 .   ? -1.985  2.422   -19.878 1.00 48.52 ? 2279 HOH A O   1 
HETATM 1190 O O   . HOH E 4 .   ? -11.484 8.698   -4.583  1.00 52.49 ? 2280 HOH A O   1 
HETATM 1191 O O   . HOH E 4 .   ? -2.537  13.450  -4.345  1.00 45.72 ? 2281 HOH A O   1 
HETATM 1192 O O   . HOH E 4 .   ? -2.270  5.190   -15.380 1.00 41.64 ? 2282 HOH A O   1 
HETATM 1193 O O   . HOH E 4 .   ? -11.212 6.245   2.014   1.00 45.30 ? 2283 HOH A O   1 
HETATM 1194 O O   . HOH E 4 .   ? 10.915  13.203  -0.279  1.00 60.09 ? 2284 HOH A O   1 
HETATM 1195 O O   . HOH E 4 .   ? -11.376 3.819   0.505   1.00 39.37 ? 2285 HOH A O   1 
HETATM 1196 O O   . HOH E 4 .   ? -8.219  -3.616  7.704   1.00 43.09 ? 2286 HOH A O   1 
HETATM 1197 O O   . HOH E 4 .   ? -9.476  -1.187  10.472  1.00 49.73 ? 2287 HOH A O   1 
HETATM 1198 O O   . HOH E 4 .   ? -0.607  13.148  -8.002  1.00 52.21 ? 2288 HOH A O   1 
HETATM 1199 O O   . HOH E 4 .   ? -0.299  14.798  -0.579  1.00 54.27 ? 2289 HOH A O   1 
HETATM 1200 O O   . HOH E 4 .   ? 16.281  -13.307 -1.508  1.00 61.48 ? 2290 HOH A O   1 
HETATM 1201 O O   . HOH E 4 .   ? -14.547 2.752   -5.367  1.00 33.34 ? 2291 HOH A O   1 
HETATM 1202 O O   . HOH E 4 .   ? -2.679  4.482   -17.770 1.00 48.12 ? 2292 HOH A O   1 
HETATM 1203 O O   . HOH E 4 .   ? -8.387  -9.386  1.963   1.00 61.21 ? 2293 HOH A O   1 
HETATM 1204 O O   . HOH E 4 .   ? 8.651   14.451  -0.884  1.00 59.97 ? 2294 HOH A O   1 
HETATM 1205 O O   . HOH E 4 .   ? -4.923  16.298  -1.965  1.00 68.47 ? 2295 HOH A O   1 
HETATM 1206 O O   . HOH E 4 .   ? -0.573  12.283  -10.415 1.00 38.73 ? 2296 HOH A O   1 
HETATM 1207 O O   . HOH E 4 .   ? -12.194 8.991   -6.982  1.00 50.99 ? 2297 HOH A O   1 
HETATM 1208 O O   . HOH E 4 .   ? -3.284  11.134  -13.393 1.00 49.81 ? 2298 HOH A O   1 
HETATM 1209 O O   . HOH E 4 .   ? -2.962  15.302  -7.782  1.00 51.61 ? 2299 HOH A O   1 
HETATM 1210 O O   . HOH E 4 .   ? -2.331  14.684  -11.045 1.00 51.94 ? 2300 HOH A O   1 
HETATM 1211 O O   . HOH E 4 .   ? -4.514  15.536  -9.784  1.00 63.34 ? 2301 HOH A O   1 
# 
